data_3UKQ
#
_entry.id   3UKQ
#
_cell.length_a   129.540
_cell.length_b   135.480
_cell.length_c   176.150
_cell.angle_alpha   90.00
_cell.angle_beta   90.00
_cell.angle_gamma   90.00
#
_symmetry.space_group_name_H-M   'P 21 21 21'
#
loop_
_entity.id
_entity.type
_entity.pdbx_description
1 polymer 'UDP-galactopyranose mutase'
2 non-polymer 'FLAVIN-ADENINE DINUCLEOTIDE'
3 non-polymer "GALACTOSE-URIDINE-5'-DIPHOSPHATE"
4 water water
#
_entity_poly.entity_id   1
_entity_poly.type   'polypeptide(L)'
_entity_poly.pdbx_seq_one_letter_code
;THPDISVDVLVIGAGPTGLGAAKRLNQIDGPSWMIVDSNETPGGLASTDVTPEGFLYDVGGHVIFSHYKYFDDCLDEALP
KEDDWYTHQRISYVRCQGQWVPYPFQNNISMLPKEEQVKCIDGMIDAALEARVANTKPKTFDEWIVRMMGTGIADLFMRP
YNFKVWAVPTTKMQCAWLGERVAAPNLKAVTTNVILGKTAGNWGPNATFRFPARGGTGGIWIAVANTLPKEKTRFGEKGK
VTKVNANNKTVTLQDGTTIGYKKLVSTMAVDFLAEAMNDQELVGLTKQLFYSSTHVIGVGVRGSRPERIGDKCWLYFPED
NCPFYKATIFSNYSPYNQPEASKKLPTMQLADGSRPQSTEAKEGPYWSIMLEVSESSMKPVNQETILADCIQGLVNTEML
KPTDEIVSTYHRRFDHGYPTPTLEREGALTQILPKLQDKDIWSRGRFGSWRYEVGNQDHSFMLGVEAVDNIVNGAVELTL
NYPDFVNGRQNTERRLVDGAQVFAKSKAQL
;
_entity_poly.pdbx_strand_id   A,B,C,D
#
# COMPACT_ATOMS: atom_id res chain seq x y z
N THR A 1 -63.12 71.48 -19.35
CA THR A 1 -62.21 71.99 -20.37
C THR A 1 -61.27 70.88 -20.86
N HIS A 2 -60.70 71.06 -22.04
CA HIS A 2 -59.81 70.05 -22.62
C HIS A 2 -58.34 70.36 -22.37
N PRO A 3 -57.51 69.31 -22.20
CA PRO A 3 -56.06 69.44 -22.03
C PRO A 3 -55.38 69.74 -23.36
N ASP A 4 -54.24 70.44 -23.32
CA ASP A 4 -53.51 70.74 -24.54
C ASP A 4 -53.00 69.46 -25.20
N ILE A 5 -52.64 68.48 -24.40
CA ILE A 5 -52.20 67.19 -24.91
C ILE A 5 -52.94 66.07 -24.19
N SER A 6 -53.18 64.97 -24.88
CA SER A 6 -53.83 63.80 -24.27
C SER A 6 -53.16 62.51 -24.69
N VAL A 7 -52.67 61.77 -23.70
CA VAL A 7 -52.04 60.48 -23.93
C VAL A 7 -52.65 59.44 -23.01
N ASP A 8 -52.48 58.17 -23.38
CA ASP A 8 -52.93 57.06 -22.56
C ASP A 8 -52.00 56.90 -21.36
N VAL A 9 -50.70 56.92 -21.62
CA VAL A 9 -49.70 56.76 -20.57
C VAL A 9 -48.75 57.95 -20.60
N LEU A 10 -48.64 58.64 -19.47
CA LEU A 10 -47.69 59.75 -19.32
C LEU A 10 -46.53 59.34 -18.43
N VAL A 11 -45.30 59.55 -18.91
CA VAL A 11 -44.11 59.24 -18.12
C VAL A 11 -43.38 60.51 -17.68
N ILE A 12 -43.28 60.69 -16.37
CA ILE A 12 -42.60 61.84 -15.78
C ILE A 12 -41.19 61.46 -15.33
N GLY A 13 -40.19 62.16 -15.86
CA GLY A 13 -38.80 61.87 -15.56
C GLY A 13 -38.15 60.99 -16.62
N ALA A 14 -37.04 61.47 -17.17
CA ALA A 14 -36.33 60.73 -18.20
C ALA A 14 -35.05 60.08 -17.66
N GLY A 15 -35.07 59.70 -16.39
CA GLY A 15 -33.98 58.93 -15.81
C GLY A 15 -34.10 57.49 -16.30
N PRO A 16 -33.22 56.59 -15.82
CA PRO A 16 -33.23 55.18 -16.24
C PRO A 16 -34.61 54.52 -16.15
N THR A 17 -35.37 54.85 -15.10
CA THR A 17 -36.70 54.28 -14.90
C THR A 17 -37.67 54.72 -15.99
N GLY A 18 -37.84 56.03 -16.10
CA GLY A 18 -38.71 56.61 -17.12
C GLY A 18 -38.32 56.23 -18.53
N LEU A 19 -37.02 56.04 -18.74
CA LEU A 19 -36.51 55.58 -20.03
C LEU A 19 -36.87 54.12 -20.24
N GLY A 20 -36.95 53.35 -19.16
CA GLY A 20 -37.39 51.98 -19.26
C GLY A 20 -38.85 51.93 -19.67
N ALA A 21 -39.66 52.73 -18.97
CA ALA A 21 -41.08 52.88 -19.28
C ALA A 21 -41.26 53.25 -20.75
N ALA A 22 -40.55 54.27 -21.19
CA ALA A 22 -40.64 54.74 -22.57
C ALA A 22 -40.19 53.69 -23.58
N LYS A 23 -39.18 52.90 -23.21
CA LYS A 23 -38.66 51.85 -24.09
C LYS A 23 -39.67 50.73 -24.29
N ARG A 24 -40.31 50.29 -23.20
CA ARG A 24 -41.32 49.24 -23.33
C ARG A 24 -42.57 49.75 -24.05
N LEU A 25 -42.96 50.99 -23.75
CA LEU A 25 -44.10 51.63 -24.41
C LEU A 25 -43.87 51.67 -25.92
N ASN A 26 -42.65 52.06 -26.29
CA ASN A 26 -42.29 52.21 -27.69
C ASN A 26 -42.11 50.86 -28.36
N GLN A 27 -41.82 49.84 -27.57
CA GLN A 27 -41.68 48.49 -28.11
C GLN A 27 -43.05 47.91 -28.45
N ILE A 28 -43.96 48.03 -27.50
CA ILE A 28 -45.34 47.57 -27.69
C ILE A 28 -46.02 48.34 -28.81
N ASP A 29 -45.86 49.66 -28.78
CA ASP A 29 -46.49 50.57 -29.74
C ASP A 29 -48.01 50.41 -29.71
N GLY A 30 -48.56 50.26 -28.51
CA GLY A 30 -49.99 50.09 -28.36
C GLY A 30 -50.64 51.43 -28.05
N PRO A 31 -50.85 51.70 -26.76
CA PRO A 31 -51.45 52.97 -26.30
C PRO A 31 -50.56 54.15 -26.62
N SER A 32 -51.18 55.32 -26.81
CA SER A 32 -50.44 56.55 -27.04
C SER A 32 -49.67 56.90 -25.78
N TRP A 33 -48.48 57.47 -25.94
CA TRP A 33 -47.64 57.78 -24.79
C TRP A 33 -46.75 59.00 -25.02
N MET A 34 -46.19 59.49 -23.92
CA MET A 34 -45.38 60.70 -23.94
C MET A 34 -44.50 60.75 -22.69
N ILE A 35 -43.28 61.25 -22.84
CA ILE A 35 -42.36 61.35 -21.71
C ILE A 35 -41.74 62.74 -21.58
N VAL A 36 -41.82 63.32 -20.38
CA VAL A 36 -41.32 64.66 -20.13
C VAL A 36 -40.19 64.67 -19.10
N ASP A 37 -39.39 65.74 -19.11
CA ASP A 37 -38.32 65.92 -18.13
C ASP A 37 -37.92 67.40 -18.03
N SER A 38 -37.55 67.82 -16.82
CA SER A 38 -37.16 69.21 -16.58
C SER A 38 -35.76 69.49 -17.10
N ASN A 39 -35.02 68.43 -17.35
CA ASN A 39 -33.65 68.53 -17.81
C ASN A 39 -33.54 68.28 -19.31
N GLU A 40 -32.83 69.16 -20.02
CA GLU A 40 -32.65 69.02 -21.46
C GLU A 40 -31.88 67.77 -21.84
N THR A 41 -31.13 67.23 -20.89
CA THR A 41 -30.36 66.01 -21.12
C THR A 41 -30.87 64.86 -20.27
N PRO A 42 -31.33 63.77 -20.92
CA PRO A 42 -31.84 62.59 -20.22
C PRO A 42 -30.72 61.81 -19.53
N GLY A 43 -31.06 61.15 -18.42
CA GLY A 43 -30.09 60.33 -17.72
C GLY A 43 -30.27 60.34 -16.22
N GLY A 44 -30.85 61.43 -15.72
CA GLY A 44 -31.10 61.60 -14.30
C GLY A 44 -29.83 61.57 -13.46
N LEU A 45 -29.84 60.70 -12.44
CA LEU A 45 -28.69 60.54 -11.55
C LEU A 45 -27.60 59.71 -12.22
N ALA A 46 -27.91 59.15 -13.39
CA ALA A 46 -26.93 58.32 -14.08
C ALA A 46 -26.28 59.10 -15.22
N SER A 47 -26.26 60.41 -15.08
CA SER A 47 -25.70 61.29 -16.09
C SER A 47 -24.26 61.70 -15.74
N THR A 48 -23.59 62.36 -16.68
CA THR A 48 -22.19 62.73 -16.49
C THR A 48 -22.01 64.25 -16.56
N ASP A 49 -21.17 64.79 -15.67
CA ASP A 49 -20.80 66.20 -15.72
C ASP A 49 -19.38 66.36 -16.27
N VAL A 50 -19.03 67.57 -16.68
CA VAL A 50 -17.67 67.85 -17.13
C VAL A 50 -17.11 69.14 -16.51
N THR A 51 -15.87 69.08 -16.08
CA THR A 51 -15.19 70.26 -15.57
C THR A 51 -14.60 71.07 -16.72
N PRO A 52 -14.46 72.39 -16.54
CA PRO A 52 -13.89 73.26 -17.58
C PRO A 52 -12.50 72.82 -18.03
N GLU A 53 -11.88 71.90 -17.29
CA GLU A 53 -10.54 71.42 -17.62
C GLU A 53 -10.57 70.08 -18.36
N GLY A 54 -11.76 69.58 -18.63
CA GLY A 54 -11.92 68.41 -19.51
C GLY A 54 -12.07 67.08 -18.80
N PHE A 55 -12.42 67.13 -17.52
CA PHE A 55 -12.59 65.90 -16.74
C PHE A 55 -14.06 65.50 -16.62
N LEU A 56 -14.34 64.25 -16.99
CA LEU A 56 -15.68 63.71 -16.83
C LEU A 56 -15.90 63.18 -15.42
N TYR A 57 -17.11 63.33 -14.92
CA TYR A 57 -17.45 62.82 -13.60
C TYR A 57 -18.90 62.35 -13.51
N ASP A 58 -19.09 61.06 -13.25
CA ASP A 58 -20.44 60.54 -13.00
C ASP A 58 -20.99 61.07 -11.69
N VAL A 59 -22.14 60.55 -11.27
CA VAL A 59 -22.70 60.87 -9.97
C VAL A 59 -22.34 59.75 -8.99
N GLY A 60 -21.06 59.71 -8.60
CA GLY A 60 -20.59 58.73 -7.64
C GLY A 60 -20.00 57.46 -8.23
N GLY A 61 -19.60 57.51 -9.49
CA GLY A 61 -18.99 56.36 -10.15
C GLY A 61 -19.92 55.17 -10.24
N HIS A 62 -20.65 55.06 -11.35
CA HIS A 62 -21.65 54.01 -11.51
C HIS A 62 -21.08 52.80 -12.24
N VAL A 63 -21.50 51.62 -11.82
CA VAL A 63 -21.04 50.37 -12.41
C VAL A 63 -22.22 49.47 -12.79
N ILE A 64 -22.22 49.01 -14.03
CA ILE A 64 -23.34 48.22 -14.55
C ILE A 64 -23.14 46.71 -14.39
N PHE A 65 -23.99 46.11 -13.56
CA PHE A 65 -24.17 44.67 -13.55
C PHE A 65 -25.66 44.40 -13.69
N SER A 66 -26.04 43.79 -14.81
CA SER A 66 -27.45 43.61 -15.14
C SER A 66 -28.01 42.26 -14.67
N HIS A 67 -29.20 42.31 -14.10
CA HIS A 67 -29.94 41.11 -13.75
C HIS A 67 -30.96 40.83 -14.84
N TYR A 68 -30.98 41.71 -15.85
CA TYR A 68 -32.03 41.66 -16.86
C TYR A 68 -31.51 41.61 -18.30
N LYS A 69 -31.89 40.55 -19.00
CA LYS A 69 -31.56 40.38 -20.41
C LYS A 69 -32.20 41.51 -21.24
N TYR A 70 -33.29 42.08 -20.72
CA TYR A 70 -33.97 43.19 -21.39
C TYR A 70 -33.11 44.44 -21.37
N PHE A 71 -32.65 44.78 -20.17
CA PHE A 71 -31.69 45.86 -19.95
C PHE A 71 -30.48 45.67 -20.85
N ASP A 72 -29.98 44.43 -20.88
CA ASP A 72 -28.85 44.08 -21.75
C ASP A 72 -29.15 44.40 -23.21
N ASP A 73 -30.34 44.01 -23.67
CA ASP A 73 -30.78 44.23 -25.05
C ASP A 73 -30.84 45.71 -25.41
N CYS A 74 -31.40 46.50 -24.50
CA CYS A 74 -31.51 47.95 -24.71
C CYS A 74 -30.15 48.62 -24.77
N LEU A 75 -29.24 48.18 -23.90
CA LEU A 75 -27.88 48.71 -23.92
C LEU A 75 -27.17 48.33 -25.23
N ASP A 76 -27.34 47.08 -25.65
CA ASP A 76 -26.73 46.59 -26.89
C ASP A 76 -27.32 47.30 -28.11
N GLU A 77 -28.53 47.82 -27.98
CA GLU A 77 -29.15 48.60 -29.04
C GLU A 77 -28.58 50.00 -29.09
N ALA A 78 -28.52 50.65 -27.93
CA ALA A 78 -28.00 52.01 -27.85
C ALA A 78 -26.53 52.11 -28.27
N LEU A 79 -25.68 51.24 -27.71
CA LEU A 79 -24.27 51.24 -28.07
C LEU A 79 -23.84 49.87 -28.61
N PRO A 80 -24.09 49.62 -29.90
CA PRO A 80 -23.88 48.31 -30.51
C PRO A 80 -22.42 48.01 -30.89
N LYS A 81 -21.61 49.03 -31.08
CA LYS A 81 -20.23 48.83 -31.52
C LYS A 81 -19.36 48.21 -30.41
N GLU A 82 -18.38 47.41 -30.83
CA GLU A 82 -17.49 46.71 -29.90
C GLU A 82 -16.67 47.69 -29.08
N ASP A 83 -16.28 48.80 -29.70
CA ASP A 83 -15.42 49.79 -29.06
C ASP A 83 -16.20 50.88 -28.35
N ASP A 84 -17.50 50.66 -28.15
CA ASP A 84 -18.32 51.59 -27.38
C ASP A 84 -18.23 51.24 -25.91
N TRP A 85 -17.66 50.07 -25.62
CA TRP A 85 -17.54 49.58 -24.25
C TRP A 85 -16.10 49.21 -23.89
N TYR A 86 -15.76 49.40 -22.62
CA TYR A 86 -14.51 48.92 -22.06
C TYR A 86 -14.84 47.91 -20.97
N THR A 87 -14.26 46.72 -21.06
CA THR A 87 -14.51 45.70 -20.04
C THR A 87 -13.44 45.75 -18.96
N HIS A 88 -13.85 45.54 -17.71
CA HIS A 88 -12.96 45.63 -16.56
C HIS A 88 -13.27 44.58 -15.50
N GLN A 89 -12.23 44.18 -14.78
CA GLN A 89 -12.36 43.25 -13.67
C GLN A 89 -12.51 44.07 -12.40
N ARG A 90 -13.37 43.63 -11.49
CA ARG A 90 -13.59 44.36 -10.25
C ARG A 90 -12.39 44.26 -9.34
N ILE A 91 -11.75 45.38 -9.09
CA ILE A 91 -10.67 45.46 -8.12
C ILE A 91 -11.09 46.43 -7.02
N SER A 92 -11.53 45.88 -5.89
CA SER A 92 -12.03 46.69 -4.79
C SER A 92 -11.26 46.45 -3.49
N TYR A 93 -11.04 47.52 -2.72
CA TYR A 93 -10.31 47.42 -1.46
C TYR A 93 -10.92 48.26 -0.36
N VAL A 94 -10.55 47.95 0.88
CA VAL A 94 -11.03 48.66 2.04
C VAL A 94 -9.82 49.22 2.80
N ARG A 95 -9.91 50.47 3.22
CA ARG A 95 -8.79 51.11 3.90
C ARG A 95 -8.93 50.99 5.42
N CYS A 96 -8.16 50.07 6.00
CA CYS A 96 -8.22 49.85 7.44
C CYS A 96 -6.83 49.76 8.06
N GLN A 97 -6.45 50.80 8.80
CA GLN A 97 -5.17 50.87 9.49
C GLN A 97 -3.97 50.73 8.56
N GLY A 98 -3.87 51.65 7.60
CA GLY A 98 -2.77 51.67 6.65
C GLY A 98 -2.69 50.42 5.79
N GLN A 99 -3.83 49.80 5.52
CA GLN A 99 -3.87 48.56 4.77
C GLN A 99 -4.93 48.60 3.66
N TRP A 100 -4.64 47.93 2.55
CA TRP A 100 -5.63 47.72 1.51
C TRP A 100 -6.16 46.28 1.61
N VAL A 101 -7.33 46.15 2.23
CA VAL A 101 -7.92 44.83 2.46
C VAL A 101 -8.88 44.46 1.34
N PRO A 102 -8.63 43.34 0.67
CA PRO A 102 -9.45 42.87 -0.46
C PRO A 102 -10.93 42.70 -0.11
N TYR A 103 -11.79 43.30 -0.91
CA TYR A 103 -13.24 43.14 -0.80
C TYR A 103 -13.59 41.70 -1.09
N PRO A 104 -14.50 41.11 -0.31
CA PRO A 104 -15.17 41.71 0.85
C PRO A 104 -14.33 41.66 2.12
N PHE A 105 -14.34 42.75 2.88
CA PHE A 105 -13.55 42.87 4.10
C PHE A 105 -13.72 41.68 5.04
N GLN A 106 -14.97 41.36 5.36
CA GLN A 106 -15.29 40.29 6.30
C GLN A 106 -14.83 38.91 5.83
N ASN A 107 -14.37 38.81 4.58
CA ASN A 107 -13.87 37.54 4.07
C ASN A 107 -12.35 37.52 3.89
N ASN A 108 -11.73 38.68 4.14
CA ASN A 108 -10.29 38.82 4.01
C ASN A 108 -9.63 39.31 5.29
N ILE A 109 -9.90 38.61 6.39
CA ILE A 109 -9.36 38.98 7.71
C ILE A 109 -7.84 38.80 7.78
N SER A 110 -7.32 37.86 6.99
CA SER A 110 -5.90 37.54 6.99
C SER A 110 -4.98 38.72 6.67
N MET A 111 -5.50 39.73 6.00
CA MET A 111 -4.69 40.90 5.63
C MET A 111 -4.77 42.00 6.69
N LEU A 112 -5.09 41.60 7.91
CA LEU A 112 -5.19 42.54 9.03
C LEU A 112 -4.06 42.31 10.03
N PRO A 113 -3.81 43.29 10.91
CA PRO A 113 -2.89 43.06 12.03
C PRO A 113 -3.35 41.89 12.89
N LYS A 114 -2.40 41.17 13.50
CA LYS A 114 -2.71 40.01 14.31
C LYS A 114 -3.72 40.32 15.42
N GLU A 115 -3.47 41.42 16.13
CA GLU A 115 -4.30 41.85 17.25
C GLU A 115 -5.77 42.01 16.86
N GLU A 116 -5.99 42.43 15.62
CA GLU A 116 -7.34 42.64 15.13
C GLU A 116 -7.93 41.35 14.55
N GLN A 117 -7.06 40.52 13.96
CA GLN A 117 -7.46 39.20 13.49
C GLN A 117 -8.07 38.42 14.64
N VAL A 118 -7.40 38.49 15.80
CA VAL A 118 -7.87 37.82 17.00
C VAL A 118 -9.29 38.25 17.40
N LYS A 119 -9.50 39.57 17.50
CA LYS A 119 -10.81 40.12 17.83
C LYS A 119 -11.88 39.65 16.86
N CYS A 120 -11.60 39.81 15.57
CA CYS A 120 -12.55 39.45 14.52
C CYS A 120 -12.92 37.97 14.56
N ILE A 121 -11.92 37.10 14.73
CA ILE A 121 -12.17 35.65 14.80
C ILE A 121 -12.94 35.27 16.08
N ASP A 122 -12.67 35.99 17.17
CA ASP A 122 -13.40 35.77 18.41
C ASP A 122 -14.88 36.08 18.18
N GLY A 123 -15.15 37.26 17.65
CA GLY A 123 -16.51 37.68 17.36
C GLY A 123 -17.21 36.70 16.42
N MET A 124 -16.47 36.22 15.43
CA MET A 124 -17.01 35.27 14.46
C MET A 124 -17.39 33.95 15.11
N ILE A 125 -16.53 33.46 15.99
CA ILE A 125 -16.79 32.22 16.71
C ILE A 125 -18.03 32.34 17.57
N ASP A 126 -18.10 33.44 18.34
CA ASP A 126 -19.28 33.70 19.17
C ASP A 126 -20.56 33.72 18.34
N ALA A 127 -20.53 34.54 17.28
CA ALA A 127 -21.67 34.71 16.41
C ALA A 127 -22.11 33.39 15.78
N ALA A 128 -21.13 32.56 15.40
CA ALA A 128 -21.42 31.27 14.78
C ALA A 128 -22.09 30.33 15.79
N LEU A 129 -21.54 30.30 17.00
CA LEU A 129 -22.08 29.49 18.08
C LEU A 129 -23.52 29.87 18.42
N GLU A 130 -23.81 31.16 18.52
CA GLU A 130 -25.19 31.59 18.79
C GLU A 130 -26.12 31.31 17.60
N ALA A 131 -25.58 31.44 16.39
CA ALA A 131 -26.36 31.23 15.16
C ALA A 131 -26.76 29.76 15.02
N ARG A 132 -25.94 28.87 15.57
CA ARG A 132 -26.26 27.44 15.52
C ARG A 132 -27.55 27.13 16.28
N VAL A 133 -27.93 28.05 17.17
CA VAL A 133 -29.03 27.84 18.10
C VAL A 133 -30.22 28.77 17.84
N ALA A 134 -29.96 29.91 17.22
CA ALA A 134 -30.99 30.92 17.00
C ALA A 134 -32.19 30.40 16.20
N ASN A 135 -33.37 30.92 16.52
CA ASN A 135 -34.59 30.54 15.82
C ASN A 135 -35.35 31.75 15.29
N THR A 136 -35.04 32.92 15.85
CA THR A 136 -35.70 34.15 15.46
C THR A 136 -35.02 34.79 14.25
N LYS A 137 -35.38 36.03 13.98
CA LYS A 137 -34.78 36.82 12.89
C LYS A 137 -34.29 38.15 13.43
N PRO A 138 -33.22 38.70 12.84
CA PRO A 138 -32.68 40.00 13.27
C PRO A 138 -33.68 41.13 13.07
N LYS A 139 -33.82 41.98 14.09
CA LYS A 139 -34.75 43.10 14.02
C LYS A 139 -34.17 44.23 13.18
N THR A 140 -32.91 44.56 13.43
CA THR A 140 -32.27 45.68 12.75
C THR A 140 -31.04 45.27 11.95
N PHE A 141 -30.57 46.20 11.13
CA PHE A 141 -29.34 46.03 10.37
C PHE A 141 -28.20 45.68 11.33
N ASP A 142 -28.11 46.42 12.44
CA ASP A 142 -27.08 46.19 13.43
C ASP A 142 -27.10 44.75 13.96
N GLU A 143 -28.29 44.30 14.36
CA GLU A 143 -28.46 42.93 14.82
C GLU A 143 -28.03 41.93 13.76
N TRP A 144 -28.41 42.18 12.51
CA TRP A 144 -28.02 41.30 11.41
C TRP A 144 -26.50 41.20 11.29
N ILE A 145 -25.85 42.35 11.40
CA ILE A 145 -24.39 42.43 11.33
C ILE A 145 -23.72 41.62 12.44
N VAL A 146 -24.19 41.83 13.67
CA VAL A 146 -23.66 41.11 14.82
C VAL A 146 -23.85 39.59 14.70
N ARG A 147 -25.05 39.16 14.29
CA ARG A 147 -25.36 37.75 14.16
C ARG A 147 -24.54 37.09 13.05
N MET A 148 -24.27 37.84 11.99
CA MET A 148 -23.66 37.27 10.80
C MET A 148 -22.14 37.35 10.78
N MET A 149 -21.59 38.28 11.54
CA MET A 149 -20.15 38.54 11.51
C MET A 149 -19.49 38.50 12.88
N GLY A 150 -20.04 39.27 13.82
CA GLY A 150 -19.45 39.38 15.14
C GLY A 150 -19.10 40.81 15.48
N THR A 151 -18.99 41.08 16.77
CA THR A 151 -18.75 42.44 17.27
C THR A 151 -17.39 42.99 16.86
N GLY A 152 -16.46 42.08 16.57
CA GLY A 152 -15.14 42.45 16.10
C GLY A 152 -15.23 43.16 14.76
N ILE A 153 -15.71 42.47 13.74
CA ILE A 153 -15.88 43.06 12.42
C ILE A 153 -16.88 44.21 12.47
N ALA A 154 -17.90 44.07 13.32
CA ALA A 154 -18.93 45.09 13.48
C ALA A 154 -18.34 46.44 13.91
N ASP A 155 -17.55 46.43 14.98
CA ASP A 155 -16.95 47.66 15.51
C ASP A 155 -15.78 48.14 14.66
N LEU A 156 -15.04 47.20 14.09
CA LEU A 156 -13.84 47.54 13.32
C LEU A 156 -14.17 48.12 11.94
N PHE A 157 -15.31 47.72 11.37
CA PHE A 157 -15.63 48.12 10.00
C PHE A 157 -17.10 48.46 9.75
N MET A 158 -17.97 47.47 9.93
CA MET A 158 -19.38 47.58 9.55
C MET A 158 -20.12 48.80 10.11
N ARG A 159 -20.10 48.96 11.43
CA ARG A 159 -20.77 50.11 12.05
C ARG A 159 -20.24 51.48 11.57
N PRO A 160 -18.92 51.74 11.72
CA PRO A 160 -18.42 53.06 11.32
C PRO A 160 -18.57 53.35 9.83
N TYR A 161 -18.29 52.36 8.98
CA TYR A 161 -18.47 52.55 7.55
C TYR A 161 -19.92 52.82 7.21
N ASN A 162 -20.82 51.95 7.67
CA ASN A 162 -22.23 52.09 7.35
C ASN A 162 -22.85 53.38 7.88
N PHE A 163 -22.31 53.93 8.96
CA PHE A 163 -22.74 55.27 9.33
C PHE A 163 -22.14 56.28 8.35
N LYS A 164 -20.91 56.05 7.95
CA LYS A 164 -20.20 56.97 7.06
C LYS A 164 -20.84 57.07 5.68
N VAL A 165 -21.60 56.04 5.29
CA VAL A 165 -22.30 56.06 4.01
C VAL A 165 -23.80 56.31 4.14
N TRP A 166 -24.45 55.62 5.07
CA TRP A 166 -25.91 55.75 5.20
C TRP A 166 -26.33 56.98 6.00
N ALA A 167 -25.35 57.62 6.64
CA ALA A 167 -25.59 58.82 7.45
C ALA A 167 -26.55 58.59 8.62
N VAL A 168 -26.81 57.32 8.92
CA VAL A 168 -27.62 56.93 10.07
C VAL A 168 -26.97 55.73 10.75
N PRO A 169 -27.15 55.60 12.07
CA PRO A 169 -26.64 54.43 12.80
C PRO A 169 -27.27 53.15 12.28
N THR A 170 -26.53 52.05 12.36
CA THR A 170 -26.99 50.77 11.82
C THR A 170 -28.14 50.18 12.64
N THR A 171 -28.46 50.84 13.76
CA THR A 171 -29.55 50.40 14.62
C THR A 171 -30.89 50.97 14.18
N LYS A 172 -30.83 51.97 13.31
CA LYS A 172 -32.04 52.63 12.80
C LYS A 172 -32.44 52.10 11.42
N MET A 173 -31.64 51.20 10.87
CA MET A 173 -31.94 50.60 9.58
C MET A 173 -32.44 49.16 9.71
N GLN A 174 -33.27 48.76 8.76
CA GLN A 174 -33.77 47.39 8.71
C GLN A 174 -32.70 46.46 8.14
N CYS A 175 -33.02 45.19 7.99
CA CYS A 175 -32.05 44.21 7.51
C CYS A 175 -32.58 43.38 6.35
N ALA A 176 -33.77 43.71 5.86
CA ALA A 176 -34.38 42.95 4.77
C ALA A 176 -33.81 43.35 3.40
N TRP A 177 -32.93 44.34 3.39
CA TRP A 177 -32.48 44.96 2.15
C TRP A 177 -31.17 44.43 1.59
N LEU A 178 -30.49 43.57 2.33
CA LEU A 178 -29.09 43.24 2.02
C LEU A 178 -28.86 41.85 1.43
N GLY A 179 -29.82 41.36 0.65
CA GLY A 179 -29.73 40.03 0.06
C GLY A 179 -28.46 39.81 -0.74
N GLU A 180 -28.16 40.71 -1.65
CA GLU A 180 -26.97 40.59 -2.49
C GLU A 180 -26.00 41.73 -2.22
N ARG A 181 -26.24 42.47 -1.15
CA ARG A 181 -25.42 43.61 -0.80
C ARG A 181 -24.27 43.21 0.13
N VAL A 182 -24.62 42.73 1.31
CA VAL A 182 -23.63 42.37 2.31
C VAL A 182 -23.38 40.86 2.31
N ALA A 183 -22.11 40.48 2.37
CA ALA A 183 -21.74 39.07 2.34
C ALA A 183 -21.68 38.47 3.75
N ALA A 184 -22.21 37.26 3.89
CA ALA A 184 -22.18 36.55 5.17
C ALA A 184 -20.94 35.65 5.26
N PRO A 185 -20.03 35.96 6.20
CA PRO A 185 -18.77 35.25 6.37
C PRO A 185 -18.97 33.83 6.90
N ASN A 186 -18.31 32.87 6.26
CA ASN A 186 -18.28 31.49 6.76
C ASN A 186 -17.04 31.27 7.62
N LEU A 187 -17.26 30.88 8.87
CA LEU A 187 -16.18 30.78 9.86
C LEU A 187 -15.01 29.91 9.42
N LYS A 188 -15.32 28.71 8.93
CA LYS A 188 -14.27 27.79 8.49
C LYS A 188 -13.42 28.38 7.39
N ALA A 189 -14.06 28.94 6.37
CA ALA A 189 -13.35 29.54 5.25
C ALA A 189 -12.51 30.73 5.72
N VAL A 190 -13.09 31.58 6.55
CA VAL A 190 -12.39 32.76 7.07
C VAL A 190 -11.13 32.37 7.84
N THR A 191 -11.29 31.46 8.81
CA THR A 191 -10.16 31.03 9.63
C THR A 191 -9.11 30.29 8.80
N THR A 192 -9.55 29.52 7.81
CA THR A 192 -8.62 28.85 6.92
C THR A 192 -7.79 29.88 6.17
N ASN A 193 -8.45 30.95 5.72
CA ASN A 193 -7.76 32.06 5.07
C ASN A 193 -6.80 32.78 6.01
N VAL A 194 -7.15 32.87 7.29
CA VAL A 194 -6.27 33.50 8.28
C VAL A 194 -5.04 32.62 8.52
N ILE A 195 -5.22 31.31 8.40
CA ILE A 195 -4.12 30.37 8.56
C ILE A 195 -3.18 30.43 7.37
N LEU A 196 -3.73 30.37 6.17
CA LEU A 196 -2.92 30.27 4.96
C LEU A 196 -2.52 31.62 4.37
N GLY A 197 -3.02 32.70 4.96
CA GLY A 197 -2.76 34.04 4.47
C GLY A 197 -3.33 34.31 3.09
N LYS A 198 -4.28 33.49 2.67
CA LYS A 198 -4.86 33.61 1.34
C LYS A 198 -6.01 34.61 1.27
N THR A 199 -6.55 34.80 0.07
CA THR A 199 -7.60 35.78 -0.16
C THR A 199 -8.89 35.16 -0.72
N ALA A 200 -9.94 35.97 -0.80
CA ALA A 200 -11.21 35.54 -1.36
C ALA A 200 -11.98 36.75 -1.89
N GLY A 201 -11.55 37.27 -3.04
CA GLY A 201 -12.16 38.45 -3.62
C GLY A 201 -13.02 38.15 -4.82
N ASN A 202 -13.76 37.04 -4.74
CA ASN A 202 -14.64 36.62 -5.83
C ASN A 202 -16.11 36.91 -5.56
N TRP A 203 -16.46 37.16 -4.31
CA TRP A 203 -17.85 37.43 -3.96
C TRP A 203 -18.30 38.82 -4.40
N GLY A 204 -19.55 38.91 -4.85
CA GLY A 204 -20.11 40.17 -5.28
C GLY A 204 -20.71 40.07 -6.68
N PRO A 205 -21.78 40.83 -6.92
CA PRO A 205 -22.42 40.87 -8.24
C PRO A 205 -21.50 41.51 -9.30
N ASN A 206 -20.51 42.27 -8.86
CA ASN A 206 -19.68 43.06 -9.76
C ASN A 206 -18.47 42.33 -10.32
N ALA A 207 -18.54 40.99 -10.38
CA ALA A 207 -17.41 40.14 -10.81
C ALA A 207 -16.60 40.70 -11.99
N THR A 208 -17.27 40.86 -13.12
CA THR A 208 -16.67 41.49 -14.29
C THR A 208 -17.66 42.48 -14.90
N PHE A 209 -17.31 43.76 -14.91
CA PHE A 209 -18.26 44.79 -15.34
C PHE A 209 -17.77 45.54 -16.57
N ARG A 210 -18.69 46.18 -17.28
CA ARG A 210 -18.32 47.02 -18.42
C ARG A 210 -18.68 48.48 -18.20
N PHE A 211 -18.04 49.37 -18.96
CA PHE A 211 -18.22 50.80 -18.81
C PHE A 211 -18.14 51.49 -20.17
N PRO A 212 -19.11 52.39 -20.46
CA PRO A 212 -19.18 53.11 -21.73
C PRO A 212 -17.89 53.85 -22.06
N ALA A 213 -17.41 53.68 -23.29
CA ALA A 213 -16.12 54.25 -23.71
C ALA A 213 -16.10 55.78 -23.67
N ARG A 214 -17.21 56.40 -24.06
CA ARG A 214 -17.27 57.85 -24.19
C ARG A 214 -18.48 58.45 -23.48
N GLY A 215 -18.29 59.65 -22.92
CA GLY A 215 -19.39 60.41 -22.35
C GLY A 215 -19.88 59.92 -21.01
N GLY A 216 -19.09 59.07 -20.35
CA GLY A 216 -19.47 58.52 -19.06
C GLY A 216 -20.72 57.66 -19.17
N THR A 217 -21.36 57.40 -18.04
CA THR A 217 -22.56 56.57 -18.02
C THR A 217 -23.76 57.30 -18.62
N GLY A 218 -23.71 58.64 -18.59
CA GLY A 218 -24.76 59.46 -19.16
C GLY A 218 -24.91 59.25 -20.65
N GLY A 219 -23.81 58.90 -21.30
CA GLY A 219 -23.81 58.62 -22.72
C GLY A 219 -24.67 57.42 -23.05
N ILE A 220 -24.77 56.49 -22.10
CA ILE A 220 -25.61 55.30 -22.26
C ILE A 220 -27.08 55.70 -22.37
N TRP A 221 -27.50 56.65 -21.55
CA TRP A 221 -28.90 57.04 -21.49
C TRP A 221 -29.25 58.08 -22.55
N ILE A 222 -28.25 58.84 -22.99
CA ILE A 222 -28.43 59.68 -24.18
C ILE A 222 -28.63 58.77 -25.39
N ALA A 223 -27.77 57.77 -25.51
CA ALA A 223 -27.84 56.82 -26.63
C ALA A 223 -29.14 56.03 -26.61
N VAL A 224 -29.59 55.65 -25.42
CA VAL A 224 -30.88 54.96 -25.28
C VAL A 224 -32.03 55.87 -25.66
N ALA A 225 -32.01 57.10 -25.15
CA ALA A 225 -33.05 58.08 -25.45
C ALA A 225 -33.13 58.42 -26.94
N ASN A 226 -31.99 58.32 -27.64
CA ASN A 226 -31.96 58.61 -29.07
C ASN A 226 -32.56 57.51 -29.94
N THR A 227 -33.15 56.50 -29.31
CA THR A 227 -33.89 55.47 -30.03
C THR A 227 -35.38 55.74 -29.94
N LEU A 228 -35.73 56.79 -29.21
CA LEU A 228 -37.13 57.18 -29.02
C LEU A 228 -37.52 58.25 -30.01
N PRO A 229 -38.76 58.16 -30.53
CA PRO A 229 -39.31 59.22 -31.40
C PRO A 229 -39.28 60.58 -30.71
N LYS A 230 -38.51 61.51 -31.27
CA LYS A 230 -38.31 62.83 -30.68
C LYS A 230 -39.60 63.57 -30.37
N GLU A 231 -40.62 63.33 -31.18
CA GLU A 231 -41.89 64.02 -31.06
C GLU A 231 -42.64 63.60 -29.79
N LYS A 232 -42.37 62.39 -29.32
CA LYS A 232 -43.04 61.86 -28.14
C LYS A 232 -42.30 62.21 -26.86
N THR A 233 -41.27 63.04 -26.97
CA THR A 233 -40.47 63.43 -25.82
C THR A 233 -40.54 64.94 -25.59
N ARG A 234 -40.29 65.36 -24.36
CA ARG A 234 -40.34 66.77 -24.01
C ARG A 234 -39.34 67.07 -22.89
N PHE A 235 -38.10 67.35 -23.28
CA PHE A 235 -37.03 67.54 -22.32
C PHE A 235 -36.62 68.99 -22.21
N GLY A 236 -36.60 69.51 -20.99
CA GLY A 236 -36.17 70.87 -20.74
C GLY A 236 -37.13 71.63 -19.84
N GLU A 237 -37.04 72.96 -19.87
CA GLU A 237 -37.91 73.80 -19.05
C GLU A 237 -39.36 73.62 -19.49
N LYS A 238 -39.55 73.27 -20.76
CA LYS A 238 -40.88 73.03 -21.30
C LYS A 238 -41.47 71.73 -20.76
N GLY A 239 -40.61 70.87 -20.24
CA GLY A 239 -41.04 69.56 -19.78
C GLY A 239 -41.00 69.38 -18.28
N LYS A 240 -40.96 70.49 -17.56
CA LYS A 240 -40.94 70.44 -16.09
C LYS A 240 -42.35 70.39 -15.51
N VAL A 241 -42.71 69.25 -14.94
CA VAL A 241 -44.00 69.09 -14.27
C VAL A 241 -44.04 69.89 -12.98
N THR A 242 -45.00 70.80 -12.88
CA THR A 242 -45.14 71.64 -11.69
C THR A 242 -46.46 71.40 -10.97
N LYS A 243 -47.38 70.69 -11.61
CA LYS A 243 -48.67 70.38 -10.98
C LYS A 243 -49.21 69.03 -11.41
N VAL A 244 -49.78 68.30 -10.45
CA VAL A 244 -50.47 67.05 -10.74
C VAL A 244 -51.86 67.03 -10.09
N ASN A 245 -52.89 67.05 -10.93
CA ASN A 245 -54.26 66.93 -10.46
C ASN A 245 -54.76 65.52 -10.72
N ALA A 246 -54.70 64.68 -9.69
CA ALA A 246 -55.05 63.27 -9.82
C ALA A 246 -56.54 63.05 -9.97
N ASN A 247 -57.34 64.00 -9.51
CA ASN A 247 -58.79 63.87 -9.59
C ASN A 247 -59.31 63.86 -11.02
N ASN A 248 -58.84 64.82 -11.81
CA ASN A 248 -59.22 64.89 -13.22
C ASN A 248 -58.10 64.40 -14.13
N LYS A 249 -57.08 63.80 -13.53
CA LYS A 249 -55.96 63.18 -14.25
C LYS A 249 -55.28 64.11 -15.23
N THR A 250 -54.85 65.29 -14.76
CA THR A 250 -54.16 66.24 -15.62
C THR A 250 -52.84 66.69 -15.01
N VAL A 251 -51.85 66.94 -15.88
CA VAL A 251 -50.53 67.38 -15.43
C VAL A 251 -50.18 68.74 -16.01
N THR A 252 -49.88 69.71 -15.16
CA THR A 252 -49.50 71.04 -15.60
C THR A 252 -48.00 71.24 -15.59
N LEU A 253 -47.45 71.56 -16.76
CA LEU A 253 -46.02 71.79 -16.93
C LEU A 253 -45.64 73.22 -16.55
N GLN A 254 -44.38 73.56 -16.78
CA GLN A 254 -43.84 74.85 -16.39
C GLN A 254 -44.44 75.97 -17.24
N ASP A 255 -44.43 75.78 -18.55
CA ASP A 255 -44.96 76.78 -19.48
C ASP A 255 -46.48 76.93 -19.36
N GLY A 256 -47.13 75.92 -18.78
CA GLY A 256 -48.57 75.95 -18.58
C GLY A 256 -49.30 74.88 -19.36
N THR A 257 -48.58 74.21 -20.25
CA THR A 257 -49.15 73.15 -21.08
C THR A 257 -49.70 72.02 -20.21
N THR A 258 -50.95 71.64 -20.48
CA THR A 258 -51.61 70.61 -19.71
C THR A 258 -51.66 69.29 -20.48
N ILE A 259 -51.31 68.20 -19.82
CA ILE A 259 -51.33 66.88 -20.43
C ILE A 259 -52.26 65.95 -19.67
N GLY A 260 -53.29 65.46 -20.35
CA GLY A 260 -54.22 64.51 -19.76
C GLY A 260 -53.72 63.09 -19.95
N TYR A 261 -53.88 62.26 -18.92
CA TYR A 261 -53.45 60.86 -18.96
C TYR A 261 -54.54 59.92 -18.46
N LYS A 262 -54.45 58.67 -18.89
CA LYS A 262 -55.29 57.63 -18.32
C LYS A 262 -54.53 56.90 -17.23
N LYS A 263 -53.21 56.78 -17.43
CA LYS A 263 -52.32 56.13 -16.47
C LYS A 263 -51.06 56.96 -16.33
N LEU A 264 -50.57 57.14 -15.11
CA LEU A 264 -49.39 57.96 -14.88
C LEU A 264 -48.23 57.16 -14.32
N VAL A 265 -47.07 57.27 -14.95
CA VAL A 265 -45.85 56.63 -14.45
C VAL A 265 -44.86 57.71 -14.03
N SER A 266 -44.79 57.97 -12.72
CA SER A 266 -43.95 59.03 -12.20
C SER A 266 -42.65 58.48 -11.60
N THR A 267 -41.53 59.09 -11.97
CA THR A 267 -40.23 58.64 -11.46
C THR A 267 -39.55 59.69 -10.59
N MET A 268 -40.17 60.85 -10.47
CA MET A 268 -39.65 61.90 -9.61
C MET A 268 -39.74 61.47 -8.14
N ALA A 269 -39.04 62.18 -7.27
CA ALA A 269 -39.08 61.87 -5.85
C ALA A 269 -40.51 61.91 -5.33
N VAL A 270 -40.93 60.83 -4.67
CA VAL A 270 -42.32 60.65 -4.25
C VAL A 270 -42.84 61.77 -3.33
N ASP A 271 -41.95 62.34 -2.52
CA ASP A 271 -42.32 63.46 -1.67
C ASP A 271 -42.62 64.68 -2.53
N PHE A 272 -41.79 64.89 -3.55
CA PHE A 272 -42.02 65.96 -4.51
C PHE A 272 -43.34 65.74 -5.23
N LEU A 273 -43.64 64.47 -5.48
CA LEU A 273 -44.88 64.07 -6.15
C LEU A 273 -46.09 64.45 -5.31
N ALA A 274 -46.04 64.12 -4.02
CA ALA A 274 -47.11 64.49 -3.10
C ALA A 274 -47.25 66.01 -3.05
N GLU A 275 -46.11 66.70 -3.02
CA GLU A 275 -46.11 68.16 -2.95
C GLU A 275 -46.75 68.76 -4.19
N ALA A 276 -46.59 68.05 -5.31
CA ALA A 276 -47.15 68.47 -6.59
C ALA A 276 -48.64 68.17 -6.66
N MET A 277 -49.07 67.13 -5.96
CA MET A 277 -50.49 66.77 -5.93
C MET A 277 -51.25 67.66 -4.96
N ASN A 278 -50.53 68.25 -4.02
CA ASN A 278 -51.13 69.00 -2.91
C ASN A 278 -52.06 68.11 -2.09
N ASP A 279 -51.69 66.83 -1.97
CA ASP A 279 -52.43 65.86 -1.17
C ASP A 279 -51.76 65.77 0.19
N GLN A 280 -52.34 66.43 1.19
CA GLN A 280 -51.73 66.50 2.52
C GLN A 280 -51.53 65.14 3.18
N GLU A 281 -52.45 64.21 2.93
CA GLU A 281 -52.33 62.86 3.42
C GLU A 281 -51.04 62.21 2.91
N LEU A 282 -50.80 62.35 1.61
CA LEU A 282 -49.63 61.76 0.97
C LEU A 282 -48.34 62.51 1.29
N VAL A 283 -48.45 63.82 1.51
CA VAL A 283 -47.29 64.61 1.93
C VAL A 283 -46.84 64.15 3.30
N GLY A 284 -47.79 64.07 4.22
CA GLY A 284 -47.52 63.58 5.57
C GLY A 284 -46.97 62.17 5.58
N LEU A 285 -47.54 61.31 4.73
CA LEU A 285 -47.09 59.93 4.64
C LEU A 285 -45.66 59.83 4.11
N THR A 286 -45.34 60.63 3.11
CA THR A 286 -44.01 60.59 2.48
C THR A 286 -42.94 61.23 3.34
N LYS A 287 -43.33 62.20 4.17
CA LYS A 287 -42.35 62.88 5.02
C LYS A 287 -41.81 61.97 6.12
N GLN A 288 -42.41 60.80 6.27
CA GLN A 288 -41.93 59.81 7.23
C GLN A 288 -40.74 59.05 6.64
N LEU A 289 -40.64 59.04 5.33
CA LEU A 289 -39.51 58.43 4.63
C LEU A 289 -38.24 59.23 4.86
N PHE A 290 -37.10 58.55 4.84
CA PHE A 290 -35.82 59.20 5.11
C PHE A 290 -34.83 59.01 3.97
N TYR A 291 -34.14 60.09 3.60
CA TYR A 291 -33.11 60.03 2.57
C TYR A 291 -31.83 60.71 3.01
N SER A 292 -30.75 60.50 2.27
CA SER A 292 -29.48 61.17 2.56
C SER A 292 -28.95 61.88 1.31
N SER A 293 -28.48 63.11 1.48
CA SER A 293 -27.90 63.87 0.37
C SER A 293 -26.50 63.36 0.07
N THR A 294 -26.13 63.41 -1.20
CA THR A 294 -24.81 62.92 -1.62
C THR A 294 -23.95 64.04 -2.21
N HIS A 295 -22.73 64.18 -1.68
CA HIS A 295 -21.78 65.15 -2.22
C HIS A 295 -20.78 64.44 -3.11
N VAL A 296 -20.74 64.83 -4.38
CA VAL A 296 -19.79 64.27 -5.33
C VAL A 296 -18.62 65.22 -5.56
N ILE A 297 -17.42 64.73 -5.27
CA ILE A 297 -16.19 65.50 -5.43
C ILE A 297 -15.31 64.89 -6.51
N GLY A 298 -14.71 65.74 -7.33
CA GLY A 298 -13.81 65.27 -8.38
C GLY A 298 -12.45 65.91 -8.28
N VAL A 299 -11.42 65.12 -8.54
CA VAL A 299 -10.05 65.62 -8.54
C VAL A 299 -9.27 65.12 -9.76
N GLY A 300 -8.90 66.08 -10.61
CA GLY A 300 -8.04 65.82 -11.74
C GLY A 300 -6.62 66.16 -11.34
N VAL A 301 -5.72 65.19 -11.46
CA VAL A 301 -4.35 65.35 -10.97
C VAL A 301 -3.33 64.95 -12.03
N ARG A 302 -2.28 65.76 -12.18
CA ARG A 302 -1.25 65.55 -13.20
C ARG A 302 -0.33 64.37 -12.90
N GLY A 303 0.03 63.62 -13.94
CA GLY A 303 0.99 62.53 -13.82
C GLY A 303 0.44 61.20 -14.28
N SER A 304 1.33 60.27 -14.61
CA SER A 304 0.90 58.93 -14.96
C SER A 304 0.29 58.25 -13.74
N ARG A 305 -0.57 57.28 -13.98
CA ARG A 305 -1.18 56.51 -12.89
C ARG A 305 -0.08 55.81 -12.10
N PRO A 306 0.06 56.17 -10.81
CA PRO A 306 1.12 55.66 -9.94
C PRO A 306 1.04 54.14 -9.77
N GLU A 307 2.13 53.56 -9.27
CA GLU A 307 2.17 52.13 -8.97
C GLU A 307 1.34 51.88 -7.72
N ARG A 308 1.18 52.91 -6.91
CA ARG A 308 0.48 52.80 -5.64
C ARG A 308 -1.02 52.60 -5.84
N ILE A 309 -1.53 53.10 -6.96
CA ILE A 309 -2.94 52.94 -7.31
C ILE A 309 -3.18 51.63 -8.05
N GLY A 310 -2.34 51.33 -9.03
CA GLY A 310 -2.49 50.12 -9.82
C GLY A 310 -3.80 50.10 -10.58
N ASP A 311 -4.38 48.92 -10.74
CA ASP A 311 -5.65 48.81 -11.45
C ASP A 311 -6.85 48.77 -10.49
N LYS A 312 -6.77 49.55 -9.42
CA LYS A 312 -7.87 49.66 -8.46
C LYS A 312 -9.05 50.41 -9.05
N CYS A 313 -10.25 49.95 -8.75
CA CYS A 313 -11.46 50.58 -9.27
C CYS A 313 -12.09 51.50 -8.22
N TRP A 314 -12.74 50.92 -7.23
CA TRP A 314 -13.31 51.72 -6.15
C TRP A 314 -12.85 51.23 -4.78
N LEU A 315 -12.75 52.15 -3.83
CA LEU A 315 -12.21 51.83 -2.51
C LEU A 315 -13.11 52.35 -1.40
N TYR A 316 -13.24 51.57 -0.34
CA TYR A 316 -14.04 51.97 0.83
C TYR A 316 -13.13 52.49 1.94
N PHE A 317 -13.62 53.48 2.68
CA PHE A 317 -12.84 54.13 3.75
C PHE A 317 -13.67 54.23 5.01
N PRO A 318 -13.64 53.19 5.84
CA PRO A 318 -14.44 53.12 7.07
C PRO A 318 -13.93 54.06 8.16
N GLU A 319 -12.63 54.37 8.14
CA GLU A 319 -12.03 55.20 9.19
C GLU A 319 -12.46 56.67 9.12
N ASP A 320 -12.01 57.46 10.08
CA ASP A 320 -12.42 58.86 10.19
C ASP A 320 -11.33 59.85 9.79
N ASN A 321 -10.28 59.35 9.13
CA ASN A 321 -9.20 60.21 8.68
C ASN A 321 -9.55 60.96 7.40
N CYS A 322 -10.75 60.68 6.90
CA CYS A 322 -11.28 61.32 5.70
C CYS A 322 -12.80 61.45 5.84
N PRO A 323 -13.42 62.38 5.08
CA PRO A 323 -14.86 62.56 5.16
C PRO A 323 -15.65 61.65 4.20
N PHE A 324 -14.98 61.13 3.18
CA PHE A 324 -15.63 60.30 2.16
C PHE A 324 -15.68 58.81 2.50
N TYR A 325 -16.78 58.16 2.13
CA TYR A 325 -16.94 56.73 2.37
C TYR A 325 -16.43 55.86 1.21
N LYS A 326 -16.29 56.47 0.04
CA LYS A 326 -15.83 55.73 -1.13
C LYS A 326 -15.07 56.61 -2.13
N ALA A 327 -14.06 56.04 -2.75
CA ALA A 327 -13.31 56.72 -3.81
C ALA A 327 -13.31 55.88 -5.08
N THR A 328 -13.08 56.51 -6.22
CA THR A 328 -13.08 55.81 -7.51
C THR A 328 -12.01 56.36 -8.44
N ILE A 329 -11.12 55.49 -8.91
CA ILE A 329 -10.13 55.90 -9.90
C ILE A 329 -10.81 55.92 -11.27
N PHE A 330 -11.44 57.06 -11.58
CA PHE A 330 -12.26 57.19 -12.78
C PHE A 330 -11.44 57.02 -14.05
N SER A 331 -10.17 57.38 -13.99
CA SER A 331 -9.28 57.31 -15.15
C SER A 331 -9.02 55.87 -15.60
N ASN A 332 -9.29 54.92 -14.72
CA ASN A 332 -9.10 53.50 -15.04
C ASN A 332 -10.20 52.92 -15.91
N TYR A 333 -11.37 53.55 -15.89
CA TYR A 333 -12.52 53.07 -16.65
C TYR A 333 -12.37 53.32 -18.15
N SER A 334 -12.03 54.55 -18.50
CA SER A 334 -11.86 54.93 -19.90
C SER A 334 -10.88 56.09 -20.04
N PRO A 335 -10.02 56.04 -21.06
CA PRO A 335 -9.05 57.11 -21.32
C PRO A 335 -9.71 58.43 -21.73
N TYR A 336 -11.03 58.46 -21.83
CA TYR A 336 -11.75 59.66 -22.27
C TYR A 336 -12.46 60.40 -21.13
N ASN A 337 -12.32 59.90 -19.91
CA ASN A 337 -12.88 60.60 -18.76
C ASN A 337 -11.99 61.76 -18.34
N GLN A 338 -10.77 61.77 -18.87
CA GLN A 338 -9.78 62.78 -18.55
C GLN A 338 -9.11 63.24 -19.84
N PRO A 339 -8.64 64.49 -19.88
CA PRO A 339 -7.99 65.06 -21.08
C PRO A 339 -6.87 64.18 -21.62
N GLU A 340 -6.54 64.32 -22.91
CA GLU A 340 -5.46 63.56 -23.52
C GLU A 340 -4.10 63.98 -22.96
N ALA A 341 -3.07 63.20 -23.25
CA ALA A 341 -1.72 63.47 -22.74
C ALA A 341 -1.16 64.82 -23.22
N SER A 342 -1.35 65.10 -24.49
CA SER A 342 -0.83 66.32 -25.11
C SER A 342 -1.52 67.60 -24.64
N LYS A 343 -2.62 67.47 -23.91
CA LYS A 343 -3.35 68.62 -23.39
C LYS A 343 -2.50 69.37 -22.36
N LYS A 344 -2.47 70.69 -22.45
CA LYS A 344 -1.70 71.50 -21.53
C LYS A 344 -2.58 72.22 -20.51
N LEU A 345 -2.31 71.96 -19.22
CA LEU A 345 -3.13 72.51 -18.15
C LEU A 345 -2.27 73.11 -17.03
N PRO A 346 -2.75 74.22 -16.43
CA PRO A 346 -2.07 74.82 -15.28
C PRO A 346 -2.39 74.03 -14.01
N THR A 347 -1.50 74.12 -13.02
CA THR A 347 -1.73 73.46 -11.74
C THR A 347 -2.47 74.38 -10.79
N MET A 348 -3.65 73.93 -10.34
CA MET A 348 -4.48 74.71 -9.42
C MET A 348 -3.84 74.82 -8.04
N GLN A 349 -3.38 73.69 -7.52
CA GLN A 349 -2.75 73.65 -6.20
C GLN A 349 -1.99 72.34 -6.01
N LEU A 350 -1.20 72.27 -4.94
CA LEU A 350 -0.61 71.01 -4.52
C LEU A 350 -1.58 70.27 -3.61
N ALA A 351 -1.37 68.96 -3.47
CA ALA A 351 -2.29 68.12 -2.71
C ALA A 351 -2.35 68.46 -1.22
N ASP A 352 -1.39 69.25 -0.75
CA ASP A 352 -1.39 69.66 0.66
C ASP A 352 -2.06 71.01 0.85
N GLY A 353 -2.59 71.56 -0.24
CA GLY A 353 -3.32 72.81 -0.18
C GLY A 353 -2.43 74.05 -0.24
N SER A 354 -1.50 74.05 -1.18
CA SER A 354 -0.59 75.18 -1.35
C SER A 354 -0.45 75.58 -2.82
N ARG A 355 0.11 76.76 -3.06
CA ARG A 355 0.32 77.26 -4.40
C ARG A 355 1.28 76.36 -5.18
N PRO A 356 1.10 76.29 -6.50
CA PRO A 356 2.04 75.51 -7.33
C PRO A 356 3.36 76.24 -7.49
N GLN A 357 4.42 75.50 -7.79
CA GLN A 357 5.74 76.08 -7.98
C GLN A 357 5.79 76.81 -9.31
N SER A 358 4.90 76.42 -10.22
CA SER A 358 4.84 76.99 -11.56
C SER A 358 3.39 77.11 -12.03
N THR A 359 3.00 78.31 -12.44
CA THR A 359 1.62 78.57 -12.85
C THR A 359 1.43 78.52 -14.37
N GLU A 360 2.32 77.80 -15.05
CA GLU A 360 2.26 77.67 -16.49
C GLU A 360 1.50 76.41 -16.89
N ALA A 361 1.04 76.37 -18.13
CA ALA A 361 0.33 75.19 -18.64
C ALA A 361 1.32 74.13 -19.09
N LYS A 362 1.31 73.00 -18.41
CA LYS A 362 2.25 71.92 -18.69
C LYS A 362 1.51 70.70 -19.22
N GLU A 363 2.27 69.74 -19.75
CA GLU A 363 1.72 68.53 -20.33
C GLU A 363 1.15 67.60 -19.26
N GLY A 364 0.66 66.44 -19.67
CA GLY A 364 0.20 65.44 -18.75
C GLY A 364 1.22 64.33 -18.54
N PRO A 365 0.76 63.07 -18.53
CA PRO A 365 -0.64 62.64 -18.62
C PRO A 365 -1.41 62.90 -17.32
N TYR A 366 -2.67 62.48 -17.27
CA TYR A 366 -3.51 62.77 -16.12
C TYR A 366 -4.19 61.51 -15.57
N TRP A 367 -4.72 61.64 -14.36
CA TRP A 367 -5.58 60.60 -13.78
C TRP A 367 -6.66 61.27 -12.92
N SER A 368 -7.75 60.54 -12.67
CA SER A 368 -8.94 61.16 -12.07
C SER A 368 -9.42 60.40 -10.83
N ILE A 369 -9.92 61.13 -9.83
CA ILE A 369 -10.43 60.53 -8.61
C ILE A 369 -11.79 61.11 -8.22
N MET A 370 -12.72 60.25 -7.85
CA MET A 370 -14.07 60.69 -7.50
C MET A 370 -14.49 60.20 -6.12
N LEU A 371 -14.85 61.14 -5.25
CA LEU A 371 -15.21 60.85 -3.87
C LEU A 371 -16.68 61.11 -3.60
N GLU A 372 -17.28 60.32 -2.71
CA GLU A 372 -18.66 60.51 -2.31
C GLU A 372 -18.73 60.78 -0.80
N VAL A 373 -19.50 61.80 -0.42
CA VAL A 373 -19.65 62.17 0.98
C VAL A 373 -21.11 62.31 1.37
N SER A 374 -21.57 61.46 2.28
CA SER A 374 -22.97 61.47 2.69
C SER A 374 -23.33 62.65 3.60
N GLU A 375 -24.61 63.01 3.60
CA GLU A 375 -25.10 64.09 4.45
C GLU A 375 -26.53 63.80 4.90
N SER A 376 -26.86 64.15 6.12
CA SER A 376 -28.23 64.02 6.62
C SER A 376 -28.47 64.98 7.79
N SER A 377 -29.55 64.76 8.52
CA SER A 377 -29.82 65.53 9.72
C SER A 377 -29.05 64.94 10.91
N MET A 378 -28.40 63.80 10.67
CA MET A 378 -27.61 63.15 11.69
C MET A 378 -26.14 63.21 11.32
N LYS A 379 -25.86 63.75 10.14
CA LYS A 379 -24.49 63.85 9.63
C LYS A 379 -24.33 65.09 8.75
N PRO A 380 -24.31 66.27 9.38
CA PRO A 380 -24.24 67.54 8.64
C PRO A 380 -22.85 67.77 8.05
N VAL A 381 -22.79 68.40 6.88
CA VAL A 381 -21.51 68.70 6.25
C VAL A 381 -21.34 70.21 6.04
N ASN A 382 -20.09 70.65 5.86
CA ASN A 382 -19.81 72.04 5.58
C ASN A 382 -19.30 72.18 4.15
N GLN A 383 -20.12 72.75 3.27
CA GLN A 383 -19.82 72.78 1.84
C GLN A 383 -18.54 73.53 1.50
N GLU A 384 -18.29 74.63 2.21
CA GLU A 384 -17.14 75.47 1.91
C GLU A 384 -15.81 74.79 2.24
N THR A 385 -15.86 73.85 3.18
CA THR A 385 -14.67 73.15 3.62
C THR A 385 -14.56 71.74 3.03
N ILE A 386 -15.68 71.20 2.55
CA ILE A 386 -15.77 69.78 2.18
C ILE A 386 -14.75 69.36 1.11
N LEU A 387 -14.46 70.25 0.16
CA LEU A 387 -13.51 69.96 -0.90
C LEU A 387 -12.09 69.82 -0.33
N ALA A 388 -11.68 70.83 0.42
CA ALA A 388 -10.37 70.84 1.08
C ALA A 388 -10.22 69.65 2.02
N ASP A 389 -11.28 69.31 2.74
CA ASP A 389 -11.26 68.18 3.65
C ASP A 389 -11.11 66.87 2.89
N CYS A 390 -11.75 66.79 1.73
CA CYS A 390 -11.65 65.60 0.87
C CYS A 390 -10.22 65.41 0.37
N ILE A 391 -9.61 66.50 -0.09
CA ILE A 391 -8.23 66.46 -0.55
C ILE A 391 -7.29 66.06 0.60
N GLN A 392 -7.54 66.64 1.77
CA GLN A 392 -6.78 66.29 2.97
C GLN A 392 -6.89 64.81 3.29
N GLY A 393 -8.09 64.27 3.15
CA GLY A 393 -8.31 62.85 3.33
C GLY A 393 -7.52 62.05 2.32
N LEU A 394 -7.44 62.58 1.09
CA LEU A 394 -6.65 61.93 0.04
C LEU A 394 -5.18 61.90 0.40
N VAL A 395 -4.73 62.89 1.14
CA VAL A 395 -3.37 62.89 1.68
C VAL A 395 -3.22 61.85 2.79
N ASN A 396 -4.10 61.92 3.78
CA ASN A 396 -4.05 61.05 4.95
C ASN A 396 -4.19 59.56 4.62
N THR A 397 -4.83 59.26 3.50
CA THR A 397 -5.04 57.88 3.09
C THR A 397 -3.95 57.40 2.12
N GLU A 398 -2.92 58.23 1.95
CA GLU A 398 -1.82 57.95 1.03
C GLU A 398 -2.28 57.73 -0.41
N MET A 399 -3.33 58.45 -0.79
CA MET A 399 -3.83 58.45 -2.16
C MET A 399 -3.03 59.48 -2.95
N LEU A 400 -2.90 60.66 -2.36
CA LEU A 400 -2.12 61.73 -2.96
C LEU A 400 -0.94 62.09 -2.07
N LYS A 401 0.25 62.12 -2.64
CA LYS A 401 1.40 62.71 -1.97
C LYS A 401 1.17 64.22 -1.93
N PRO A 402 1.68 64.89 -0.88
CA PRO A 402 1.49 66.35 -0.78
C PRO A 402 2.17 67.10 -1.92
N THR A 403 3.04 66.40 -2.65
CA THR A 403 3.73 66.96 -3.80
C THR A 403 2.87 66.92 -5.06
N ASP A 404 1.81 66.10 -5.04
CA ASP A 404 0.94 65.93 -6.21
C ASP A 404 0.29 67.23 -6.66
N GLU A 405 0.14 67.39 -7.97
CA GLU A 405 -0.40 68.61 -8.55
C GLU A 405 -1.85 68.41 -8.97
N ILE A 406 -2.75 69.16 -8.33
CA ILE A 406 -4.16 69.07 -8.65
C ILE A 406 -4.48 69.95 -9.85
N VAL A 407 -5.04 69.33 -10.89
CA VAL A 407 -5.31 70.03 -12.14
C VAL A 407 -6.75 70.56 -12.17
N SER A 408 -7.69 69.78 -11.64
CA SER A 408 -9.09 70.21 -11.65
C SER A 408 -9.87 69.81 -10.39
N THR A 409 -10.87 70.61 -10.05
CA THR A 409 -11.69 70.35 -8.87
C THR A 409 -13.19 70.43 -9.18
N TYR A 410 -13.90 69.34 -8.90
CA TYR A 410 -15.35 69.25 -9.12
C TYR A 410 -16.07 69.08 -7.79
N HIS A 411 -17.27 69.66 -7.68
CA HIS A 411 -18.11 69.45 -6.50
C HIS A 411 -19.57 69.75 -6.81
N ARG A 412 -20.42 68.78 -6.52
CA ARG A 412 -21.86 68.98 -6.69
C ARG A 412 -22.65 68.25 -5.62
N ARG A 413 -23.69 68.90 -5.11
CA ARG A 413 -24.52 68.32 -4.06
C ARG A 413 -25.86 67.83 -4.61
N PHE A 414 -26.10 66.53 -4.47
CA PHE A 414 -27.36 65.94 -4.88
C PHE A 414 -28.24 65.73 -3.65
N ASP A 415 -29.30 66.53 -3.54
CA ASP A 415 -30.15 66.52 -2.35
C ASP A 415 -30.76 65.15 -2.06
N HIS A 416 -31.26 64.47 -3.09
CA HIS A 416 -31.75 63.10 -2.94
C HIS A 416 -30.74 62.10 -3.49
N GLY A 417 -29.83 61.65 -2.63
CA GLY A 417 -28.82 60.67 -3.01
C GLY A 417 -29.20 59.23 -2.72
N TYR A 418 -29.42 58.91 -1.44
CA TYR A 418 -29.74 57.54 -1.05
C TYR A 418 -31.11 57.44 -0.38
N PRO A 419 -31.96 56.49 -0.84
CA PRO A 419 -33.20 56.16 -0.16
C PRO A 419 -32.90 55.28 1.05
N THR A 420 -32.79 55.90 2.22
CA THR A 420 -32.38 55.20 3.43
C THR A 420 -33.38 54.13 3.85
N PRO A 421 -32.93 52.87 3.93
CA PRO A 421 -33.77 51.75 4.34
C PRO A 421 -33.98 51.73 5.86
N THR A 422 -34.70 52.72 6.37
CA THR A 422 -34.98 52.78 7.81
C THR A 422 -36.02 51.74 8.19
N LEU A 423 -36.28 51.62 9.49
CA LEU A 423 -37.22 50.62 10.01
C LEU A 423 -38.67 51.02 9.69
N GLU A 424 -38.87 52.32 9.52
CA GLU A 424 -40.20 52.88 9.27
C GLU A 424 -40.55 52.90 7.78
N ARG A 425 -39.58 52.54 6.94
CA ARG A 425 -39.72 52.64 5.49
C ARG A 425 -40.94 51.90 4.97
N GLU A 426 -40.93 50.57 5.07
CA GLU A 426 -42.05 49.75 4.63
C GLU A 426 -43.38 50.21 5.25
N GLY A 427 -43.31 50.70 6.48
CA GLY A 427 -44.47 51.23 7.17
C GLY A 427 -45.06 52.38 6.39
N ALA A 428 -44.20 53.20 5.79
CA ALA A 428 -44.66 54.31 4.95
C ALA A 428 -45.04 53.86 3.53
N LEU A 429 -44.17 53.06 2.91
CA LEU A 429 -44.32 52.67 1.51
C LEU A 429 -45.55 51.82 1.25
N THR A 430 -45.84 50.89 2.16
CA THR A 430 -47.00 50.00 1.99
C THR A 430 -48.33 50.75 2.09
N GLN A 431 -48.25 52.02 2.46
CA GLN A 431 -49.40 52.91 2.43
C GLN A 431 -49.34 53.82 1.21
N ILE A 432 -48.18 54.45 1.01
CA ILE A 432 -48.00 55.41 -0.07
C ILE A 432 -48.21 54.80 -1.46
N LEU A 433 -47.53 53.69 -1.74
CA LEU A 433 -47.59 53.07 -3.07
C LEU A 433 -48.99 52.57 -3.52
N PRO A 434 -49.72 51.87 -2.64
CA PRO A 434 -51.05 51.41 -3.08
C PRO A 434 -52.06 52.55 -3.22
N LYS A 435 -51.92 53.59 -2.41
CA LYS A 435 -52.81 54.75 -2.49
C LYS A 435 -52.55 55.59 -3.74
N LEU A 436 -51.34 55.50 -4.29
CA LEU A 436 -51.02 56.18 -5.54
C LEU A 436 -51.55 55.38 -6.72
N GLN A 437 -51.41 54.06 -6.64
CA GLN A 437 -51.86 53.18 -7.69
C GLN A 437 -53.39 53.20 -7.83
N ASP A 438 -54.08 53.49 -6.73
CA ASP A 438 -55.55 53.58 -6.77
C ASP A 438 -55.98 54.85 -7.50
N LYS A 439 -55.06 55.79 -7.64
CA LYS A 439 -55.30 56.99 -8.43
C LYS A 439 -54.68 56.81 -9.81
N ASP A 440 -54.53 55.55 -10.21
CA ASP A 440 -53.89 55.19 -11.48
C ASP A 440 -52.50 55.82 -11.65
N ILE A 441 -51.74 55.89 -10.58
CA ILE A 441 -50.39 56.47 -10.64
C ILE A 441 -49.32 55.47 -10.18
N TRP A 442 -48.47 55.05 -11.11
CA TRP A 442 -47.38 54.15 -10.79
C TRP A 442 -46.12 54.93 -10.44
N SER A 443 -45.87 55.11 -9.15
CA SER A 443 -44.66 55.80 -8.73
C SER A 443 -43.50 54.82 -8.60
N ARG A 444 -42.56 54.89 -9.54
CA ARG A 444 -41.42 53.97 -9.56
C ARG A 444 -40.07 54.68 -9.63
N GLY A 445 -39.03 53.99 -9.15
CA GLY A 445 -37.67 54.49 -9.26
C GLY A 445 -36.94 54.52 -7.94
N ARG A 446 -35.72 55.04 -7.96
CA ARG A 446 -34.88 55.13 -6.78
C ARG A 446 -35.50 56.03 -5.70
N PHE A 447 -36.33 56.98 -6.14
CA PHE A 447 -37.05 57.85 -5.22
C PHE A 447 -38.53 57.93 -5.58
N GLY A 448 -38.90 57.22 -6.64
CA GLY A 448 -40.29 57.07 -7.00
C GLY A 448 -40.91 55.99 -6.15
N SER A 449 -40.14 54.92 -5.92
CA SER A 449 -40.58 53.82 -5.09
C SER A 449 -39.69 53.62 -3.87
N TRP A 450 -38.55 54.31 -3.84
CA TRP A 450 -37.76 54.48 -2.61
C TRP A 450 -37.14 53.19 -2.03
N ARG A 451 -36.81 52.22 -2.88
CA ARG A 451 -36.25 50.97 -2.38
C ARG A 451 -34.84 50.67 -2.87
N TYR A 452 -33.87 50.90 -1.99
CA TYR A 452 -32.45 50.76 -2.31
C TYR A 452 -32.09 49.37 -2.82
N GLU A 453 -32.68 48.34 -2.22
CA GLU A 453 -32.53 46.95 -2.67
C GLU A 453 -32.58 46.85 -4.19
N VAL A 454 -33.44 47.66 -4.79
CA VAL A 454 -33.69 47.57 -6.21
C VAL A 454 -33.57 48.98 -6.83
N GLY A 455 -32.57 49.72 -6.36
CA GLY A 455 -32.40 51.11 -6.78
C GLY A 455 -31.22 51.31 -7.70
N ASN A 456 -30.72 50.21 -8.28
CA ASN A 456 -29.65 50.29 -9.26
C ASN A 456 -30.19 50.69 -10.62
N GLN A 457 -29.31 50.86 -11.58
CA GLN A 457 -29.72 51.33 -12.90
C GLN A 457 -30.64 50.36 -13.60
N ASP A 458 -30.22 49.09 -13.67
CA ASP A 458 -31.00 48.05 -14.31
C ASP A 458 -32.32 47.83 -13.58
N HIS A 459 -32.24 47.87 -12.26
CA HIS A 459 -33.40 47.74 -11.40
C HIS A 459 -34.43 48.81 -11.72
N SER A 460 -33.95 50.03 -11.86
CA SER A 460 -34.82 51.17 -12.14
C SER A 460 -35.45 51.09 -13.52
N PHE A 461 -34.59 50.86 -14.51
CA PHE A 461 -34.99 50.62 -15.88
C PHE A 461 -36.14 49.61 -15.94
N MET A 462 -35.97 48.51 -15.23
CA MET A 462 -36.98 47.46 -15.21
C MET A 462 -38.14 47.80 -14.27
N LEU A 463 -37.98 48.83 -13.44
CA LEU A 463 -39.11 49.31 -12.65
C LEU A 463 -40.08 50.05 -13.56
N GLY A 464 -39.54 50.93 -14.40
CA GLY A 464 -40.34 51.58 -15.42
C GLY A 464 -40.94 50.56 -16.39
N VAL A 465 -40.07 49.69 -16.91
CA VAL A 465 -40.48 48.67 -17.87
C VAL A 465 -41.61 47.80 -17.34
N GLU A 466 -41.44 47.25 -16.14
CA GLU A 466 -42.45 46.39 -15.54
C GLU A 466 -43.71 47.17 -15.14
N ALA A 467 -43.55 48.47 -14.86
CA ALA A 467 -44.70 49.30 -14.54
C ALA A 467 -45.60 49.41 -15.78
N VAL A 468 -44.99 49.76 -16.90
CA VAL A 468 -45.70 49.83 -18.16
C VAL A 468 -46.26 48.47 -18.58
N ASP A 469 -45.45 47.42 -18.46
CA ASP A 469 -45.86 46.07 -18.84
C ASP A 469 -47.01 45.57 -17.96
N ASN A 470 -47.12 46.14 -16.76
CA ASN A 470 -48.24 45.86 -15.86
C ASN A 470 -49.50 46.58 -16.31
N ILE A 471 -49.34 47.89 -16.57
CA ILE A 471 -50.43 48.73 -17.07
C ILE A 471 -51.03 48.22 -18.38
N VAL A 472 -50.20 47.60 -19.21
CA VAL A 472 -50.64 47.15 -20.52
C VAL A 472 -51.03 45.67 -20.54
N ASN A 473 -50.13 44.82 -20.08
CA ASN A 473 -50.34 43.38 -20.21
C ASN A 473 -50.71 42.68 -18.91
N GLY A 474 -50.95 43.47 -17.87
CA GLY A 474 -51.25 42.92 -16.55
C GLY A 474 -50.14 42.08 -15.95
N ALA A 475 -48.90 42.44 -16.29
CA ALA A 475 -47.75 41.72 -15.77
C ALA A 475 -47.54 42.05 -14.28
N VAL A 476 -47.00 41.09 -13.53
CA VAL A 476 -46.73 41.31 -12.12
C VAL A 476 -45.40 42.03 -11.91
N GLU A 477 -45.44 43.12 -11.15
CA GLU A 477 -44.24 43.92 -10.90
C GLU A 477 -43.32 43.23 -9.90
N LEU A 478 -42.58 42.24 -10.39
CA LEU A 478 -41.67 41.43 -9.59
C LEU A 478 -40.48 42.23 -9.06
N THR A 479 -39.99 43.17 -9.87
CA THR A 479 -38.83 43.97 -9.51
C THR A 479 -39.10 44.86 -8.30
N LEU A 480 -40.35 45.31 -8.18
CA LEU A 480 -40.74 46.23 -7.12
C LEU A 480 -41.05 45.53 -5.80
N ASN A 481 -41.86 44.47 -5.87
CA ASN A 481 -42.35 43.79 -4.67
C ASN A 481 -41.54 42.57 -4.25
N TYR A 482 -40.67 42.08 -5.12
CA TYR A 482 -39.87 40.90 -4.82
C TYR A 482 -38.39 41.03 -5.21
N PRO A 483 -37.67 41.94 -4.51
CA PRO A 483 -36.26 42.22 -4.80
C PRO A 483 -35.39 40.98 -4.70
N ASP A 484 -35.62 40.13 -3.69
CA ASP A 484 -34.86 38.89 -3.55
C ASP A 484 -35.13 37.95 -4.71
N PHE A 485 -36.37 37.92 -5.17
CA PHE A 485 -36.76 37.07 -6.28
C PHE A 485 -36.04 37.49 -7.56
N VAL A 486 -36.14 38.77 -7.92
CA VAL A 486 -35.53 39.23 -9.16
C VAL A 486 -34.00 39.24 -9.10
N ASN A 487 -33.43 39.53 -7.93
CA ASN A 487 -31.99 39.57 -7.76
C ASN A 487 -31.38 38.17 -7.68
N GLY A 488 -32.18 37.19 -7.27
CA GLY A 488 -31.67 35.84 -7.12
C GLY A 488 -31.84 34.98 -8.36
N ARG A 489 -32.19 35.59 -9.48
CA ARG A 489 -32.44 34.83 -10.70
C ARG A 489 -31.93 35.55 -11.94
N GLN A 490 -31.84 34.80 -13.05
CA GLN A 490 -31.52 35.38 -14.34
C GLN A 490 -32.79 35.63 -15.14
N ASN A 491 -33.18 36.90 -15.25
CA ASN A 491 -34.41 37.27 -15.94
C ASN A 491 -34.19 37.31 -17.46
N THR A 492 -34.61 36.24 -18.13
CA THR A 492 -34.33 36.09 -19.56
C THR A 492 -35.59 36.01 -20.42
N GLU A 493 -36.75 36.11 -19.78
CA GLU A 493 -38.02 36.00 -20.50
C GLU A 493 -38.37 37.24 -21.32
N ARG A 494 -38.29 38.41 -20.69
CA ARG A 494 -38.66 39.66 -21.34
C ARG A 494 -37.51 40.24 -22.16
N ARG A 495 -37.75 40.37 -23.47
CA ARG A 495 -36.72 40.82 -24.41
C ARG A 495 -37.18 42.08 -25.14
N LEU A 496 -36.25 42.76 -25.81
CA LEU A 496 -36.57 43.98 -26.53
C LEU A 496 -37.43 43.65 -27.76
N VAL A 497 -37.25 42.45 -28.28
CA VAL A 497 -38.11 41.94 -29.34
C VAL A 497 -38.85 40.71 -28.83
N ASP A 498 -40.17 40.86 -28.66
CA ASP A 498 -41.00 39.78 -28.17
C ASP A 498 -41.83 39.13 -29.27
N GLY A 499 -42.50 38.03 -28.92
CA GLY A 499 -43.34 37.29 -29.84
C GLY A 499 -44.41 38.15 -30.48
N ALA A 500 -44.89 39.14 -29.74
CA ALA A 500 -45.88 40.07 -30.27
C ALA A 500 -45.32 40.80 -31.49
N GLN A 501 -44.13 41.37 -31.32
CA GLN A 501 -43.45 42.09 -32.39
C GLN A 501 -43.16 41.17 -33.57
N VAL A 502 -42.64 39.98 -33.27
CA VAL A 502 -42.31 38.99 -34.30
C VAL A 502 -43.52 38.63 -35.17
N PHE A 503 -44.60 38.22 -34.51
CA PHE A 503 -45.82 37.79 -35.19
C PHE A 503 -46.49 38.94 -35.91
N ALA A 504 -46.38 40.15 -35.35
CA ALA A 504 -46.92 41.34 -36.00
C ALA A 504 -46.18 41.63 -37.30
N LYS A 505 -44.85 41.49 -37.25
CA LYS A 505 -44.00 41.62 -38.43
C LYS A 505 -44.38 40.60 -39.51
N SER A 506 -44.45 39.33 -39.11
CA SER A 506 -44.82 38.26 -40.04
C SER A 506 -46.26 38.40 -40.52
N LYS A 507 -47.04 39.22 -39.83
CA LYS A 507 -48.43 39.47 -40.21
C LYS A 507 -48.49 40.58 -41.26
N ALA A 508 -47.62 41.58 -41.09
CA ALA A 508 -47.54 42.68 -42.05
C ALA A 508 -46.71 42.28 -43.27
N GLN A 509 -46.08 41.12 -43.20
CA GLN A 509 -45.24 40.62 -44.28
C GLN A 509 -46.06 39.94 -45.38
N LEU A 510 -47.35 39.73 -45.11
CA LEU A 510 -48.20 39.01 -46.04
C LEU A 510 -49.38 39.85 -46.52
N THR B 1 -37.18 14.69 -48.31
CA THR B 1 -36.19 15.18 -49.25
C THR B 1 -35.32 14.04 -49.79
N HIS B 2 -34.89 14.15 -51.05
CA HIS B 2 -34.06 13.11 -51.66
C HIS B 2 -32.57 13.42 -51.56
N PRO B 3 -31.76 12.40 -51.24
CA PRO B 3 -30.31 12.49 -51.17
C PRO B 3 -29.70 12.66 -52.55
N ASP B 4 -28.51 13.26 -52.62
CA ASP B 4 -27.81 13.46 -53.87
C ASP B 4 -27.50 12.12 -54.55
N ILE B 5 -27.12 11.14 -53.74
CA ILE B 5 -26.82 9.79 -54.23
C ILE B 5 -27.58 8.76 -53.41
N SER B 6 -27.87 7.61 -54.02
CA SER B 6 -28.59 6.55 -53.31
C SER B 6 -28.12 5.16 -53.76
N VAL B 7 -27.54 4.43 -52.82
CA VAL B 7 -27.07 3.09 -53.09
C VAL B 7 -27.71 2.10 -52.14
N ASP B 8 -27.64 0.81 -52.50
CA ASP B 8 -28.15 -0.24 -51.64
C ASP B 8 -27.19 -0.44 -50.47
N VAL B 9 -25.90 -0.55 -50.79
CA VAL B 9 -24.85 -0.76 -49.81
C VAL B 9 -23.82 0.37 -49.86
N LEU B 10 -23.67 1.09 -48.76
CA LEU B 10 -22.66 2.13 -48.65
C LEU B 10 -21.50 1.64 -47.80
N VAL B 11 -20.27 1.77 -48.32
CA VAL B 11 -19.08 1.36 -47.58
C VAL B 11 -18.25 2.57 -47.16
N ILE B 12 -18.04 2.73 -45.86
CA ILE B 12 -17.24 3.83 -45.34
C ILE B 12 -15.84 3.37 -44.96
N GLY B 13 -14.83 4.02 -45.52
CA GLY B 13 -13.44 3.66 -45.27
C GLY B 13 -12.90 2.71 -46.32
N ALA B 14 -11.82 3.11 -46.98
CA ALA B 14 -11.21 2.28 -48.01
C ALA B 14 -9.92 1.60 -47.54
N GLY B 15 -9.91 1.13 -46.30
CA GLY B 15 -8.82 0.31 -45.80
C GLY B 15 -9.05 -1.11 -46.24
N PRO B 16 -8.26 -2.07 -45.74
CA PRO B 16 -8.43 -3.48 -46.12
C PRO B 16 -9.86 -4.03 -45.98
N THR B 17 -10.53 -3.66 -44.90
CA THR B 17 -11.90 -4.09 -44.63
C THR B 17 -12.87 -3.57 -45.69
N GLY B 18 -12.92 -2.25 -45.84
CA GLY B 18 -13.79 -1.60 -46.80
C GLY B 18 -13.50 -2.04 -48.22
N LEU B 19 -12.23 -2.30 -48.51
CA LEU B 19 -11.85 -2.81 -49.82
C LEU B 19 -12.31 -4.23 -50.00
N GLY B 20 -12.39 -4.99 -48.90
CA GLY B 20 -12.92 -6.34 -48.96
C GLY B 20 -14.38 -6.29 -49.31
N ALA B 21 -15.11 -5.42 -48.61
CA ALA B 21 -16.53 -5.20 -48.88
C ALA B 21 -16.74 -4.82 -50.33
N ALA B 22 -15.98 -3.84 -50.81
CA ALA B 22 -16.09 -3.39 -52.18
C ALA B 22 -15.75 -4.47 -53.19
N LYS B 23 -14.78 -5.31 -52.85
CA LYS B 23 -14.36 -6.39 -53.72
C LYS B 23 -15.46 -7.44 -53.88
N ARG B 24 -16.07 -7.84 -52.76
CA ARG B 24 -17.18 -8.79 -52.82
C ARG B 24 -18.42 -8.21 -53.52
N LEU B 25 -18.77 -6.96 -53.17
CA LEU B 25 -19.87 -6.26 -53.83
C LEU B 25 -19.68 -6.21 -55.35
N ASN B 26 -18.47 -5.87 -55.77
CA ASN B 26 -18.13 -5.78 -57.18
C ASN B 26 -18.10 -7.15 -57.84
N GLN B 27 -17.78 -8.18 -57.06
CA GLN B 27 -17.75 -9.55 -57.58
C GLN B 27 -19.15 -10.06 -57.86
N ILE B 28 -20.06 -9.79 -56.94
CA ILE B 28 -21.45 -10.21 -57.07
C ILE B 28 -22.14 -9.40 -58.16
N ASP B 29 -21.87 -8.10 -58.17
CA ASP B 29 -22.52 -7.15 -59.08
C ASP B 29 -24.04 -7.18 -58.93
N GLY B 30 -24.50 -7.39 -57.71
CA GLY B 30 -25.92 -7.42 -57.44
C GLY B 30 -26.44 -6.03 -57.13
N PRO B 31 -26.62 -5.73 -55.84
CA PRO B 31 -27.10 -4.42 -55.41
C PRO B 31 -26.13 -3.31 -55.78
N SER B 32 -26.66 -2.10 -55.96
CA SER B 32 -25.82 -0.93 -56.22
C SER B 32 -25.02 -0.61 -54.97
N TRP B 33 -23.76 -0.20 -55.17
CA TRP B 33 -22.86 0.05 -54.06
C TRP B 33 -21.91 1.21 -54.34
N MET B 34 -21.34 1.76 -53.27
CA MET B 34 -20.46 2.91 -53.35
C MET B 34 -19.54 2.94 -52.13
N ILE B 35 -18.27 3.25 -52.36
CA ILE B 35 -17.31 3.30 -51.25
C ILE B 35 -16.62 4.66 -51.14
N VAL B 36 -16.58 5.22 -49.93
CA VAL B 36 -15.97 6.53 -49.71
C VAL B 36 -14.79 6.46 -48.75
N ASP B 37 -13.93 7.49 -48.81
CA ASP B 37 -12.82 7.61 -47.88
C ASP B 37 -12.31 9.05 -47.81
N SER B 38 -11.93 9.49 -46.62
CA SER B 38 -11.41 10.84 -46.44
C SER B 38 -9.97 10.96 -46.96
N ASN B 39 -9.38 9.81 -47.27
CA ASN B 39 -7.99 9.76 -47.72
C ASN B 39 -7.93 9.47 -49.22
N GLU B 40 -7.26 10.35 -49.96
CA GLU B 40 -7.13 10.21 -51.42
C GLU B 40 -6.46 8.90 -51.83
N THR B 41 -5.65 8.34 -50.93
CA THR B 41 -4.98 7.07 -51.19
C THR B 41 -5.57 5.96 -50.32
N PRO B 42 -6.09 4.90 -50.96
CA PRO B 42 -6.67 3.75 -50.27
C PRO B 42 -5.58 2.89 -49.61
N GLY B 43 -5.90 2.30 -48.45
CA GLY B 43 -4.95 1.46 -47.75
C GLY B 43 -5.08 1.53 -46.25
N GLY B 44 -5.50 2.69 -45.75
CA GLY B 44 -5.70 2.89 -44.33
C GLY B 44 -4.43 2.69 -43.53
N LEU B 45 -4.51 1.88 -42.47
CA LEU B 45 -3.37 1.58 -41.62
C LEU B 45 -2.35 0.72 -42.36
N ALA B 46 -2.76 0.15 -43.48
CA ALA B 46 -1.88 -0.73 -44.24
C ALA B 46 -1.19 0.01 -45.39
N SER B 47 -1.14 1.34 -45.28
CA SER B 47 -0.51 2.16 -46.31
C SER B 47 0.96 2.38 -46.01
N THR B 48 1.68 2.92 -47.00
CA THR B 48 3.12 3.15 -46.87
C THR B 48 3.43 4.64 -46.94
N ASP B 49 4.43 5.07 -46.17
CA ASP B 49 4.89 6.46 -46.21
C ASP B 49 6.31 6.54 -46.78
N VAL B 50 6.69 7.73 -47.25
CA VAL B 50 8.03 7.93 -47.79
C VAL B 50 8.67 9.20 -47.22
N THR B 51 9.92 9.08 -46.79
CA THR B 51 10.67 10.22 -46.28
C THR B 51 11.28 10.98 -47.46
N PRO B 52 11.59 12.28 -47.26
CA PRO B 52 12.21 13.09 -48.31
C PRO B 52 13.53 12.53 -48.83
N GLU B 53 14.08 11.53 -48.14
CA GLU B 53 15.34 10.92 -48.56
C GLU B 53 15.11 9.58 -49.26
N GLY B 54 13.85 9.27 -49.55
CA GLY B 54 13.54 8.11 -50.38
C GLY B 54 13.42 6.81 -49.61
N PHE B 55 13.11 6.89 -48.32
CA PHE B 55 12.94 5.70 -47.50
C PHE B 55 11.47 5.35 -47.28
N LEU B 56 11.10 4.13 -47.64
CA LEU B 56 9.74 3.63 -47.44
C LEU B 56 9.56 3.13 -46.01
N TYR B 57 8.37 3.38 -45.45
CA TYR B 57 8.03 2.90 -44.13
C TYR B 57 6.56 2.54 -44.00
N ASP B 58 6.29 1.28 -43.66
CA ASP B 58 4.93 0.84 -43.38
C ASP B 58 4.47 1.40 -42.04
N VAL B 59 3.26 1.05 -41.64
CA VAL B 59 2.77 1.43 -40.31
C VAL B 59 3.07 0.32 -39.31
N GLY B 60 4.34 0.24 -38.91
CA GLY B 60 4.79 -0.75 -37.95
C GLY B 60 5.32 -2.03 -38.56
N GLY B 61 5.59 -2.03 -39.86
CA GLY B 61 6.13 -3.21 -40.54
C GLY B 61 5.15 -4.37 -40.57
N HIS B 62 4.42 -4.49 -41.68
CA HIS B 62 3.37 -5.50 -41.76
C HIS B 62 3.85 -6.76 -42.48
N VAL B 63 3.20 -7.88 -42.18
CA VAL B 63 3.56 -9.16 -42.78
C VAL B 63 2.31 -9.95 -43.17
N ILE B 64 2.31 -10.49 -44.38
CA ILE B 64 1.15 -11.23 -44.88
C ILE B 64 1.27 -12.74 -44.66
N PHE B 65 0.45 -13.24 -43.73
CA PHE B 65 0.13 -14.66 -43.66
C PHE B 65 -1.40 -14.75 -43.66
N SER B 66 -1.97 -15.29 -44.73
CA SER B 66 -3.42 -15.33 -44.87
C SER B 66 -4.01 -16.68 -44.49
N HIS B 67 -5.19 -16.65 -43.87
CA HIS B 67 -5.97 -17.85 -43.59
C HIS B 67 -7.03 -17.99 -44.67
N TYR B 68 -7.00 -17.07 -45.62
CA TYR B 68 -8.08 -16.94 -46.59
C TYR B 68 -7.64 -17.03 -48.06
N LYS B 69 -8.14 -18.06 -48.73
CA LYS B 69 -7.88 -18.28 -50.14
C LYS B 69 -8.46 -17.14 -50.98
N TYR B 70 -9.50 -16.49 -50.45
CA TYR B 70 -10.13 -15.35 -51.12
C TYR B 70 -9.19 -14.17 -51.16
N PHE B 71 -8.64 -13.87 -49.99
CA PHE B 71 -7.63 -12.84 -49.82
C PHE B 71 -6.48 -13.15 -50.76
N ASP B 72 -6.05 -14.41 -50.76
CA ASP B 72 -5.01 -14.87 -51.68
C ASP B 72 -5.33 -14.52 -53.14
N ASP B 73 -6.56 -14.80 -53.57
CA ASP B 73 -6.98 -14.56 -54.95
C ASP B 73 -6.99 -13.08 -55.30
N CYS B 74 -7.48 -12.27 -54.38
CA CYS B 74 -7.50 -10.82 -54.58
C CYS B 74 -6.10 -10.26 -54.73
N LEU B 75 -5.18 -10.73 -53.89
CA LEU B 75 -3.79 -10.28 -53.96
C LEU B 75 -3.11 -10.73 -55.26
N ASP B 76 -3.36 -11.99 -55.65
CA ASP B 76 -2.83 -12.54 -56.90
C ASP B 76 -3.40 -11.81 -58.11
N GLU B 77 -4.57 -11.21 -57.94
CA GLU B 77 -5.18 -10.42 -59.00
C GLU B 77 -4.54 -9.03 -59.08
N ALA B 78 -4.38 -8.39 -57.92
CA ALA B 78 -3.81 -7.05 -57.87
C ALA B 78 -2.37 -7.01 -58.35
N LEU B 79 -1.58 -7.99 -57.90
CA LEU B 79 -0.17 -8.09 -58.27
C LEU B 79 0.11 -9.48 -58.80
N PRO B 80 -0.17 -9.71 -60.09
CA PRO B 80 -0.14 -11.05 -60.69
C PRO B 80 1.23 -11.55 -61.10
N LYS B 81 2.15 -10.64 -61.39
CA LYS B 81 3.47 -11.02 -61.92
C LYS B 81 4.36 -11.67 -60.86
N GLU B 82 5.28 -12.52 -61.32
CA GLU B 82 6.16 -13.27 -60.43
C GLU B 82 7.06 -12.35 -59.61
N ASP B 83 7.56 -11.30 -60.25
CA ASP B 83 8.50 -10.38 -59.61
C ASP B 83 7.81 -9.22 -58.90
N ASP B 84 6.52 -9.38 -58.62
CA ASP B 84 5.78 -8.40 -57.83
C ASP B 84 5.97 -8.68 -56.35
N TRP B 85 6.34 -9.91 -56.03
CA TRP B 85 6.52 -10.33 -54.65
C TRP B 85 7.93 -10.84 -54.37
N TYR B 86 8.38 -10.65 -53.13
CA TYR B 86 9.58 -11.32 -52.63
C TYR B 86 9.16 -12.28 -51.53
N THR B 87 9.69 -13.50 -51.56
CA THR B 87 9.36 -14.49 -50.54
C THR B 87 10.48 -14.55 -49.50
N HIS B 88 10.09 -14.51 -48.22
CA HIS B 88 11.05 -14.49 -47.13
C HIS B 88 10.74 -15.54 -46.07
N GLN B 89 11.81 -16.10 -45.51
CA GLN B 89 11.73 -17.00 -44.37
C GLN B 89 11.67 -16.14 -43.11
N ARG B 90 10.85 -16.56 -42.15
CA ARG B 90 10.72 -15.80 -40.91
C ARG B 90 11.94 -15.96 -40.02
N ILE B 91 12.63 -14.86 -39.78
CA ILE B 91 13.74 -14.85 -38.84
C ILE B 91 13.44 -13.86 -37.72
N SER B 92 13.08 -14.39 -36.54
CA SER B 92 12.67 -13.55 -35.43
C SER B 92 13.45 -13.86 -34.15
N TYR B 93 13.82 -12.82 -33.41
CA TYR B 93 14.57 -12.99 -32.18
C TYR B 93 14.06 -12.07 -31.06
N VAL B 94 14.49 -12.35 -29.84
CA VAL B 94 14.10 -11.58 -28.67
C VAL B 94 15.35 -11.11 -27.93
N ARG B 95 15.41 -9.83 -27.59
CA ARG B 95 16.57 -9.27 -26.90
C ARG B 95 16.43 -9.42 -25.40
N CYS B 96 17.19 -10.36 -24.83
CA CYS B 96 17.16 -10.59 -23.39
C CYS B 96 18.57 -10.75 -22.84
N GLN B 97 19.06 -9.70 -22.19
CA GLN B 97 20.38 -9.71 -21.55
C GLN B 97 21.53 -9.99 -22.54
N GLY B 98 21.70 -9.08 -23.49
CA GLY B 98 22.77 -9.18 -24.47
C GLY B 98 22.70 -10.40 -25.35
N GLN B 99 21.51 -10.96 -25.50
CA GLN B 99 21.33 -12.19 -26.28
C GLN B 99 20.28 -12.03 -27.36
N TRP B 100 20.41 -12.82 -28.43
CA TRP B 100 19.35 -12.95 -29.42
C TRP B 100 18.69 -14.31 -29.28
N VAL B 101 17.54 -14.33 -28.59
CA VAL B 101 16.84 -15.58 -28.30
C VAL B 101 15.81 -15.92 -29.37
N PRO B 102 16.00 -17.06 -30.06
CA PRO B 102 15.13 -17.52 -31.14
C PRO B 102 13.65 -17.60 -30.75
N TYR B 103 12.81 -16.90 -31.49
CA TYR B 103 11.35 -16.96 -31.31
C TYR B 103 10.88 -18.38 -31.57
N PRO B 104 9.95 -18.89 -30.73
CA PRO B 104 9.39 -18.20 -29.56
C PRO B 104 10.29 -18.31 -28.34
N PHE B 105 10.39 -17.21 -27.59
CA PHE B 105 11.22 -17.12 -26.40
C PHE B 105 11.02 -18.30 -25.46
N GLN B 106 9.76 -18.54 -25.11
CA GLN B 106 9.40 -19.59 -24.16
C GLN B 106 9.85 -20.99 -24.58
N ASN B 107 10.22 -21.14 -25.85
CA ASN B 107 10.65 -22.44 -26.35
C ASN B 107 12.16 -22.54 -26.59
N ASN B 108 12.88 -21.46 -26.33
CA ASN B 108 14.33 -21.43 -26.58
C ASN B 108 15.17 -21.04 -25.36
N ILE B 109 14.72 -21.48 -24.18
CA ILE B 109 15.36 -21.18 -22.91
C ILE B 109 16.86 -21.52 -22.92
N SER B 110 17.22 -22.48 -23.75
CA SER B 110 18.62 -22.93 -23.91
C SER B 110 19.58 -21.79 -24.20
N MET B 111 19.09 -20.71 -24.80
CA MET B 111 19.95 -19.60 -25.19
C MET B 111 20.06 -18.53 -24.11
N LEU B 112 19.63 -18.88 -22.89
CA LEU B 112 19.65 -17.95 -21.78
C LEU B 112 20.83 -18.24 -20.85
N PRO B 113 21.18 -17.28 -19.97
CA PRO B 113 22.14 -17.58 -18.90
C PRO B 113 21.63 -18.73 -18.04
N LYS B 114 22.56 -19.52 -17.48
CA LYS B 114 22.18 -20.67 -16.65
C LYS B 114 21.29 -20.25 -15.48
N GLU B 115 21.66 -19.15 -14.84
CA GLU B 115 20.92 -18.63 -13.70
C GLU B 115 19.45 -18.39 -14.02
N GLU B 116 19.19 -17.91 -15.24
CA GLU B 116 17.82 -17.64 -15.67
C GLU B 116 17.13 -18.91 -16.17
N GLN B 117 17.92 -19.81 -16.77
CA GLN B 117 17.41 -21.11 -17.17
C GLN B 117 16.82 -21.84 -15.97
N VAL B 118 17.52 -21.76 -14.85
CA VAL B 118 17.06 -22.37 -13.60
C VAL B 118 15.68 -21.85 -13.19
N LYS B 119 15.55 -20.52 -13.11
CA LYS B 119 14.29 -19.88 -12.75
C LYS B 119 13.15 -20.29 -13.68
N CYS B 120 13.41 -20.19 -14.98
CA CYS B 120 12.42 -20.51 -16.00
C CYS B 120 11.94 -21.95 -15.91
N ILE B 121 12.88 -22.89 -15.83
CA ILE B 121 12.52 -24.30 -15.73
C ILE B 121 11.79 -24.61 -14.43
N ASP B 122 12.18 -23.93 -13.36
CA ASP B 122 11.49 -24.08 -12.07
C ASP B 122 10.02 -23.68 -12.18
N GLY B 123 9.79 -22.45 -12.66
CA GLY B 123 8.44 -21.96 -12.87
C GLY B 123 7.64 -22.88 -13.79
N MET B 124 8.31 -23.41 -14.81
CA MET B 124 7.69 -24.34 -15.75
C MET B 124 7.23 -25.63 -15.09
N ILE B 125 8.05 -26.18 -14.21
CA ILE B 125 7.72 -27.41 -13.48
C ILE B 125 6.55 -27.15 -12.53
N ASP B 126 6.58 -25.98 -11.89
CA ASP B 126 5.48 -25.55 -11.04
C ASP B 126 4.17 -25.54 -11.82
N ALA B 127 4.17 -24.72 -12.86
CA ALA B 127 2.99 -24.52 -13.72
C ALA B 127 2.47 -25.80 -14.33
N ALA B 128 3.38 -26.69 -14.72
CA ALA B 128 3.01 -27.96 -15.32
C ALA B 128 2.33 -28.86 -14.29
N LEU B 129 2.94 -28.94 -13.11
CA LEU B 129 2.39 -29.75 -12.03
C LEU B 129 1.00 -29.28 -11.62
N GLU B 130 0.81 -27.97 -11.54
CA GLU B 130 -0.51 -27.43 -11.22
C GLU B 130 -1.52 -27.60 -12.35
N ALA B 131 -1.04 -27.52 -13.59
CA ALA B 131 -1.89 -27.66 -14.76
C ALA B 131 -2.39 -29.09 -14.90
N ARG B 132 -1.61 -30.05 -14.40
CA ARG B 132 -2.02 -31.45 -14.42
C ARG B 132 -3.29 -31.67 -13.60
N VAL B 133 -3.56 -30.74 -12.69
CA VAL B 133 -4.60 -30.87 -11.70
C VAL B 133 -5.74 -29.85 -11.90
N ALA B 134 -5.44 -28.75 -12.58
CA ALA B 134 -6.41 -27.66 -12.73
C ALA B 134 -7.67 -28.10 -13.47
N ASN B 135 -8.79 -27.45 -13.12
CA ASN B 135 -10.06 -27.73 -13.76
C ASN B 135 -10.73 -26.45 -14.27
N THR B 136 -10.37 -25.32 -13.65
CA THR B 136 -10.95 -24.03 -14.01
C THR B 136 -10.26 -23.42 -15.22
N LYS B 137 -10.70 -22.22 -15.60
CA LYS B 137 -10.12 -21.48 -16.72
C LYS B 137 -9.49 -20.19 -16.23
N PRO B 138 -8.46 -19.70 -16.94
CA PRO B 138 -7.80 -18.44 -16.58
C PRO B 138 -8.75 -17.25 -16.71
N LYS B 139 -8.74 -16.38 -15.69
CA LYS B 139 -9.58 -15.19 -15.71
C LYS B 139 -8.92 -14.09 -16.53
N THR B 140 -7.61 -13.93 -16.36
CA THR B 140 -6.88 -12.87 -17.04
C THR B 140 -5.70 -13.39 -17.88
N PHE B 141 -5.17 -12.50 -18.71
CA PHE B 141 -4.01 -12.79 -19.55
C PHE B 141 -2.86 -13.20 -18.65
N ASP B 142 -2.67 -12.45 -17.57
CA ASP B 142 -1.60 -12.73 -16.63
C ASP B 142 -1.72 -14.15 -16.08
N GLU B 143 -2.93 -14.51 -15.64
CA GLU B 143 -3.20 -15.87 -15.16
C GLU B 143 -2.86 -16.90 -16.23
N TRP B 144 -3.28 -16.65 -17.47
CA TRP B 144 -3.02 -17.58 -18.57
C TRP B 144 -1.52 -17.80 -18.75
N ILE B 145 -0.78 -16.69 -18.67
CA ILE B 145 0.68 -16.72 -18.77
C ILE B 145 1.30 -17.56 -17.67
N VAL B 146 0.86 -17.33 -16.43
CA VAL B 146 1.38 -18.09 -15.30
C VAL B 146 1.09 -19.58 -15.44
N ARG B 147 -0.13 -19.91 -15.85
CA ARG B 147 -0.54 -21.30 -15.98
C ARG B 147 0.23 -22.00 -17.10
N MET B 148 0.50 -21.28 -18.17
CA MET B 148 1.05 -21.90 -19.37
C MET B 148 2.58 -21.87 -19.44
N MET B 149 3.21 -21.00 -18.66
CA MET B 149 4.66 -20.83 -18.77
C MET B 149 5.39 -20.88 -17.43
N GLY B 150 4.85 -20.19 -16.45
CA GLY B 150 5.50 -20.12 -15.14
C GLY B 150 5.97 -18.73 -14.81
N THR B 151 6.18 -18.49 -13.52
CA THR B 151 6.53 -17.18 -13.01
C THR B 151 7.88 -16.69 -13.51
N GLY B 152 8.77 -17.62 -13.81
CA GLY B 152 10.10 -17.27 -14.29
C GLY B 152 10.02 -16.58 -15.65
N ILE B 153 9.43 -17.26 -16.62
CA ILE B 153 9.25 -16.70 -17.94
C ILE B 153 8.31 -15.49 -17.89
N ALA B 154 7.30 -15.56 -17.03
CA ALA B 154 6.34 -14.48 -16.86
C ALA B 154 7.01 -13.17 -16.45
N ASP B 155 7.92 -13.24 -15.48
CA ASP B 155 8.61 -12.06 -14.98
C ASP B 155 9.78 -11.64 -15.86
N LEU B 156 10.42 -12.61 -16.51
CA LEU B 156 11.58 -12.33 -17.34
C LEU B 156 11.21 -11.73 -18.70
N PHE B 157 10.07 -12.15 -19.25
CA PHE B 157 9.70 -11.74 -20.61
C PHE B 157 8.25 -11.27 -20.74
N MET B 158 7.32 -12.19 -20.48
CA MET B 158 5.90 -11.98 -20.73
C MET B 158 5.27 -10.70 -20.19
N ARG B 159 5.33 -10.51 -18.86
CA ARG B 159 4.76 -9.31 -18.24
C ARG B 159 5.36 -7.99 -18.75
N PRO B 160 6.70 -7.84 -18.66
CA PRO B 160 7.28 -6.56 -19.10
C PRO B 160 7.08 -6.29 -20.59
N TYR B 161 7.28 -7.31 -21.43
CA TYR B 161 7.08 -7.11 -22.87
C TYR B 161 5.63 -6.76 -23.18
N ASN B 162 4.69 -7.52 -22.63
CA ASN B 162 3.29 -7.30 -22.94
C ASN B 162 2.76 -5.97 -22.42
N PHE B 163 3.31 -5.47 -21.32
CA PHE B 163 2.98 -4.11 -20.94
C PHE B 163 3.60 -3.14 -21.93
N LYS B 164 4.81 -3.48 -22.38
CA LYS B 164 5.56 -2.62 -23.30
C LYS B 164 4.87 -2.47 -24.66
N VAL B 165 4.09 -3.47 -25.05
CA VAL B 165 3.37 -3.41 -26.32
C VAL B 165 1.91 -2.99 -26.15
N TRP B 166 1.20 -3.62 -25.22
CA TRP B 166 -0.23 -3.35 -25.03
C TRP B 166 -0.52 -2.08 -24.23
N ALA B 167 0.51 -1.53 -23.61
CA ALA B 167 0.41 -0.31 -22.80
C ALA B 167 -0.53 -0.46 -21.60
N VAL B 168 -0.87 -1.71 -21.27
CA VAL B 168 -1.66 -2.03 -20.09
C VAL B 168 -1.09 -3.28 -19.45
N PRO B 169 -1.21 -3.40 -18.11
CA PRO B 169 -0.74 -4.60 -17.42
C PRO B 169 -1.50 -5.85 -17.90
N THR B 170 -0.84 -7.00 -17.82
CA THR B 170 -1.42 -8.25 -18.30
C THR B 170 -2.56 -8.72 -17.41
N THR B 171 -2.73 -8.04 -16.28
CA THR B 171 -3.79 -8.37 -15.34
C THR B 171 -5.10 -7.69 -15.73
N LYS B 172 -5.03 -6.73 -16.64
CA LYS B 172 -6.22 -6.02 -17.08
C LYS B 172 -6.72 -6.50 -18.44
N MET B 173 -5.98 -7.44 -19.04
CA MET B 173 -6.36 -8.02 -20.32
C MET B 173 -6.98 -9.40 -20.17
N GLN B 174 -7.88 -9.74 -21.07
CA GLN B 174 -8.49 -11.06 -21.07
C GLN B 174 -7.52 -12.08 -21.66
N CYS B 175 -7.96 -13.32 -21.85
CA CYS B 175 -7.06 -14.37 -22.31
C CYS B 175 -7.67 -15.25 -23.41
N ALA B 176 -8.80 -14.81 -23.94
CA ALA B 176 -9.49 -15.56 -24.99
C ALA B 176 -8.92 -15.26 -26.37
N TRP B 177 -8.02 -14.28 -26.42
CA TRP B 177 -7.58 -13.74 -27.70
C TRP B 177 -6.31 -14.36 -28.27
N LEU B 178 -5.70 -15.27 -27.54
CA LEU B 178 -4.36 -15.74 -27.89
C LEU B 178 -4.28 -17.17 -28.43
N GLY B 179 -5.27 -17.57 -29.21
CA GLY B 179 -5.28 -18.90 -29.80
C GLY B 179 -4.06 -19.20 -30.64
N GLU B 180 -3.77 -18.33 -31.60
CA GLU B 180 -2.63 -18.51 -32.50
C GLU B 180 -1.57 -17.43 -32.29
N ARG B 181 -1.67 -16.73 -31.16
CA ARG B 181 -0.74 -15.65 -30.84
C ARG B 181 0.40 -16.12 -29.95
N VAL B 182 0.04 -16.59 -28.75
CA VAL B 182 1.03 -16.99 -27.77
C VAL B 182 1.15 -18.51 -27.69
N ALA B 183 2.36 -19.02 -27.92
CA ALA B 183 2.61 -20.46 -27.89
C ALA B 183 2.62 -21.02 -26.47
N ALA B 184 2.16 -22.25 -26.31
CA ALA B 184 2.19 -22.91 -25.01
C ALA B 184 3.35 -23.90 -24.92
N PRO B 185 4.37 -23.54 -24.14
CA PRO B 185 5.61 -24.34 -24.04
C PRO B 185 5.41 -25.68 -23.34
N ASN B 186 5.91 -26.74 -23.96
CA ASN B 186 5.88 -28.08 -23.37
C ASN B 186 7.14 -28.35 -22.55
N LEU B 187 6.94 -28.74 -21.30
CA LEU B 187 8.04 -28.91 -20.35
C LEU B 187 9.14 -29.87 -20.83
N LYS B 188 8.73 -31.05 -21.26
CA LYS B 188 9.67 -32.07 -21.74
C LYS B 188 10.54 -31.55 -22.88
N ALA B 189 9.90 -30.98 -23.89
CA ALA B 189 10.59 -30.45 -25.06
C ALA B 189 11.55 -29.33 -24.68
N VAL B 190 11.05 -28.39 -23.87
CA VAL B 190 11.86 -27.27 -23.40
C VAL B 190 13.11 -27.73 -22.66
N THR B 191 12.94 -28.60 -21.67
CA THR B 191 14.07 -29.08 -20.88
C THR B 191 15.04 -29.90 -21.73
N THR B 192 14.50 -30.64 -22.69
CA THR B 192 15.32 -31.39 -23.63
C THR B 192 16.20 -30.43 -24.43
N ASN B 193 15.61 -29.34 -24.89
CA ASN B 193 16.35 -28.30 -25.59
C ASN B 193 17.37 -27.59 -24.70
N VAL B 194 17.08 -27.50 -23.40
CA VAL B 194 18.01 -26.89 -22.45
C VAL B 194 19.22 -27.79 -22.25
N ILE B 195 18.98 -29.10 -22.25
CA ILE B 195 20.07 -30.07 -22.11
C ILE B 195 20.93 -30.13 -23.38
N LEU B 196 20.28 -30.19 -24.54
CA LEU B 196 20.99 -30.39 -25.80
C LEU B 196 21.45 -29.09 -26.46
N GLY B 197 21.05 -27.96 -25.90
CA GLY B 197 21.42 -26.65 -26.43
C GLY B 197 20.85 -26.34 -27.80
N LYS B 198 19.87 -27.13 -28.23
CA LYS B 198 19.27 -26.93 -29.55
C LYS B 198 18.25 -25.79 -29.56
N THR B 199 17.59 -25.63 -30.70
CA THR B 199 16.59 -24.58 -30.88
C THR B 199 15.28 -25.13 -31.45
N ALA B 200 14.26 -24.27 -31.52
CA ALA B 200 12.97 -24.63 -32.10
C ALA B 200 12.21 -23.38 -32.53
N GLY B 201 12.56 -22.85 -33.69
CA GLY B 201 11.95 -21.63 -34.19
C GLY B 201 10.98 -21.85 -35.33
N ASN B 202 10.20 -22.93 -35.23
CA ASN B 202 9.24 -23.27 -36.27
C ASN B 202 7.81 -22.83 -35.95
N TRP B 203 7.50 -22.69 -34.66
CA TRP B 203 6.15 -22.31 -34.25
C TRP B 203 5.82 -20.87 -34.68
N GLY B 204 4.57 -20.66 -35.03
CA GLY B 204 4.11 -19.35 -35.46
C GLY B 204 3.50 -19.40 -36.85
N PRO B 205 2.40 -18.66 -37.05
CA PRO B 205 1.71 -18.57 -38.34
C PRO B 205 2.62 -18.02 -39.44
N ASN B 206 3.66 -17.30 -39.06
CA ASN B 206 4.51 -16.59 -40.01
C ASN B 206 5.66 -17.40 -40.58
N ALA B 207 5.56 -18.73 -40.54
CA ALA B 207 6.63 -19.64 -40.97
C ALA B 207 7.38 -19.19 -42.23
N THR B 208 6.62 -18.91 -43.28
CA THR B 208 7.18 -18.34 -44.51
C THR B 208 6.19 -17.30 -45.04
N PHE B 209 6.67 -16.09 -45.33
CA PHE B 209 5.76 -15.03 -45.75
C PHE B 209 6.24 -14.35 -47.04
N ARG B 210 5.42 -13.44 -47.56
CA ARG B 210 5.79 -12.70 -48.77
C ARG B 210 5.56 -11.20 -48.58
N PHE B 211 6.25 -10.40 -49.39
CA PHE B 211 6.19 -8.95 -49.28
C PHE B 211 6.25 -8.30 -50.65
N PRO B 212 5.37 -7.31 -50.90
CA PRO B 212 5.32 -6.60 -52.19
C PRO B 212 6.65 -5.96 -52.56
N ALA B 213 7.10 -6.15 -53.78
CA ALA B 213 8.39 -5.67 -54.24
C ALA B 213 8.48 -4.15 -54.22
N ARG B 214 7.41 -3.49 -54.63
CA ARG B 214 7.42 -2.03 -54.76
C ARG B 214 6.24 -1.34 -54.05
N GLY B 215 6.53 -0.19 -53.44
CA GLY B 215 5.50 0.63 -52.81
C GLY B 215 5.08 0.18 -51.42
N GLY B 216 5.76 -0.82 -50.89
CA GLY B 216 5.44 -1.35 -49.57
C GLY B 216 4.09 -2.03 -49.57
N THR B 217 3.52 -2.24 -48.38
CA THR B 217 2.23 -2.92 -48.26
C THR B 217 1.08 -2.06 -48.80
N GLY B 218 1.26 -0.75 -48.80
CA GLY B 218 0.26 0.15 -49.33
C GLY B 218 0.03 -0.06 -50.82
N GLY B 219 1.09 -0.47 -51.51
CA GLY B 219 1.02 -0.72 -52.94
C GLY B 219 0.05 -1.85 -53.26
N ILE B 220 -0.04 -2.81 -52.34
CA ILE B 220 -0.98 -3.92 -52.46
C ILE B 220 -2.42 -3.41 -52.50
N TRP B 221 -2.73 -2.46 -51.63
CA TRP B 221 -4.10 -1.97 -51.52
C TRP B 221 -4.44 -0.92 -52.57
N ILE B 222 -3.44 -0.19 -53.05
CA ILE B 222 -3.62 0.67 -54.20
C ILE B 222 -3.93 -0.20 -55.42
N ALA B 223 -3.15 -1.28 -55.56
CA ALA B 223 -3.33 -2.20 -56.68
C ALA B 223 -4.68 -2.90 -56.63
N VAL B 224 -5.11 -3.26 -55.42
CA VAL B 224 -6.42 -3.87 -55.22
C VAL B 224 -7.53 -2.88 -55.57
N ALA B 225 -7.44 -1.67 -55.04
CA ALA B 225 -8.43 -0.63 -55.30
C ALA B 225 -8.52 -0.27 -56.78
N ASN B 226 -7.40 -0.44 -57.50
CA ASN B 226 -7.38 -0.16 -58.93
C ASN B 226 -8.21 -1.13 -59.77
N THR B 227 -8.69 -2.21 -59.14
CA THR B 227 -9.53 -3.18 -59.84
C THR B 227 -11.00 -2.84 -59.72
N LEU B 228 -11.29 -1.74 -59.03
CA LEU B 228 -12.66 -1.30 -58.82
C LEU B 228 -13.04 -0.21 -59.81
N PRO B 229 -14.32 -0.16 -60.21
CA PRO B 229 -14.81 0.92 -61.08
C PRO B 229 -14.63 2.27 -60.42
N LYS B 230 -13.87 3.15 -61.07
CA LYS B 230 -13.51 4.46 -60.51
C LYS B 230 -14.72 5.30 -60.10
N GLU B 231 -15.81 5.15 -60.83
CA GLU B 231 -17.00 5.95 -60.61
C GLU B 231 -17.78 5.52 -59.37
N LYS B 232 -17.55 4.30 -58.91
CA LYS B 232 -18.22 3.79 -57.73
C LYS B 232 -17.42 4.08 -56.46
N THR B 233 -16.28 4.76 -56.62
CA THR B 233 -15.44 5.13 -55.49
C THR B 233 -15.45 6.64 -55.26
N ARG B 234 -15.03 7.06 -54.07
CA ARG B 234 -14.98 8.48 -53.73
C ARG B 234 -13.94 8.72 -52.64
N PHE B 235 -12.70 8.96 -53.07
CA PHE B 235 -11.59 9.11 -52.14
C PHE B 235 -11.10 10.57 -52.05
N GLY B 236 -10.80 11.00 -50.83
CA GLY B 236 -10.33 12.35 -50.59
C GLY B 236 -11.28 13.16 -49.73
N GLU B 237 -11.16 14.48 -49.80
CA GLU B 237 -11.99 15.38 -49.02
C GLU B 237 -13.45 15.29 -49.47
N LYS B 238 -13.66 14.87 -50.71
CA LYS B 238 -15.00 14.72 -51.25
C LYS B 238 -15.69 13.48 -50.70
N GLY B 239 -14.91 12.57 -50.15
CA GLY B 239 -15.45 11.34 -49.60
C GLY B 239 -15.37 11.22 -48.09
N LYS B 240 -15.12 12.33 -47.41
CA LYS B 240 -15.01 12.33 -45.95
C LYS B 240 -16.38 12.40 -45.28
N VAL B 241 -16.78 11.31 -44.64
CA VAL B 241 -18.03 11.25 -43.90
C VAL B 241 -17.94 12.12 -42.65
N THR B 242 -18.89 13.04 -42.50
CA THR B 242 -18.89 13.91 -41.33
C THR B 242 -20.17 13.72 -40.52
N LYS B 243 -21.16 13.08 -41.12
CA LYS B 243 -22.43 12.89 -40.42
C LYS B 243 -23.09 11.57 -40.81
N VAL B 244 -23.72 10.91 -39.85
CA VAL B 244 -24.47 9.70 -40.12
C VAL B 244 -25.82 9.72 -39.41
N ASN B 245 -26.88 9.80 -40.20
CA ASN B 245 -28.23 9.76 -39.67
C ASN B 245 -28.84 8.38 -39.91
N ALA B 246 -28.85 7.57 -38.87
CA ALA B 246 -29.28 6.18 -38.96
C ALA B 246 -30.81 6.05 -38.98
N ASN B 247 -31.49 7.09 -38.49
CA ASN B 247 -32.95 7.08 -38.41
C ASN B 247 -33.61 7.13 -39.78
N ASN B 248 -33.02 7.91 -40.68
CA ASN B 248 -33.49 7.99 -42.06
C ASN B 248 -32.47 7.46 -43.05
N LYS B 249 -31.43 6.82 -42.52
CA LYS B 249 -30.40 6.14 -43.33
C LYS B 249 -29.72 7.03 -44.36
N THR B 250 -29.17 8.17 -43.92
CA THR B 250 -28.45 9.06 -44.82
C THR B 250 -27.09 9.47 -44.24
N VAL B 251 -26.07 9.46 -45.09
CA VAL B 251 -24.73 9.89 -44.69
C VAL B 251 -24.37 11.22 -45.34
N THR B 252 -23.92 12.17 -44.53
CA THR B 252 -23.50 13.48 -45.03
C THR B 252 -21.98 13.61 -45.06
N LEU B 253 -21.46 13.90 -46.24
CA LEU B 253 -20.01 14.04 -46.45
C LEU B 253 -19.54 15.45 -46.12
N GLN B 254 -18.26 15.71 -46.43
CA GLN B 254 -17.66 17.01 -46.12
C GLN B 254 -18.18 18.11 -47.04
N ASP B 255 -18.26 17.82 -48.34
CA ASP B 255 -18.72 18.80 -49.31
C ASP B 255 -20.22 19.07 -49.23
N GLY B 256 -20.94 18.27 -48.43
CA GLY B 256 -22.36 18.45 -48.26
C GLY B 256 -23.18 17.36 -48.94
N THR B 257 -22.54 16.62 -49.85
CA THR B 257 -23.21 15.55 -50.59
C THR B 257 -23.80 14.50 -49.66
N THR B 258 -25.09 14.21 -49.85
CA THR B 258 -25.76 13.21 -49.02
C THR B 258 -25.98 11.91 -49.79
N ILE B 259 -25.66 10.78 -49.14
CA ILE B 259 -25.86 9.47 -49.74
C ILE B 259 -26.91 8.69 -48.96
N GLY B 260 -27.79 8.00 -49.68
CA GLY B 260 -28.80 7.16 -49.05
C GLY B 260 -28.44 5.69 -49.16
N TYR B 261 -28.56 4.97 -48.06
CA TYR B 261 -28.19 3.56 -48.03
C TYR B 261 -29.29 2.68 -47.47
N LYS B 262 -29.37 1.44 -47.93
CA LYS B 262 -30.27 0.47 -47.32
C LYS B 262 -29.49 -0.29 -46.26
N LYS B 263 -28.22 -0.49 -46.53
CA LYS B 263 -27.31 -1.17 -45.61
C LYS B 263 -26.00 -0.39 -45.53
N LEU B 264 -25.49 -0.18 -44.32
CA LEU B 264 -24.22 0.53 -44.13
C LEU B 264 -23.11 -0.39 -43.63
N VAL B 265 -21.97 -0.33 -44.30
CA VAL B 265 -20.78 -1.07 -43.89
C VAL B 265 -19.70 -0.07 -43.49
N SER B 266 -19.56 0.17 -42.19
CA SER B 266 -18.64 1.18 -41.67
C SER B 266 -17.35 0.54 -41.15
N THR B 267 -16.21 1.03 -41.60
CA THR B 267 -14.93 0.46 -41.18
C THR B 267 -14.08 1.49 -40.44
N MET B 268 -14.66 2.66 -40.18
CA MET B 268 -14.00 3.68 -39.38
C MET B 268 -14.03 3.26 -37.93
N ALA B 269 -13.31 3.96 -37.07
CA ALA B 269 -13.32 3.65 -35.65
C ALA B 269 -14.73 3.81 -35.10
N VAL B 270 -15.17 2.82 -34.33
CA VAL B 270 -16.55 2.74 -33.87
C VAL B 270 -16.94 3.90 -32.94
N ASP B 271 -15.96 4.43 -32.20
CA ASP B 271 -16.22 5.58 -31.34
C ASP B 271 -16.46 6.82 -32.20
N PHE B 272 -15.68 6.94 -33.26
CA PHE B 272 -15.87 7.99 -34.25
C PHE B 272 -17.25 7.84 -34.90
N LEU B 273 -17.65 6.59 -35.11
CA LEU B 273 -18.96 6.27 -35.69
C LEU B 273 -20.11 6.75 -34.81
N ALA B 274 -20.03 6.43 -33.52
CA ALA B 274 -21.04 6.90 -32.57
C ALA B 274 -21.04 8.41 -32.50
N GLU B 275 -19.85 9.00 -32.50
CA GLU B 275 -19.70 10.45 -32.47
C GLU B 275 -20.38 11.09 -33.68
N ALA B 276 -20.34 10.39 -34.80
CA ALA B 276 -20.98 10.86 -36.03
C ALA B 276 -22.50 10.67 -35.97
N MET B 277 -22.92 9.62 -35.28
CA MET B 277 -24.34 9.32 -35.15
C MET B 277 -25.05 10.24 -34.18
N ASN B 278 -24.29 10.81 -33.24
CA ASN B 278 -24.86 11.60 -32.14
C ASN B 278 -25.78 10.78 -31.25
N ASP B 279 -25.50 9.47 -31.20
CA ASP B 279 -26.25 8.57 -30.33
C ASP B 279 -25.50 8.45 -29.01
N GLN B 280 -26.00 9.12 -27.99
CA GLN B 280 -25.30 9.18 -26.69
C GLN B 280 -25.16 7.81 -26.03
N GLU B 281 -26.14 6.95 -26.23
CA GLU B 281 -26.07 5.58 -25.72
C GLU B 281 -24.85 4.87 -26.29
N LEU B 282 -24.67 5.00 -27.61
CA LEU B 282 -23.57 4.34 -28.29
C LEU B 282 -22.22 5.01 -28.02
N VAL B 283 -22.23 6.34 -27.84
CA VAL B 283 -21.01 7.05 -27.49
C VAL B 283 -20.52 6.59 -26.12
N GLY B 284 -21.44 6.61 -25.16
CA GLY B 284 -21.15 6.16 -23.81
C GLY B 284 -20.73 4.70 -23.78
N LEU B 285 -21.34 3.89 -24.64
CA LEU B 285 -21.00 2.48 -24.71
C LEU B 285 -19.60 2.24 -25.28
N THR B 286 -19.25 3.01 -26.31
CA THR B 286 -17.95 2.87 -26.97
C THR B 286 -16.83 3.43 -26.11
N LYS B 287 -17.16 4.41 -25.27
CA LYS B 287 -16.13 5.02 -24.42
C LYS B 287 -15.68 4.08 -23.29
N GLN B 288 -16.22 2.87 -23.27
CA GLN B 288 -15.80 1.83 -22.35
C GLN B 288 -14.75 0.94 -23.01
N LEU B 289 -14.60 1.11 -24.31
CA LEU B 289 -13.59 0.39 -25.07
C LEU B 289 -12.22 1.05 -24.91
N PHE B 290 -11.15 0.27 -24.95
CA PHE B 290 -9.81 0.80 -24.73
C PHE B 290 -8.89 0.52 -25.92
N TYR B 291 -8.08 1.51 -26.27
CA TYR B 291 -7.12 1.38 -27.36
C TYR B 291 -5.78 1.99 -26.97
N SER B 292 -4.75 1.72 -27.78
CA SER B 292 -3.44 2.28 -27.55
C SER B 292 -2.87 2.93 -28.82
N SER B 293 -2.40 4.17 -28.69
CA SER B 293 -1.81 4.88 -29.81
C SER B 293 -0.47 4.26 -30.19
N THR B 294 -0.11 4.34 -31.48
CA THR B 294 1.14 3.77 -31.95
C THR B 294 2.08 4.80 -32.58
N HIS B 295 3.32 4.83 -32.08
CA HIS B 295 4.37 5.66 -32.67
C HIS B 295 5.25 4.82 -33.59
N VAL B 296 5.30 5.19 -34.86
CA VAL B 296 6.18 4.51 -35.82
C VAL B 296 7.42 5.37 -36.08
N ILE B 297 8.58 4.77 -35.84
CA ILE B 297 9.86 5.45 -36.01
C ILE B 297 10.66 4.77 -37.11
N GLY B 298 11.16 5.56 -38.06
CA GLY B 298 11.96 5.02 -39.14
C GLY B 298 13.37 5.56 -39.10
N VAL B 299 14.36 4.69 -39.33
CA VAL B 299 15.74 5.14 -39.40
C VAL B 299 16.47 4.56 -40.60
N GLY B 300 16.91 5.43 -41.50
CA GLY B 300 17.70 5.03 -42.64
C GLY B 300 19.17 5.29 -42.38
N VAL B 301 19.98 4.26 -42.48
CA VAL B 301 21.37 4.31 -42.07
C VAL B 301 22.32 3.85 -43.19
N ARG B 302 23.41 4.60 -43.36
CA ARG B 302 24.38 4.34 -44.44
C ARG B 302 25.24 3.11 -44.18
N GLY B 303 25.50 2.36 -45.25
CA GLY B 303 26.39 1.22 -45.17
C GLY B 303 25.72 -0.08 -45.56
N SER B 304 26.53 -1.09 -45.89
CA SER B 304 26.02 -2.41 -46.18
C SER B 304 25.39 -3.00 -44.92
N ARG B 305 24.50 -3.96 -45.11
CA ARG B 305 23.86 -4.64 -43.98
C ARG B 305 24.91 -5.34 -43.14
N PRO B 306 25.04 -4.93 -41.87
CA PRO B 306 26.05 -5.47 -40.95
C PRO B 306 25.92 -6.97 -40.76
N GLU B 307 27.03 -7.62 -40.46
CA GLU B 307 27.05 -9.05 -40.17
C GLU B 307 26.27 -9.32 -38.89
N ARG B 308 26.24 -8.31 -38.02
CA ARG B 308 25.58 -8.40 -36.72
C ARG B 308 24.08 -8.53 -36.86
N ILE B 309 23.53 -7.97 -37.93
CA ILE B 309 22.09 -8.04 -38.19
C ILE B 309 21.71 -9.32 -38.95
N GLY B 310 22.49 -9.65 -39.98
CA GLY B 310 22.21 -10.83 -40.78
C GLY B 310 20.85 -10.79 -41.47
N ASP B 311 20.22 -11.95 -41.59
CA ASP B 311 18.91 -12.03 -42.25
C ASP B 311 17.74 -11.93 -41.28
N LYS B 312 17.93 -11.17 -40.20
CA LYS B 312 16.87 -10.96 -39.22
C LYS B 312 15.75 -10.11 -39.78
N CYS B 313 14.50 -10.50 -39.51
CA CYS B 313 13.34 -9.76 -40.01
C CYS B 313 12.80 -8.79 -38.96
N TRP B 314 12.22 -9.33 -37.90
CA TRP B 314 11.77 -8.50 -36.78
C TRP B 314 12.20 -9.06 -35.42
N LEU B 315 12.35 -8.16 -34.46
CA LEU B 315 12.87 -8.49 -33.13
C LEU B 315 12.06 -7.86 -32.02
N TYR B 316 11.86 -8.61 -30.93
CA TYR B 316 11.13 -8.11 -29.78
C TYR B 316 12.07 -7.67 -28.67
N PHE B 317 11.73 -6.60 -27.97
CA PHE B 317 12.59 -6.05 -26.92
C PHE B 317 11.84 -5.87 -25.62
N PRO B 318 11.84 -6.91 -24.78
CA PRO B 318 11.12 -6.89 -23.50
C PRO B 318 11.81 -6.03 -22.44
N GLU B 319 13.10 -5.76 -22.61
CA GLU B 319 13.87 -5.01 -21.62
C GLU B 319 13.50 -3.53 -21.60
N ASP B 320 14.13 -2.77 -20.71
CA ASP B 320 13.80 -1.36 -20.54
C ASP B 320 14.93 -0.45 -21.00
N ASN B 321 15.89 -1.03 -21.72
CA ASN B 321 17.01 -0.28 -22.26
C ASN B 321 16.64 0.45 -23.55
N CYS B 322 15.37 0.36 -23.92
CA CYS B 322 14.83 1.01 -25.11
C CYS B 322 13.33 1.22 -24.94
N PRO B 323 12.75 2.22 -25.62
CA PRO B 323 11.32 2.52 -25.50
C PRO B 323 10.44 1.68 -26.44
N PHE B 324 11.04 1.11 -27.49
CA PHE B 324 10.29 0.34 -28.47
C PHE B 324 10.13 -1.14 -28.10
N TYR B 325 8.99 -1.72 -28.47
CA TYR B 325 8.72 -3.12 -28.18
C TYR B 325 9.10 -4.06 -29.34
N LYS B 326 9.20 -3.50 -30.53
CA LYS B 326 9.54 -4.31 -31.71
C LYS B 326 10.26 -3.50 -32.78
N ALA B 327 11.26 -4.12 -33.40
CA ALA B 327 12.00 -3.49 -34.47
C ALA B 327 11.95 -4.37 -35.72
N THR B 328 12.12 -3.75 -36.88
CA THR B 328 12.06 -4.49 -38.14
C THR B 328 13.13 -4.02 -39.10
N ILE B 329 13.90 -4.96 -39.65
CA ILE B 329 14.88 -4.64 -40.67
C ILE B 329 14.19 -4.54 -42.02
N PHE B 330 13.58 -3.39 -42.28
CA PHE B 330 12.76 -3.17 -43.46
C PHE B 330 13.54 -3.39 -44.77
N SER B 331 14.81 -3.00 -44.75
CA SER B 331 15.69 -3.14 -45.91
C SER B 331 15.81 -4.58 -46.41
N ASN B 332 15.57 -5.54 -45.52
CA ASN B 332 15.65 -6.95 -45.89
C ASN B 332 14.43 -7.41 -46.69
N TYR B 333 13.33 -6.67 -46.60
CA TYR B 333 12.10 -7.07 -47.28
C TYR B 333 12.16 -6.86 -48.79
N SER B 334 12.56 -5.67 -49.20
CA SER B 334 12.68 -5.36 -50.61
C SER B 334 13.68 -4.22 -50.85
N PRO B 335 14.57 -4.40 -51.84
CA PRO B 335 15.61 -3.44 -52.19
C PRO B 335 15.05 -2.07 -52.59
N TYR B 336 13.75 -2.01 -52.84
CA TYR B 336 13.11 -0.76 -53.25
C TYR B 336 12.45 -0.03 -52.10
N ASN B 337 12.70 -0.48 -50.87
CA ASN B 337 12.21 0.22 -49.70
C ASN B 337 13.13 1.39 -49.34
N GLN B 338 14.37 1.30 -49.83
CA GLN B 338 15.39 2.31 -49.55
C GLN B 338 16.07 2.69 -50.87
N PRO B 339 16.69 3.88 -50.92
CA PRO B 339 17.36 4.34 -52.15
C PRO B 339 18.43 3.37 -52.66
N GLU B 340 18.76 3.50 -53.94
CA GLU B 340 19.83 2.68 -54.52
C GLU B 340 21.17 3.11 -53.95
N ALA B 341 22.19 2.26 -54.10
CA ALA B 341 23.51 2.56 -53.56
C ALA B 341 24.12 3.79 -54.22
N SER B 342 23.83 3.97 -55.51
CA SER B 342 24.38 5.10 -56.27
C SER B 342 23.76 6.45 -55.89
N LYS B 343 22.77 6.43 -55.00
CA LYS B 343 22.15 7.66 -54.54
C LYS B 343 23.03 8.32 -53.49
N LYS B 344 23.25 9.63 -53.63
CA LYS B 344 24.09 10.35 -52.69
C LYS B 344 23.28 11.12 -51.66
N LEU B 345 23.58 10.89 -50.39
CA LEU B 345 22.86 11.54 -49.30
C LEU B 345 23.83 12.02 -48.23
N PRO B 346 23.49 13.15 -47.58
CA PRO B 346 24.30 13.66 -46.46
C PRO B 346 23.98 12.95 -45.16
N THR B 347 24.95 12.82 -44.27
CA THR B 347 24.74 12.20 -42.98
C THR B 347 24.07 13.18 -42.03
N MET B 348 22.87 12.83 -41.58
CA MET B 348 22.12 13.67 -40.64
C MET B 348 22.79 13.72 -39.27
N GLN B 349 23.22 12.56 -38.79
CA GLN B 349 23.89 12.47 -37.50
C GLN B 349 24.52 11.09 -37.32
N LEU B 350 25.27 10.92 -36.24
CA LEU B 350 25.76 9.61 -35.86
C LEU B 350 24.75 8.98 -34.90
N ALA B 351 24.89 7.68 -34.67
CA ALA B 351 23.95 6.95 -33.82
C ALA B 351 24.02 7.40 -32.37
N ASP B 352 25.12 8.03 -31.99
CA ASP B 352 25.29 8.54 -30.62
C ASP B 352 24.69 9.93 -30.46
N GLY B 353 24.15 10.47 -31.55
CA GLY B 353 23.48 11.76 -31.50
C GLY B 353 24.42 12.95 -31.52
N SER B 354 25.43 12.89 -32.38
CA SER B 354 26.37 13.99 -32.53
C SER B 354 26.50 14.41 -33.99
N ARG B 355 27.28 15.45 -34.23
CA ARG B 355 27.51 15.95 -35.58
C ARG B 355 28.30 14.95 -36.42
N PRO B 356 28.02 14.89 -37.74
CA PRO B 356 28.82 14.04 -38.63
C PRO B 356 30.19 14.66 -38.85
N GLN B 357 31.14 13.85 -39.32
CA GLN B 357 32.49 14.35 -39.59
C GLN B 357 32.52 15.02 -40.96
N SER B 358 31.42 14.89 -41.71
CA SER B 358 31.33 15.44 -43.05
C SER B 358 29.86 15.65 -43.45
N THR B 359 29.54 16.85 -43.92
CA THR B 359 28.17 17.17 -44.30
C THR B 359 27.98 17.18 -45.81
N GLU B 360 28.76 16.33 -46.49
CA GLU B 360 28.65 16.18 -47.93
C GLU B 360 27.85 14.93 -48.25
N ALA B 361 27.25 14.90 -49.45
CA ALA B 361 26.46 13.76 -49.87
C ALA B 361 27.37 12.62 -50.31
N LYS B 362 27.32 11.50 -49.58
CA LYS B 362 28.12 10.32 -49.92
C LYS B 362 27.23 9.23 -50.49
N GLU B 363 27.85 8.22 -51.09
CA GLU B 363 27.11 7.10 -51.67
C GLU B 363 26.62 6.13 -50.61
N GLY B 364 25.97 5.05 -51.06
CA GLY B 364 25.49 4.03 -50.15
C GLY B 364 26.47 2.89 -50.00
N PRO B 365 25.96 1.65 -49.87
CA PRO B 365 24.52 1.31 -49.86
C PRO B 365 23.85 1.68 -48.54
N TYR B 366 22.56 1.38 -48.42
CA TYR B 366 21.80 1.73 -47.24
C TYR B 366 21.05 0.54 -46.66
N TRP B 367 20.62 0.67 -45.42
CA TRP B 367 19.69 -0.28 -44.80
C TRP B 367 18.73 0.49 -43.90
N SER B 368 17.60 -0.14 -43.56
CA SER B 368 16.50 0.57 -42.90
C SER B 368 15.99 -0.16 -41.67
N ILE B 369 15.63 0.60 -40.63
CA ILE B 369 15.06 0.01 -39.42
C ILE B 369 13.75 0.70 -39.04
N MET B 370 12.76 -0.08 -38.60
CA MET B 370 11.47 0.46 -38.22
C MET B 370 11.01 -0.02 -36.84
N LEU B 371 10.88 0.94 -35.92
CA LEU B 371 10.52 0.65 -34.54
C LEU B 371 9.10 1.08 -34.23
N GLU B 372 8.49 0.41 -33.26
CA GLU B 372 7.15 0.76 -32.79
C GLU B 372 7.14 1.03 -31.29
N VAL B 373 6.52 2.14 -30.89
CA VAL B 373 6.42 2.51 -29.48
C VAL B 373 4.98 2.77 -29.08
N SER B 374 4.49 2.02 -28.10
CA SER B 374 3.08 2.13 -27.68
C SER B 374 2.82 3.30 -26.73
N GLU B 375 1.60 3.79 -26.75
CA GLU B 375 1.20 4.86 -25.86
C GLU B 375 -0.23 4.64 -25.36
N SER B 376 -0.46 4.97 -24.09
CA SER B 376 -1.81 4.99 -23.54
C SER B 376 -1.92 5.96 -22.37
N SER B 377 -2.97 5.82 -21.57
CA SER B 377 -3.13 6.64 -20.38
C SER B 377 -2.40 5.98 -19.21
N MET B 378 -1.96 4.74 -19.44
CA MET B 378 -1.17 4.00 -18.46
C MET B 378 0.29 3.97 -18.86
N LYS B 379 0.58 4.49 -20.06
CA LYS B 379 1.94 4.49 -20.59
C LYS B 379 2.12 5.63 -21.58
N PRO B 380 2.34 6.85 -21.07
CA PRO B 380 2.51 8.04 -21.92
C PRO B 380 3.91 8.09 -22.52
N VAL B 381 4.06 8.72 -23.69
CA VAL B 381 5.39 8.91 -24.28
C VAL B 381 5.64 10.39 -24.57
N ASN B 382 6.90 10.79 -24.61
CA ASN B 382 7.26 12.17 -24.90
C ASN B 382 7.65 12.29 -26.38
N GLN B 383 6.82 12.98 -27.17
CA GLN B 383 7.02 13.03 -28.61
C GLN B 383 8.32 13.67 -29.05
N GLU B 384 8.68 14.78 -28.41
CA GLU B 384 9.87 15.53 -28.80
C GLU B 384 11.16 14.76 -28.53
N THR B 385 11.10 13.79 -27.63
CA THR B 385 12.28 13.03 -27.24
C THR B 385 12.27 11.59 -27.77
N ILE B 386 11.10 11.13 -28.22
CA ILE B 386 10.92 9.72 -28.56
C ILE B 386 11.85 9.22 -29.67
N LEU B 387 12.17 10.08 -30.63
CA LEU B 387 13.08 9.71 -31.71
C LEU B 387 14.49 9.47 -31.18
N ALA B 388 15.01 10.45 -30.44
CA ALA B 388 16.32 10.35 -29.82
C ALA B 388 16.41 9.16 -28.88
N ASP B 389 15.32 8.89 -28.15
CA ASP B 389 15.26 7.76 -27.24
C ASP B 389 15.29 6.44 -28.01
N CYS B 390 14.68 6.46 -29.19
CA CYS B 390 14.63 5.28 -30.04
C CYS B 390 16.01 4.97 -30.64
N ILE B 391 16.68 6.01 -31.10
CA ILE B 391 18.03 5.84 -31.63
C ILE B 391 18.98 5.39 -30.51
N GLN B 392 18.83 6.02 -29.34
CA GLN B 392 19.66 5.69 -28.20
C GLN B 392 19.45 4.25 -27.76
N GLY B 393 18.20 3.79 -27.84
CA GLY B 393 17.87 2.41 -27.57
C GLY B 393 18.49 1.48 -28.61
N LEU B 394 18.56 1.97 -29.84
CA LEU B 394 19.22 1.21 -30.90
C LEU B 394 20.70 1.03 -30.60
N VAL B 395 21.30 2.05 -29.98
CA VAL B 395 22.67 1.94 -29.52
C VAL B 395 22.78 0.93 -28.38
N ASN B 396 21.92 1.09 -27.38
CA ASN B 396 21.96 0.26 -26.18
C ASN B 396 21.72 -1.22 -26.44
N THR B 397 20.98 -1.50 -27.51
CA THR B 397 20.68 -2.88 -27.88
C THR B 397 21.67 -3.42 -28.89
N GLU B 398 22.73 -2.67 -29.15
CA GLU B 398 23.76 -3.04 -30.11
C GLU B 398 23.19 -3.30 -31.51
N MET B 399 22.24 -2.46 -31.92
CA MET B 399 21.71 -2.49 -33.27
C MET B 399 22.58 -1.58 -34.12
N LEU B 400 22.90 -0.41 -33.58
CA LEU B 400 23.77 0.55 -34.25
C LEU B 400 24.99 0.84 -33.39
N LYS B 401 26.17 0.83 -34.02
CA LYS B 401 27.37 1.34 -33.37
C LYS B 401 27.22 2.84 -33.31
N PRO B 402 27.80 3.49 -32.29
CA PRO B 402 27.69 4.94 -32.17
C PRO B 402 28.38 5.68 -33.34
N THR B 403 29.14 4.93 -34.14
CA THR B 403 29.82 5.50 -35.30
C THR B 403 28.95 5.42 -36.56
N ASP B 404 27.89 4.62 -36.51
CA ASP B 404 26.99 4.46 -37.64
C ASP B 404 26.34 5.77 -38.05
N GLU B 405 26.35 6.04 -39.35
CA GLU B 405 25.83 7.28 -39.89
C GLU B 405 24.34 7.19 -40.22
N ILE B 406 23.53 8.00 -39.54
CA ILE B 406 22.10 8.04 -39.81
C ILE B 406 21.81 8.94 -41.01
N VAL B 407 21.09 8.39 -41.99
CA VAL B 407 20.80 9.12 -43.22
C VAL B 407 19.42 9.76 -43.21
N SER B 408 18.42 9.05 -42.67
CA SER B 408 17.06 9.58 -42.65
C SER B 408 16.29 9.21 -41.38
N THR B 409 15.34 10.07 -41.01
CA THR B 409 14.50 9.84 -39.84
C THR B 409 13.03 10.04 -40.13
N TYR B 410 12.21 9.15 -39.60
CA TYR B 410 10.77 9.19 -39.79
C TYR B 410 10.09 9.05 -38.44
N HIS B 411 8.98 9.76 -38.25
CA HIS B 411 8.19 9.62 -37.04
C HIS B 411 6.73 9.99 -37.26
N ARG B 412 5.84 9.05 -36.98
CA ARG B 412 4.42 9.33 -37.12
C ARG B 412 3.59 8.66 -36.03
N ARG B 413 2.68 9.43 -35.44
CA ARG B 413 1.85 8.92 -34.36
C ARG B 413 0.43 8.61 -34.83
N PHE B 414 0.01 7.37 -34.63
CA PHE B 414 -1.33 6.93 -35.00
C PHE B 414 -2.17 6.82 -33.73
N ASP B 415 -3.22 7.65 -33.63
CA ASP B 415 -4.07 7.71 -32.44
C ASP B 415 -4.69 6.36 -32.11
N HIS B 416 -5.32 5.75 -33.09
CA HIS B 416 -5.88 4.41 -32.91
C HIS B 416 -4.94 3.37 -33.52
N GLY B 417 -4.10 2.77 -32.67
CA GLY B 417 -3.14 1.78 -33.12
C GLY B 417 -3.57 0.35 -32.83
N TYR B 418 -3.72 0.03 -31.55
CA TYR B 418 -4.11 -1.31 -31.14
C TYR B 418 -5.46 -1.32 -30.42
N PRO B 419 -6.35 -2.23 -30.83
CA PRO B 419 -7.59 -2.47 -30.09
C PRO B 419 -7.34 -3.37 -28.88
N THR B 420 -7.18 -2.76 -27.71
CA THR B 420 -6.79 -3.50 -26.51
C THR B 420 -7.86 -4.50 -26.04
N PRO B 421 -7.49 -5.79 -25.97
CA PRO B 421 -8.36 -6.86 -25.50
C PRO B 421 -8.50 -6.86 -23.98
N THR B 422 -9.12 -5.84 -23.42
CA THR B 422 -9.29 -5.73 -21.98
C THR B 422 -10.36 -6.71 -21.51
N LEU B 423 -10.60 -6.73 -20.20
CA LEU B 423 -11.61 -7.60 -19.60
C LEU B 423 -13.01 -7.09 -19.88
N GLU B 424 -13.11 -5.77 -20.10
CA GLU B 424 -14.40 -5.11 -20.30
C GLU B 424 -14.81 -5.09 -21.78
N ARG B 425 -13.90 -5.52 -22.65
CA ARG B 425 -14.10 -5.42 -24.09
C ARG B 425 -15.39 -6.09 -24.55
N GLU B 426 -15.48 -7.41 -24.41
CA GLU B 426 -16.67 -8.16 -24.83
C GLU B 426 -17.93 -7.63 -24.17
N GLY B 427 -17.80 -7.17 -22.92
CA GLY B 427 -18.89 -6.57 -22.19
C GLY B 427 -19.44 -5.36 -22.93
N ALA B 428 -18.53 -4.61 -23.55
CA ALA B 428 -18.94 -3.44 -24.34
C ALA B 428 -19.43 -3.82 -25.74
N LEU B 429 -18.63 -4.64 -26.43
CA LEU B 429 -18.88 -5.03 -27.82
C LEU B 429 -20.16 -5.80 -28.05
N THR B 430 -20.48 -6.74 -27.17
CA THR B 430 -21.69 -7.53 -27.31
C THR B 430 -22.95 -6.68 -27.12
N GLN B 431 -22.74 -5.43 -26.74
CA GLN B 431 -23.83 -4.46 -26.66
C GLN B 431 -23.80 -3.55 -27.89
N ILE B 432 -22.61 -3.05 -28.18
CA ILE B 432 -22.41 -2.08 -29.26
C ILE B 432 -22.72 -2.65 -30.65
N LEU B 433 -22.16 -3.81 -30.96
CA LEU B 433 -22.33 -4.40 -32.29
C LEU B 433 -23.78 -4.79 -32.67
N PRO B 434 -24.49 -5.52 -31.78
CA PRO B 434 -25.88 -5.89 -32.12
C PRO B 434 -26.83 -4.70 -32.23
N LYS B 435 -26.55 -3.64 -31.48
CA LYS B 435 -27.37 -2.44 -31.53
C LYS B 435 -27.13 -1.64 -32.81
N LEU B 436 -25.91 -1.74 -33.35
CA LEU B 436 -25.60 -1.11 -34.61
C LEU B 436 -26.27 -1.84 -35.76
N GLN B 437 -26.32 -3.16 -35.64
CA GLN B 437 -26.86 -3.99 -36.71
C GLN B 437 -28.39 -3.92 -36.79
N ASP B 438 -29.01 -3.53 -35.68
CA ASP B 438 -30.45 -3.34 -35.64
C ASP B 438 -30.85 -2.01 -36.27
N LYS B 439 -29.84 -1.21 -36.60
CA LYS B 439 -30.06 0.00 -37.37
C LYS B 439 -29.49 -0.23 -38.78
N ASP B 440 -29.37 -1.51 -39.14
CA ASP B 440 -28.80 -1.92 -40.43
C ASP B 440 -27.41 -1.35 -40.68
N ILE B 441 -26.53 -1.47 -39.69
CA ILE B 441 -25.16 -0.97 -39.82
C ILE B 441 -24.15 -2.01 -39.38
N TRP B 442 -23.31 -2.44 -40.32
CA TRP B 442 -22.28 -3.44 -40.06
C TRP B 442 -20.94 -2.77 -39.83
N SER B 443 -20.59 -2.61 -38.56
CA SER B 443 -19.33 -1.98 -38.19
C SER B 443 -18.26 -3.03 -38.02
N ARG B 444 -17.35 -3.09 -39.00
CA ARG B 444 -16.33 -4.12 -39.05
C ARG B 444 -14.95 -3.49 -39.17
N GLY B 445 -13.92 -4.23 -38.79
CA GLY B 445 -12.56 -3.75 -38.94
C GLY B 445 -11.76 -3.75 -37.65
N ARG B 446 -10.52 -3.30 -37.74
CA ARG B 446 -9.62 -3.30 -36.60
C ARG B 446 -10.13 -2.35 -35.52
N PHE B 447 -10.86 -1.33 -35.92
CA PHE B 447 -11.50 -0.43 -34.98
C PHE B 447 -13.00 -0.27 -35.24
N GLY B 448 -13.49 -0.98 -36.26
CA GLY B 448 -14.91 -1.04 -36.51
C GLY B 448 -15.54 -2.09 -35.61
N SER B 449 -14.86 -3.22 -35.50
CA SER B 449 -15.33 -4.33 -34.67
C SER B 449 -14.40 -4.59 -33.46
N TRP B 450 -13.24 -3.93 -33.46
CA TRP B 450 -12.39 -3.82 -32.27
C TRP B 450 -11.81 -5.14 -31.74
N ARG B 451 -11.74 -6.18 -32.56
CA ARG B 451 -11.21 -7.46 -32.06
C ARG B 451 -9.84 -7.84 -32.63
N TYR B 452 -8.81 -7.65 -31.81
CA TYR B 452 -7.43 -7.89 -32.22
C TYR B 452 -7.18 -9.30 -32.71
N GLU B 453 -7.86 -10.27 -32.08
CA GLU B 453 -7.77 -11.68 -32.47
C GLU B 453 -7.85 -11.80 -33.97
N VAL B 454 -8.68 -10.96 -34.58
CA VAL B 454 -8.96 -11.05 -35.99
C VAL B 454 -8.81 -9.64 -36.58
N GLY B 455 -7.73 -8.96 -36.19
CA GLY B 455 -7.48 -7.58 -36.60
C GLY B 455 -6.33 -7.41 -37.58
N ASN B 456 -5.87 -8.53 -38.15
CA ASN B 456 -4.83 -8.50 -39.17
C ASN B 456 -5.41 -8.08 -40.53
N GLN B 457 -4.55 -7.97 -41.53
CA GLN B 457 -4.97 -7.48 -42.85
C GLN B 457 -5.98 -8.39 -43.52
N ASP B 458 -5.62 -9.67 -43.65
CA ASP B 458 -6.53 -10.67 -44.19
C ASP B 458 -7.83 -10.74 -43.40
N HIS B 459 -7.70 -10.68 -42.08
CA HIS B 459 -8.83 -10.74 -41.17
C HIS B 459 -9.82 -9.61 -41.45
N SER B 460 -9.28 -8.40 -41.64
CA SER B 460 -10.10 -7.22 -41.87
C SER B 460 -10.78 -7.31 -43.23
N PHE B 461 -9.98 -7.67 -44.23
CA PHE B 461 -10.45 -7.86 -45.60
C PHE B 461 -11.66 -8.77 -45.59
N MET B 462 -11.53 -9.89 -44.90
CA MET B 462 -12.62 -10.87 -44.81
C MET B 462 -13.72 -10.44 -43.85
N LEU B 463 -13.45 -9.44 -43.01
CA LEU B 463 -14.50 -8.87 -42.19
C LEU B 463 -15.46 -8.10 -43.10
N GLY B 464 -14.90 -7.27 -43.96
CA GLY B 464 -15.67 -6.54 -44.96
C GLY B 464 -16.39 -7.50 -45.88
N VAL B 465 -15.64 -8.47 -46.39
CA VAL B 465 -16.15 -9.45 -47.35
C VAL B 465 -17.32 -10.22 -46.77
N GLU B 466 -17.12 -10.79 -45.58
CA GLU B 466 -18.18 -11.56 -44.93
C GLU B 466 -19.36 -10.69 -44.49
N ALA B 467 -19.10 -9.42 -44.17
CA ALA B 467 -20.18 -8.52 -43.86
C ALA B 467 -21.11 -8.41 -45.06
N VAL B 468 -20.51 -8.12 -46.21
CA VAL B 468 -21.28 -8.01 -47.45
C VAL B 468 -21.99 -9.32 -47.81
N ASP B 469 -21.26 -10.43 -47.69
CA ASP B 469 -21.79 -11.74 -48.02
C ASP B 469 -22.94 -12.11 -47.10
N ASN B 470 -22.92 -11.56 -45.89
CA ASN B 470 -24.02 -11.73 -44.96
C ASN B 470 -25.22 -10.91 -45.42
N ILE B 471 -24.96 -9.64 -45.71
CA ILE B 471 -26.00 -8.70 -46.14
C ILE B 471 -26.76 -9.21 -47.38
N VAL B 472 -26.03 -9.82 -48.29
CA VAL B 472 -26.56 -10.28 -49.57
C VAL B 472 -27.02 -11.75 -49.52
N ASN B 473 -26.10 -12.65 -49.24
CA ASN B 473 -26.39 -14.08 -49.32
C ASN B 473 -26.68 -14.74 -47.96
N GLY B 474 -26.84 -13.93 -46.93
CA GLY B 474 -27.19 -14.45 -45.62
C GLY B 474 -26.13 -15.36 -45.05
N ALA B 475 -24.87 -15.12 -45.43
CA ALA B 475 -23.76 -15.92 -44.94
C ALA B 475 -23.50 -15.59 -43.48
N VAL B 476 -22.98 -16.56 -42.75
CA VAL B 476 -22.65 -16.37 -41.34
C VAL B 476 -21.28 -15.75 -41.21
N GLU B 477 -21.20 -14.65 -40.45
CA GLU B 477 -19.94 -13.94 -40.25
C GLU B 477 -19.00 -14.69 -39.32
N LEU B 478 -18.31 -15.69 -39.86
CA LEU B 478 -17.40 -16.53 -39.07
C LEU B 478 -16.17 -15.79 -38.56
N THR B 479 -15.63 -14.94 -39.42
CA THR B 479 -14.44 -14.18 -39.10
C THR B 479 -14.66 -13.25 -37.89
N LEU B 480 -15.87 -12.71 -37.77
CA LEU B 480 -16.20 -11.78 -36.69
C LEU B 480 -16.49 -12.45 -35.35
N ASN B 481 -17.33 -13.48 -35.36
CA ASN B 481 -17.84 -14.11 -34.14
C ASN B 481 -17.08 -15.36 -33.69
N TYR B 482 -16.28 -15.93 -34.59
CA TYR B 482 -15.55 -17.17 -34.28
C TYR B 482 -14.08 -17.16 -34.73
N PRO B 483 -13.26 -16.32 -34.07
CA PRO B 483 -11.85 -16.14 -34.41
C PRO B 483 -11.07 -17.43 -34.34
N ASP B 484 -11.35 -18.26 -33.34
CA ASP B 484 -10.65 -19.54 -33.22
C ASP B 484 -11.01 -20.46 -34.37
N PHE B 485 -12.27 -20.41 -34.78
CA PHE B 485 -12.75 -21.22 -35.88
C PHE B 485 -12.04 -20.85 -37.17
N VAL B 486 -12.01 -19.55 -37.50
CA VAL B 486 -11.37 -19.13 -38.73
C VAL B 486 -9.85 -19.28 -38.71
N ASN B 487 -9.23 -18.97 -37.57
CA ASN B 487 -7.78 -19.03 -37.45
C ASN B 487 -7.26 -20.46 -37.37
N GLY B 488 -8.13 -21.39 -36.97
CA GLY B 488 -7.74 -22.77 -36.82
C GLY B 488 -7.85 -23.61 -38.09
N ARG B 489 -8.37 -23.03 -39.15
CA ARG B 489 -8.63 -23.77 -40.38
C ARG B 489 -8.12 -23.08 -41.63
N GLN B 490 -8.15 -23.79 -42.75
CA GLN B 490 -7.85 -23.21 -44.05
C GLN B 490 -9.14 -22.88 -44.80
N ASN B 491 -9.45 -21.60 -44.88
CA ASN B 491 -10.67 -21.17 -45.55
C ASN B 491 -10.53 -21.13 -47.07
N THR B 492 -11.01 -22.20 -47.71
CA THR B 492 -10.81 -22.38 -49.14
C THR B 492 -12.11 -22.35 -49.95
N GLU B 493 -13.24 -22.13 -49.28
CA GLU B 493 -14.53 -22.14 -49.94
C GLU B 493 -14.81 -20.89 -50.79
N ARG B 494 -14.69 -19.73 -50.17
CA ARG B 494 -15.00 -18.47 -50.85
C ARG B 494 -13.85 -18.03 -51.75
N ARG B 495 -14.14 -17.86 -53.04
CA ARG B 495 -13.12 -17.45 -54.00
C ARG B 495 -13.54 -16.18 -54.74
N LEU B 496 -12.60 -15.56 -55.44
CA LEU B 496 -12.86 -14.34 -56.20
C LEU B 496 -13.77 -14.64 -57.41
N VAL B 497 -13.69 -15.87 -57.90
CA VAL B 497 -14.60 -16.36 -58.91
C VAL B 497 -15.40 -17.52 -58.32
N ASP B 498 -16.71 -17.30 -58.15
CA ASP B 498 -17.60 -18.32 -57.59
C ASP B 498 -18.49 -18.95 -58.66
N GLY B 499 -19.24 -19.97 -58.25
CA GLY B 499 -20.13 -20.68 -59.14
C GLY B 499 -21.16 -19.77 -59.78
N ALA B 500 -21.56 -18.74 -59.03
CA ALA B 500 -22.47 -17.73 -59.56
C ALA B 500 -21.86 -17.06 -60.79
N GLN B 501 -20.62 -16.61 -60.65
CA GLN B 501 -19.93 -15.93 -61.74
C GLN B 501 -19.73 -16.85 -62.93
N VAL B 502 -19.29 -18.08 -62.65
CA VAL B 502 -19.08 -19.07 -63.70
C VAL B 502 -20.36 -19.37 -64.49
N PHE B 503 -21.44 -19.64 -63.76
CA PHE B 503 -22.72 -20.03 -64.36
C PHE B 503 -23.36 -18.88 -65.12
N ALA B 504 -23.22 -17.67 -64.59
CA ALA B 504 -23.73 -16.48 -65.28
C ALA B 504 -22.95 -16.23 -66.56
N LYS B 505 -21.63 -16.41 -66.46
CA LYS B 505 -20.73 -16.26 -67.61
C LYS B 505 -21.06 -17.26 -68.71
N SER B 506 -21.40 -18.49 -68.32
CA SER B 506 -21.83 -19.51 -69.29
C SER B 506 -23.28 -19.29 -69.72
N LYS B 507 -24.00 -18.46 -68.99
CA LYS B 507 -25.40 -18.18 -69.26
C LYS B 507 -25.52 -17.12 -70.35
N ALA B 508 -24.72 -16.07 -70.26
CA ALA B 508 -24.72 -15.01 -71.27
C ALA B 508 -23.94 -15.42 -72.53
N GLN B 509 -23.34 -16.60 -72.48
CA GLN B 509 -22.55 -17.12 -73.59
C GLN B 509 -23.45 -17.65 -74.71
N LEU B 510 -24.69 -17.99 -74.35
CA LEU B 510 -25.60 -18.63 -75.31
C LEU B 510 -26.92 -17.88 -75.39
N THR C 1 -8.06 -24.40 66.24
CA THR C 1 -6.63 -24.11 66.25
C THR C 1 -6.37 -22.60 66.25
N HIS C 2 -5.27 -22.20 66.89
CA HIS C 2 -4.91 -20.79 66.97
C HIS C 2 -3.84 -20.42 65.95
N PRO C 3 -3.87 -19.17 65.47
CA PRO C 3 -2.86 -18.66 64.54
C PRO C 3 -1.56 -18.36 65.29
N ASP C 4 -0.45 -18.28 64.57
CA ASP C 4 0.83 -17.95 65.19
C ASP C 4 0.86 -16.49 65.62
N ILE C 5 0.16 -15.65 64.87
CA ILE C 5 0.06 -14.23 65.17
C ILE C 5 -1.39 -13.77 65.04
N SER C 6 -1.79 -12.81 65.86
CA SER C 6 -3.14 -12.26 65.78
C SER C 6 -3.13 -10.73 65.86
N VAL C 7 -3.70 -10.09 64.83
CA VAL C 7 -3.82 -8.64 64.80
C VAL C 7 -5.24 -8.22 64.46
N ASP C 8 -5.57 -6.97 64.82
CA ASP C 8 -6.88 -6.43 64.49
C ASP C 8 -6.94 -6.08 63.01
N VAL C 9 -5.86 -5.50 62.51
CA VAL C 9 -5.76 -5.12 61.11
C VAL C 9 -4.48 -5.69 60.48
N LEU C 10 -4.63 -6.51 59.45
CA LEU C 10 -3.49 -7.06 58.70
C LEU C 10 -3.37 -6.35 57.37
N VAL C 11 -2.19 -5.81 57.08
CA VAL C 11 -1.93 -5.11 55.82
C VAL C 11 -1.00 -5.94 54.93
N ILE C 12 -1.45 -6.27 53.73
CA ILE C 12 -0.65 -7.03 52.78
C ILE C 12 -0.07 -6.12 51.70
N GLY C 13 1.26 -6.14 51.56
CA GLY C 13 1.92 -5.32 50.57
C GLY C 13 2.47 -4.04 51.13
N ALA C 14 3.76 -3.80 50.89
CA ALA C 14 4.44 -2.62 51.39
C ALA C 14 4.66 -1.59 50.28
N GLY C 15 3.75 -1.55 49.31
CA GLY C 15 3.78 -0.50 48.31
C GLY C 15 3.20 0.76 48.94
N PRO C 16 3.08 1.84 48.16
CA PRO C 16 2.54 3.12 48.65
C PRO C 16 1.21 3.01 49.40
N THR C 17 0.30 2.19 48.89
CA THR C 17 -0.99 1.96 49.53
C THR C 17 -0.84 1.32 50.91
N GLY C 18 -0.19 0.17 50.95
CA GLY C 18 0.04 -0.55 52.19
C GLY C 18 0.79 0.26 53.21
N LEU C 19 1.75 1.04 52.74
CA LEU C 19 2.52 1.92 53.62
C LEU C 19 1.65 3.07 54.10
N GLY C 20 0.64 3.44 53.32
CA GLY C 20 -0.29 4.47 53.75
C GLY C 20 -1.12 3.93 54.90
N ALA C 21 -1.63 2.71 54.70
CA ALA C 21 -2.41 2.03 55.72
C ALA C 21 -1.59 1.94 57.01
N ALA C 22 -0.36 1.48 56.88
CA ALA C 22 0.55 1.34 58.01
C ALA C 22 0.83 2.67 58.70
N LYS C 23 0.98 3.72 57.91
CA LYS C 23 1.26 5.05 58.46
C LYS C 23 0.10 5.55 59.32
N ARG C 24 -1.12 5.44 58.79
CA ARG C 24 -2.29 5.89 59.54
C ARG C 24 -2.51 5.03 60.79
N LEU C 25 -2.39 3.71 60.63
CA LEU C 25 -2.50 2.79 61.77
C LEU C 25 -1.54 3.15 62.90
N ASN C 26 -0.27 3.33 62.53
CA ASN C 26 0.77 3.67 63.49
C ASN C 26 0.56 5.06 64.09
N GLN C 27 -0.14 5.92 63.34
CA GLN C 27 -0.42 7.27 63.82
C GLN C 27 -1.47 7.23 64.91
N ILE C 28 -2.57 6.54 64.63
CA ILE C 28 -3.66 6.41 65.58
C ILE C 28 -3.20 5.67 66.82
N ASP C 29 -2.39 4.65 66.59
CA ASP C 29 -1.88 3.78 67.65
C ASP C 29 -3.01 3.16 68.44
N GLY C 30 -4.04 2.72 67.72
CA GLY C 30 -5.19 2.10 68.36
C GLY C 30 -5.10 0.59 68.31
N PRO C 31 -5.76 -0.02 67.32
CA PRO C 31 -5.77 -1.48 67.16
C PRO C 31 -4.39 -2.04 66.84
N SER C 32 -4.18 -3.31 67.17
CA SER C 32 -2.95 -4.00 66.82
C SER C 32 -2.90 -4.19 65.31
N TRP C 33 -1.73 -3.98 64.73
CA TRP C 33 -1.58 -4.07 63.27
C TRP C 33 -0.25 -4.65 62.84
N MET C 34 -0.23 -5.17 61.62
CA MET C 34 0.96 -5.80 61.07
C MET C 34 0.96 -5.69 59.55
N ILE C 35 2.12 -5.36 58.98
CA ILE C 35 2.24 -5.25 57.53
C ILE C 35 3.28 -6.23 56.97
N VAL C 36 2.90 -6.95 55.91
CA VAL C 36 3.79 -7.94 55.32
C VAL C 36 4.05 -7.64 53.84
N ASP C 37 5.16 -8.14 53.30
CA ASP C 37 5.47 -8.02 51.88
C ASP C 37 6.44 -9.12 51.43
N SER C 38 6.26 -9.61 50.21
CA SER C 38 7.12 -10.66 49.66
C SER C 38 8.49 -10.11 49.27
N ASN C 39 8.59 -8.80 49.21
CA ASN C 39 9.85 -8.14 48.83
C ASN C 39 10.54 -7.56 50.06
N GLU C 40 11.83 -7.82 50.18
CA GLU C 40 12.63 -7.29 51.29
C GLU C 40 12.71 -5.77 51.27
N THR C 41 12.46 -5.18 50.10
CA THR C 41 12.50 -3.72 49.97
C THR C 41 11.11 -3.15 49.75
N PRO C 42 10.67 -2.25 50.65
CA PRO C 42 9.38 -1.59 50.53
C PRO C 42 9.37 -0.54 49.40
N GLY C 43 8.27 -0.47 48.66
CA GLY C 43 8.15 0.53 47.61
C GLY C 43 7.26 0.06 46.48
N GLY C 44 7.21 -1.25 46.28
CA GLY C 44 6.41 -1.86 45.24
C GLY C 44 6.81 -1.42 43.83
N LEU C 45 5.83 -0.99 43.05
CA LEU C 45 6.09 -0.49 41.71
C LEU C 45 6.74 0.89 41.75
N ALA C 46 6.69 1.53 42.92
CA ALA C 46 7.28 2.86 43.07
C ALA C 46 8.74 2.79 43.53
N SER C 47 9.36 1.63 43.30
CA SER C 47 10.75 1.42 43.70
C SER C 47 11.74 1.79 42.59
N THR C 48 13.03 1.67 42.90
CA THR C 48 14.09 2.04 41.98
C THR C 48 15.05 0.88 41.70
N ASP C 49 15.37 0.68 40.43
CA ASP C 49 16.36 -0.32 40.03
C ASP C 49 17.67 0.36 39.65
N VAL C 50 18.76 -0.40 39.72
CA VAL C 50 20.07 0.13 39.32
C VAL C 50 20.80 -0.86 38.41
N THR C 51 21.36 -0.35 37.31
CA THR C 51 22.14 -1.16 36.38
C THR C 51 23.54 -1.38 36.94
N PRO C 52 24.22 -2.45 36.50
CA PRO C 52 25.60 -2.73 36.92
C PRO C 52 26.57 -1.59 36.60
N GLU C 53 26.15 -0.66 35.75
CA GLU C 53 27.00 0.46 35.37
C GLU C 53 26.69 1.73 36.17
N GLY C 54 25.75 1.60 37.12
CA GLY C 54 25.48 2.67 38.07
C GLY C 54 24.40 3.65 37.66
N PHE C 55 23.51 3.22 36.79
CA PHE C 55 22.41 4.07 36.37
C PHE C 55 21.12 3.74 37.11
N LEU C 56 20.49 4.76 37.68
CA LEU C 56 19.22 4.59 38.37
C LEU C 56 18.05 4.65 37.40
N TYR C 57 17.04 3.84 37.65
CA TYR C 57 15.82 3.85 36.84
C TYR C 57 14.60 3.50 37.69
N ASP C 58 13.63 4.41 37.72
CA ASP C 58 12.35 4.12 38.36
C ASP C 58 11.55 3.12 37.53
N VAL C 59 10.23 3.14 37.70
CA VAL C 59 9.35 2.34 36.86
C VAL C 59 8.48 3.29 36.03
N GLY C 60 9.12 3.95 35.07
CA GLY C 60 8.45 4.89 34.19
C GLY C 60 8.59 6.35 34.59
N GLY C 61 9.61 6.66 35.38
CA GLY C 61 9.86 8.03 35.80
C GLY C 61 8.70 8.63 36.56
N HIS C 62 8.58 8.26 37.83
CA HIS C 62 7.45 8.66 38.66
C HIS C 62 7.59 10.10 39.14
N VAL C 63 6.58 10.91 38.81
CA VAL C 63 6.60 12.33 39.15
C VAL C 63 5.49 12.64 40.16
N ILE C 64 5.81 13.45 41.17
CA ILE C 64 4.86 13.69 42.26
C ILE C 64 4.12 15.03 42.18
N PHE C 65 2.80 14.95 42.11
CA PHE C 65 1.92 16.07 42.43
C PHE C 65 0.85 15.57 43.38
N SER C 66 0.90 16.02 44.63
CA SER C 66 0.01 15.50 45.66
C SER C 66 -1.26 16.31 45.78
N HIS C 67 -2.38 15.62 45.94
CA HIS C 67 -3.66 16.27 46.21
C HIS C 67 -3.89 16.23 47.72
N TYR C 68 -2.94 15.63 48.43
CA TYR C 68 -3.10 15.36 49.85
C TYR C 68 -1.96 15.92 50.73
N LYS C 69 -2.35 16.80 51.66
CA LYS C 69 -1.43 17.37 52.63
C LYS C 69 -0.96 16.32 53.63
N TYR C 70 -1.69 15.21 53.71
CA TYR C 70 -1.28 14.09 54.54
C TYR C 70 -0.08 13.40 53.89
N PHE C 71 -0.23 13.08 52.61
CA PHE C 71 0.86 12.56 51.78
C PHE C 71 2.07 13.49 51.87
N ASP C 72 1.82 14.79 51.73
CA ASP C 72 2.85 15.80 51.89
C ASP C 72 3.57 15.67 53.23
N ASP C 73 2.80 15.53 54.31
CA ASP C 73 3.37 15.43 55.66
C ASP C 73 4.25 14.19 55.86
N CYS C 74 3.78 13.06 55.35
CA CYS C 74 4.55 11.82 55.44
C CYS C 74 5.85 11.91 54.67
N LEU C 75 5.77 12.54 53.50
CA LEU C 75 6.97 12.74 52.69
C LEU C 75 7.96 13.67 53.40
N ASP C 76 7.45 14.76 53.95
CA ASP C 76 8.28 15.73 54.67
C ASP C 76 8.90 15.09 55.90
N GLU C 77 8.23 14.07 56.44
CA GLU C 77 8.76 13.35 57.59
C GLU C 77 9.88 12.41 57.16
N ALA C 78 9.65 11.68 56.07
CA ALA C 78 10.63 10.71 55.56
C ALA C 78 11.91 11.40 55.10
N LEU C 79 11.78 12.45 54.30
CA LEU C 79 12.94 13.20 53.81
C LEU C 79 12.84 14.68 54.23
N PRO C 80 13.32 14.99 55.44
CA PRO C 80 13.11 16.30 56.07
C PRO C 80 14.07 17.40 55.62
N LYS C 81 15.28 17.03 55.20
CA LYS C 81 16.30 18.02 54.86
C LYS C 81 16.00 18.75 53.55
N GLU C 82 16.47 19.99 53.46
CA GLU C 82 16.22 20.83 52.29
C GLU C 82 16.84 20.22 51.04
N ASP C 83 18.00 19.60 51.20
CA ASP C 83 18.73 19.03 50.07
C ASP C 83 18.39 17.57 49.82
N ASP C 84 17.24 17.13 50.31
CA ASP C 84 16.75 15.80 50.04
C ASP C 84 15.91 15.80 48.77
N TRP C 85 15.48 16.99 48.36
CA TRP C 85 14.64 17.15 47.18
C TRP C 85 15.22 18.14 46.19
N TYR C 86 14.99 17.89 44.91
CA TYR C 86 15.29 18.86 43.87
C TYR C 86 13.98 19.37 43.29
N THR C 87 13.89 20.68 43.05
CA THR C 87 12.68 21.26 42.50
C THR C 87 12.79 21.50 41.00
N HIS C 88 11.78 21.06 40.26
CA HIS C 88 11.78 21.17 38.80
C HIS C 88 10.48 21.75 38.26
N GLN C 89 10.61 22.52 37.18
CA GLN C 89 9.47 23.02 36.43
C GLN C 89 9.12 22.00 35.34
N ARG C 90 7.83 21.78 35.12
CA ARG C 90 7.42 20.82 34.10
C ARG C 90 7.73 21.28 32.69
N ILE C 91 8.53 20.49 31.99
CA ILE C 91 8.80 20.73 30.58
C ILE C 91 8.37 19.50 29.82
N SER C 92 7.26 19.63 29.08
CA SER C 92 6.66 18.48 28.41
C SER C 92 6.37 18.75 26.94
N TYR C 93 6.65 17.76 26.09
CA TYR C 93 6.45 17.92 24.66
C TYR C 93 5.86 16.68 24.01
N VAL C 94 5.35 16.86 22.79
CA VAL C 94 4.78 15.78 22.01
C VAL C 94 5.46 15.74 20.64
N ARG C 95 5.98 14.56 20.27
CA ARG C 95 6.66 14.41 18.99
C ARG C 95 5.65 14.20 17.87
N CYS C 96 5.48 15.22 17.02
CA CYS C 96 4.52 15.13 15.93
C CYS C 96 5.08 15.70 14.63
N GLN C 97 5.42 14.81 13.71
CA GLN C 97 5.93 15.19 12.39
C GLN C 97 7.20 16.04 12.45
N GLY C 98 8.24 15.50 13.10
CA GLY C 98 9.51 16.17 13.22
C GLY C 98 9.44 17.46 14.03
N GLN C 99 8.52 17.50 14.98
CA GLN C 99 8.33 18.70 15.79
C GLN C 99 8.25 18.38 17.28
N TRP C 100 8.56 19.37 18.11
CA TRP C 100 8.31 19.27 19.54
C TRP C 100 7.15 20.21 19.90
N VAL C 101 5.98 19.63 20.13
CA VAL C 101 4.78 20.41 20.41
C VAL C 101 4.46 20.45 21.90
N PRO C 102 4.57 21.64 22.51
CA PRO C 102 4.37 21.86 23.95
C PRO C 102 3.05 21.30 24.48
N TYR C 103 3.13 20.48 25.52
CA TYR C 103 1.96 19.95 26.20
C TYR C 103 1.14 21.10 26.78
N PRO C 104 -0.19 21.04 26.65
CA PRO C 104 -0.95 19.99 25.96
C PRO C 104 -1.03 20.21 24.45
N PHE C 105 -0.84 19.13 23.70
CA PHE C 105 -0.87 19.16 22.23
C PHE C 105 -2.09 19.89 21.70
N GLN C 106 -3.26 19.53 22.21
CA GLN C 106 -4.53 20.08 21.73
C GLN C 106 -4.66 21.59 21.89
N ASN C 107 -3.74 22.19 22.67
CA ASN C 107 -3.78 23.63 22.88
C ASN C 107 -2.60 24.36 22.24
N ASN C 108 -1.76 23.62 21.52
CA ASN C 108 -0.57 24.20 20.90
C ASN C 108 -0.48 23.97 19.39
N ILE C 109 -1.64 23.89 18.75
CA ILE C 109 -1.76 23.62 17.30
C ILE C 109 -0.86 24.52 16.45
N SER C 110 -0.57 25.71 16.97
CA SER C 110 0.28 26.68 16.27
C SER C 110 1.66 26.14 15.91
N MET C 111 2.11 25.10 16.60
CA MET C 111 3.43 24.53 16.32
C MET C 111 3.40 23.47 15.22
N LEU C 112 2.25 23.30 14.59
CA LEU C 112 2.07 22.29 13.55
C LEU C 112 2.21 22.88 12.15
N PRO C 113 2.41 22.00 11.14
CA PRO C 113 2.31 22.44 9.74
C PRO C 113 0.93 23.01 9.43
N LYS C 114 0.87 23.85 8.40
CA LYS C 114 -0.35 24.58 8.06
C LYS C 114 -1.55 23.69 7.68
N GLU C 115 -1.28 22.63 6.92
CA GLU C 115 -2.33 21.71 6.48
C GLU C 115 -3.01 21.05 7.67
N GLU C 116 -2.18 20.52 8.56
CA GLU C 116 -2.68 19.87 9.77
C GLU C 116 -3.36 20.88 10.69
N GLN C 117 -2.85 22.12 10.69
CA GLN C 117 -3.50 23.19 11.44
C GLN C 117 -4.93 23.38 10.96
N VAL C 118 -5.08 23.42 9.64
CA VAL C 118 -6.39 23.56 9.02
C VAL C 118 -7.31 22.40 9.40
N LYS C 119 -6.83 21.17 9.24
CA LYS C 119 -7.62 19.99 9.62
C LYS C 119 -8.09 20.09 11.07
N CYS C 120 -7.16 20.38 11.97
CA CYS C 120 -7.44 20.47 13.39
C CYS C 120 -8.47 21.54 13.75
N ILE C 121 -8.28 22.75 13.21
CA ILE C 121 -9.23 23.84 13.47
C ILE C 121 -10.60 23.55 12.87
N ASP C 122 -10.63 22.83 11.75
CA ASP C 122 -11.88 22.41 11.13
C ASP C 122 -12.64 21.48 12.06
N GLY C 123 -11.98 20.39 12.45
CA GLY C 123 -12.57 19.44 13.38
C GLY C 123 -13.02 20.10 14.67
N MET C 124 -12.23 21.04 15.16
CA MET C 124 -12.56 21.79 16.36
C MET C 124 -13.82 22.64 16.20
N ILE C 125 -13.97 23.26 15.03
CA ILE C 125 -15.16 24.07 14.75
C ILE C 125 -16.39 23.18 14.71
N ASP C 126 -16.28 22.06 13.99
CA ASP C 126 -17.37 21.10 13.93
C ASP C 126 -17.80 20.62 15.33
N ALA C 127 -16.83 20.15 16.10
CA ALA C 127 -17.10 19.64 17.43
C ALA C 127 -17.70 20.71 18.34
N ALA C 128 -17.21 21.94 18.20
CA ALA C 128 -17.71 23.07 19.00
C ALA C 128 -19.15 23.41 18.61
N LEU C 129 -19.46 23.24 17.34
CA LEU C 129 -20.82 23.53 16.87
C LEU C 129 -21.80 22.47 17.35
N GLU C 130 -21.40 21.20 17.30
CA GLU C 130 -22.25 20.12 17.79
C GLU C 130 -22.43 20.16 19.31
N ALA C 131 -21.37 20.57 20.02
CA ALA C 131 -21.38 20.65 21.48
C ALA C 131 -22.35 21.71 21.99
N ARG C 132 -22.57 22.73 21.17
CA ARG C 132 -23.48 23.81 21.52
C ARG C 132 -24.92 23.29 21.58
N VAL C 133 -25.14 22.13 20.96
CA VAL C 133 -26.48 21.57 20.80
C VAL C 133 -26.67 20.25 21.58
N ALA C 134 -25.56 19.59 21.91
CA ALA C 134 -25.57 18.31 22.60
C ALA C 134 -26.34 18.35 23.93
N ASN C 135 -27.07 17.27 24.19
CA ASN C 135 -27.79 17.11 25.46
C ASN C 135 -27.42 15.80 26.14
N THR C 136 -26.88 14.86 25.38
CA THR C 136 -26.48 13.55 25.90
C THR C 136 -25.03 13.56 26.39
N LYS C 137 -24.55 12.41 26.85
CA LYS C 137 -23.17 12.27 27.31
C LYS C 137 -22.42 11.25 26.46
N PRO C 138 -21.09 11.41 26.34
CA PRO C 138 -20.26 10.48 25.56
C PRO C 138 -20.29 9.08 26.15
N LYS C 139 -20.46 8.07 25.30
CA LYS C 139 -20.50 6.68 25.75
C LYS C 139 -19.09 6.14 25.96
N THR C 140 -18.21 6.39 24.99
CA THR C 140 -16.85 5.89 25.06
C THR C 140 -15.81 7.01 25.10
N PHE C 141 -14.58 6.64 25.41
CA PHE C 141 -13.44 7.55 25.41
C PHE C 141 -13.33 8.19 24.04
N ASP C 142 -13.45 7.37 23.00
CA ASP C 142 -13.35 7.86 21.63
C ASP C 142 -14.37 8.95 21.38
N GLU C 143 -15.63 8.68 21.73
CA GLU C 143 -16.69 9.66 21.62
C GLU C 143 -16.35 10.95 22.38
N TRP C 144 -15.85 10.81 23.60
CA TRP C 144 -15.47 11.97 24.40
C TRP C 144 -14.43 12.83 23.68
N ILE C 145 -13.44 12.16 23.09
CA ILE C 145 -12.39 12.82 22.33
C ILE C 145 -12.94 13.58 21.14
N VAL C 146 -13.77 12.90 20.35
CA VAL C 146 -14.37 13.53 19.17
C VAL C 146 -15.23 14.74 19.55
N ARG C 147 -16.03 14.63 20.61
CA ARG C 147 -16.87 15.73 21.06
C ARG C 147 -16.07 16.91 21.59
N MET C 148 -14.96 16.62 22.26
CA MET C 148 -14.23 17.67 22.96
C MET C 148 -13.14 18.32 22.11
N MET C 149 -12.71 17.65 21.05
CA MET C 149 -11.57 18.13 20.27
C MET C 149 -11.81 18.14 18.76
N GLY C 150 -12.38 17.07 18.24
CA GLY C 150 -12.62 16.97 16.82
C GLY C 150 -11.78 15.91 16.17
N THR C 151 -12.23 15.47 14.99
CA THR C 151 -11.62 14.35 14.29
C THR C 151 -10.19 14.64 13.86
N GLY C 152 -9.86 15.92 13.69
CA GLY C 152 -8.52 16.30 13.30
C GLY C 152 -7.50 15.92 14.36
N ILE C 153 -7.65 16.50 15.54
CA ILE C 153 -6.78 16.22 16.66
C ILE C 153 -6.92 14.75 17.07
N ALA C 154 -8.13 14.22 16.96
CA ALA C 154 -8.41 12.83 17.29
C ALA C 154 -7.54 11.87 16.47
N ASP C 155 -7.51 12.07 15.16
CA ASP C 155 -6.77 11.18 14.28
C ASP C 155 -5.28 11.49 14.29
N LEU C 156 -4.93 12.73 14.59
CA LEU C 156 -3.53 13.15 14.54
C LEU C 156 -2.76 12.81 15.82
N PHE C 157 -3.45 12.72 16.94
CA PHE C 157 -2.77 12.53 18.21
C PHE C 157 -3.48 11.54 19.16
N MET C 158 -4.68 11.92 19.60
CA MET C 158 -5.43 11.15 20.60
C MET C 158 -5.60 9.65 20.36
N ARG C 159 -6.19 9.28 19.22
CA ARG C 159 -6.39 7.86 18.91
C ARG C 159 -5.08 7.03 18.87
N PRO C 160 -4.12 7.43 18.02
CA PRO C 160 -2.91 6.60 17.90
C PRO C 160 -2.09 6.58 19.20
N TYR C 161 -1.97 7.73 19.86
CA TYR C 161 -1.23 7.76 21.11
C TYR C 161 -1.90 6.90 22.18
N ASN C 162 -3.20 7.08 22.35
CA ASN C 162 -3.92 6.36 23.39
C ASN C 162 -3.95 4.85 23.16
N PHE C 163 -3.90 4.44 21.89
CA PHE C 163 -3.73 3.01 21.63
C PHE C 163 -2.32 2.60 22.01
N LYS C 164 -1.37 3.48 21.72
CA LYS C 164 0.04 3.20 21.95
C LYS C 164 0.37 3.04 23.44
N VAL C 165 -0.41 3.70 24.29
CA VAL C 165 -0.20 3.60 25.74
C VAL C 165 -1.16 2.61 26.43
N TRP C 166 -2.44 2.68 26.11
CA TRP C 166 -3.43 1.83 26.76
C TRP C 166 -3.50 0.42 26.19
N ALA C 167 -2.85 0.21 25.05
CA ALA C 167 -2.80 -1.09 24.38
C ALA C 167 -4.18 -1.61 23.97
N VAL C 168 -5.16 -0.71 24.01
CA VAL C 168 -6.51 -0.99 23.52
C VAL C 168 -7.03 0.23 22.77
N PRO C 169 -7.92 0.02 21.79
CA PRO C 169 -8.51 1.15 21.06
C PRO C 169 -9.30 2.06 21.99
N THR C 170 -9.41 3.32 21.62
CA THR C 170 -10.11 4.30 22.44
C THR C 170 -11.62 4.03 22.46
N THR C 171 -12.06 3.10 21.61
CA THR C 171 -13.48 2.77 21.49
C THR C 171 -13.89 1.68 22.47
N LYS C 172 -12.91 1.08 23.14
CA LYS C 172 -13.18 0.05 24.14
C LYS C 172 -13.01 0.56 25.57
N MET C 173 -12.62 1.82 25.71
CA MET C 173 -12.45 2.43 27.03
C MET C 173 -13.61 3.35 27.39
N GLN C 174 -13.89 3.47 28.68
CA GLN C 174 -14.90 4.41 29.15
C GLN C 174 -14.32 5.82 29.12
N CYS C 175 -15.12 6.80 29.54
CA CYS C 175 -14.68 8.19 29.49
C CYS C 175 -14.86 8.92 30.81
N ALA C 176 -15.31 8.20 31.84
CA ALA C 176 -15.60 8.82 33.13
C ALA C 176 -14.33 9.03 33.96
N TRP C 177 -13.20 8.64 33.38
CA TRP C 177 -11.94 8.56 34.12
C TRP C 177 -10.99 9.74 33.94
N LEU C 178 -11.34 10.67 33.07
CA LEU C 178 -10.37 11.68 32.61
C LEU C 178 -10.64 13.12 33.07
N GLY C 179 -11.07 13.28 34.32
CA GLY C 179 -11.35 14.61 34.85
C GLY C 179 -10.18 15.57 34.75
N GLU C 180 -9.05 15.19 35.33
CA GLU C 180 -7.86 16.04 35.34
C GLU C 180 -6.76 15.46 34.46
N ARG C 181 -7.12 14.46 33.66
CA ARG C 181 -6.16 13.79 32.79
C ARG C 181 -6.05 14.48 31.42
N VAL C 182 -7.16 14.52 30.70
CA VAL C 182 -7.19 15.12 29.37
C VAL C 182 -7.80 16.52 29.41
N ALA C 183 -7.10 17.48 28.81
CA ALA C 183 -7.54 18.87 28.79
C ALA C 183 -8.57 19.14 27.68
N ALA C 184 -9.70 19.73 28.05
CA ALA C 184 -10.71 20.10 27.07
C ALA C 184 -10.36 21.44 26.42
N PRO C 185 -9.99 21.41 25.13
CA PRO C 185 -9.51 22.61 24.43
C PRO C 185 -10.62 23.62 24.11
N ASN C 186 -10.35 24.89 24.36
CA ASN C 186 -11.28 25.95 24.02
C ASN C 186 -10.98 26.54 22.65
N LEU C 187 -12.00 26.55 21.79
CA LEU C 187 -11.86 26.94 20.39
C LEU C 187 -11.21 28.32 20.23
N LYS C 188 -11.73 29.30 20.98
CA LYS C 188 -11.25 30.67 20.88
C LYS C 188 -9.78 30.80 21.24
N ALA C 189 -9.39 30.19 22.36
CA ALA C 189 -8.00 30.23 22.81
C ALA C 189 -7.07 29.51 21.84
N VAL C 190 -7.48 28.32 21.39
CA VAL C 190 -6.70 27.56 20.43
C VAL C 190 -6.45 28.34 19.15
N THR C 191 -7.52 28.89 18.56
CA THR C 191 -7.42 29.65 17.33
C THR C 191 -6.61 30.93 17.51
N THR C 192 -6.75 31.56 18.67
CA THR C 192 -5.97 32.74 19.00
C THR C 192 -4.48 32.40 19.02
N ASN C 193 -4.16 31.24 19.59
CA ASN C 193 -2.80 30.74 19.59
C ASN C 193 -2.30 30.40 18.18
N VAL C 194 -3.20 29.93 17.32
CA VAL C 194 -2.83 29.62 15.93
C VAL C 194 -2.51 30.91 15.18
N ILE C 195 -3.23 31.98 15.51
CA ILE C 195 -3.00 33.28 14.92
C ILE C 195 -1.69 33.93 15.39
N LEU C 196 -1.53 34.04 16.71
CA LEU C 196 -0.38 34.74 17.27
C LEU C 196 0.91 33.92 17.27
N GLY C 197 0.77 32.60 17.14
CA GLY C 197 1.91 31.71 17.16
C GLY C 197 2.43 31.45 18.57
N LYS C 198 1.60 31.76 19.56
CA LYS C 198 1.97 31.61 20.96
C LYS C 198 1.80 30.17 21.47
N THR C 199 2.07 29.99 22.76
CA THR C 199 1.97 28.68 23.39
C THR C 199 1.10 28.73 24.66
N ALA C 200 0.63 27.58 25.09
CA ALA C 200 -0.14 27.47 26.34
C ALA C 200 0.19 26.17 27.06
N GLY C 201 1.29 26.17 27.81
CA GLY C 201 1.76 24.97 28.47
C GLY C 201 1.71 25.06 29.99
N ASN C 202 0.65 25.67 30.50
CA ASN C 202 0.48 25.82 31.94
C ASN C 202 -0.56 24.84 32.50
N TRP C 203 -1.37 24.27 31.61
CA TRP C 203 -2.39 23.32 32.04
C TRP C 203 -1.76 21.99 32.44
N GLY C 204 -2.34 21.35 33.46
CA GLY C 204 -1.84 20.08 33.94
C GLY C 204 -1.50 20.13 35.42
N PRO C 205 -1.75 19.01 36.13
CA PRO C 205 -1.45 18.89 37.56
C PRO C 205 0.06 18.98 37.85
N ASN C 206 0.88 18.89 36.82
CA ASN C 206 2.33 18.77 37.01
C ASN C 206 3.12 20.08 36.87
N ALA C 207 2.42 21.22 36.90
CA ALA C 207 3.00 22.55 36.71
C ALA C 207 4.40 22.76 37.32
N THR C 208 4.56 22.28 38.55
CA THR C 208 5.86 22.27 39.21
C THR C 208 5.92 21.07 40.16
N PHE C 209 7.04 20.37 40.19
CA PHE C 209 7.15 19.17 41.02
C PHE C 209 8.52 19.03 41.69
N ARG C 210 8.63 18.08 42.61
CA ARG C 210 9.91 17.81 43.26
C ARG C 210 10.30 16.34 43.13
N PHE C 211 11.61 16.10 43.20
CA PHE C 211 12.16 14.75 43.05
C PHE C 211 13.25 14.49 44.09
N PRO C 212 13.19 13.29 44.71
CA PRO C 212 14.18 12.90 45.72
C PRO C 212 15.61 12.96 45.19
N ALA C 213 16.49 13.59 45.96
CA ALA C 213 17.87 13.81 45.54
C ALA C 213 18.63 12.51 45.28
N ARG C 214 18.34 11.48 46.07
CA ARG C 214 19.06 10.21 45.95
C ARG C 214 18.11 9.00 46.01
N GLY C 215 18.53 7.90 45.39
CA GLY C 215 17.83 6.63 45.51
C GLY C 215 16.49 6.56 44.80
N GLY C 216 16.28 7.49 43.88
CA GLY C 216 15.05 7.55 43.12
C GLY C 216 13.83 7.72 43.99
N THR C 217 12.66 7.44 43.44
CA THR C 217 11.42 7.55 44.20
C THR C 217 11.28 6.40 45.19
N GLY C 218 12.04 5.33 44.97
CA GLY C 218 12.08 4.21 45.89
C GLY C 218 12.67 4.58 47.24
N GLY C 219 13.65 5.47 47.22
CA GLY C 219 14.25 5.98 48.44
C GLY C 219 13.25 6.67 49.34
N ILE C 220 12.28 7.34 48.72
CA ILE C 220 11.17 7.96 49.43
C ILE C 220 10.44 6.92 50.27
N TRP C 221 10.08 5.80 49.66
CA TRP C 221 9.28 4.78 50.33
C TRP C 221 10.06 3.92 51.31
N ILE C 222 11.37 3.78 51.08
CA ILE C 222 12.23 3.17 52.07
C ILE C 222 12.28 4.08 53.29
N ALA C 223 12.42 5.37 53.03
CA ALA C 223 12.49 6.38 54.09
C ALA C 223 11.19 6.46 54.89
N VAL C 224 10.07 6.27 54.20
CA VAL C 224 8.78 6.26 54.85
C VAL C 224 8.62 5.01 55.70
N ALA C 225 8.92 3.85 55.11
CA ALA C 225 8.80 2.57 55.81
C ALA C 225 9.75 2.47 57.01
N ASN C 226 10.82 3.26 57.01
CA ASN C 226 11.76 3.26 58.13
C ASN C 226 11.23 3.99 59.37
N THR C 227 10.10 4.67 59.22
CA THR C 227 9.48 5.37 60.34
C THR C 227 8.50 4.44 61.07
N LEU C 228 8.40 3.21 60.59
CA LEU C 228 7.52 2.22 61.21
C LEU C 228 8.31 1.36 62.20
N PRO C 229 7.64 0.90 63.27
CA PRO C 229 8.27 -0.04 64.21
C PRO C 229 8.66 -1.33 63.49
N LYS C 230 9.94 -1.68 63.53
CA LYS C 230 10.47 -2.84 62.81
C LYS C 230 9.75 -4.15 63.14
N GLU C 231 9.35 -4.32 64.40
CA GLU C 231 8.72 -5.56 64.85
C GLU C 231 7.32 -5.76 64.25
N LYS C 232 6.70 -4.67 63.82
CA LYS C 232 5.37 -4.73 63.24
C LYS C 232 5.44 -4.86 61.72
N THR C 233 6.64 -5.08 61.19
CA THR C 233 6.80 -5.29 59.76
C THR C 233 7.37 -6.67 59.45
N ARG C 234 7.07 -7.17 58.26
CA ARG C 234 7.56 -8.47 57.82
C ARG C 234 7.82 -8.47 56.31
N PHE C 235 9.02 -8.08 55.94
CA PHE C 235 9.38 -7.88 54.55
C PHE C 235 10.38 -8.95 54.08
N GLY C 236 10.00 -9.66 53.03
CA GLY C 236 10.86 -10.67 52.46
C GLY C 236 10.12 -11.96 52.16
N GLU C 237 10.86 -13.06 52.03
CA GLU C 237 10.26 -14.36 51.75
C GLU C 237 9.42 -14.82 52.95
N LYS C 238 9.72 -14.27 54.11
CA LYS C 238 8.96 -14.59 55.31
C LYS C 238 7.63 -13.84 55.34
N GLY C 239 7.53 -12.78 54.56
CA GLY C 239 6.32 -11.97 54.52
C GLY C 239 5.44 -12.22 53.31
N LYS C 240 5.78 -13.24 52.53
CA LYS C 240 5.01 -13.56 51.33
C LYS C 240 3.74 -14.37 51.64
N VAL C 241 2.59 -13.74 51.44
CA VAL C 241 1.31 -14.38 51.63
C VAL C 241 1.04 -15.38 50.50
N THR C 242 0.74 -16.62 50.85
CA THR C 242 0.47 -17.64 49.84
C THR C 242 -0.96 -18.16 49.96
N LYS C 243 -1.59 -17.93 51.11
CA LYS C 243 -2.97 -18.38 51.31
C LYS C 243 -3.81 -17.35 52.04
N VAL C 244 -5.06 -17.18 51.60
CA VAL C 244 -6.00 -16.31 52.28
C VAL C 244 -7.32 -17.04 52.55
N ASN C 245 -7.58 -17.32 53.82
CA ASN C 245 -8.82 -17.97 54.23
C ASN C 245 -9.74 -16.94 54.88
N ALA C 246 -10.66 -16.40 54.10
CA ALA C 246 -11.52 -15.32 54.55
C ALA C 246 -12.65 -15.84 55.45
N ASN C 247 -12.91 -17.14 55.37
CA ASN C 247 -13.97 -17.73 56.18
C ASN C 247 -13.65 -17.70 57.68
N ASN C 248 -12.42 -18.05 58.02
CA ASN C 248 -11.97 -18.01 59.41
C ASN C 248 -10.95 -16.89 59.65
N LYS C 249 -10.86 -15.98 58.68
CA LYS C 249 -10.00 -14.79 58.76
C LYS C 249 -8.54 -15.09 59.10
N THR C 250 -7.91 -15.97 58.34
CA THR C 250 -6.50 -16.27 58.57
C THR C 250 -5.69 -16.24 57.29
N VAL C 251 -4.47 -15.70 57.38
CA VAL C 251 -3.57 -15.64 56.24
C VAL C 251 -2.37 -16.56 56.48
N THR C 252 -2.02 -17.38 55.49
CA THR C 252 -0.85 -18.24 55.62
C THR C 252 0.30 -17.78 54.73
N LEU C 253 1.47 -17.56 55.34
CA LEU C 253 2.65 -17.05 54.67
C LEU C 253 3.49 -18.15 54.02
N GLN C 254 4.60 -17.76 53.41
CA GLN C 254 5.45 -18.69 52.68
C GLN C 254 6.09 -19.72 53.62
N ASP C 255 6.59 -19.23 54.75
CA ASP C 255 7.25 -20.09 55.72
C ASP C 255 6.27 -20.96 56.49
N GLY C 256 4.98 -20.63 56.41
CA GLY C 256 3.96 -21.41 57.08
C GLY C 256 3.24 -20.67 58.20
N THR C 257 3.79 -19.52 58.57
CA THR C 257 3.23 -18.70 59.64
C THR C 257 1.82 -18.24 59.33
N THR C 258 0.91 -18.48 60.26
CA THR C 258 -0.47 -18.07 60.11
C THR C 258 -0.80 -16.86 60.97
N ILE C 259 -1.39 -15.85 60.34
CA ILE C 259 -1.75 -14.61 61.02
C ILE C 259 -3.26 -14.40 60.96
N GLY C 260 -3.87 -14.29 62.13
CA GLY C 260 -5.30 -14.01 62.21
C GLY C 260 -5.59 -12.52 62.22
N TYR C 261 -6.61 -12.11 61.47
CA TYR C 261 -6.99 -10.71 61.39
C TYR C 261 -8.46 -10.50 61.68
N LYS C 262 -8.82 -9.28 62.08
CA LYS C 262 -10.23 -8.91 62.18
C LYS C 262 -10.63 -8.13 60.94
N LYS C 263 -9.69 -7.34 60.45
CA LYS C 263 -9.85 -6.60 59.20
C LYS C 263 -8.62 -6.81 58.31
N LEU C 264 -8.85 -6.90 57.01
CA LEU C 264 -7.78 -7.14 56.06
C LEU C 264 -7.67 -6.00 55.05
N VAL C 265 -6.51 -5.35 55.01
CA VAL C 265 -6.22 -4.37 53.99
C VAL C 265 -5.22 -4.94 52.98
N SER C 266 -5.74 -5.43 51.86
CA SER C 266 -4.91 -6.06 50.83
C SER C 266 -4.61 -5.12 49.68
N THR C 267 -3.35 -5.02 49.28
CA THR C 267 -2.97 -4.10 48.20
C THR C 267 -2.42 -4.84 46.99
N MET C 268 -2.40 -6.16 47.07
CA MET C 268 -1.94 -7.00 45.96
C MET C 268 -2.99 -6.96 44.85
N ALA C 269 -2.64 -7.44 43.66
CA ALA C 269 -3.58 -7.43 42.54
C ALA C 269 -4.81 -8.23 42.93
N VAL C 270 -5.99 -7.70 42.61
CA VAL C 270 -7.25 -8.28 43.09
C VAL C 270 -7.49 -9.67 42.52
N ASP C 271 -7.00 -9.92 41.32
CA ASP C 271 -7.12 -11.24 40.70
C ASP C 271 -6.22 -12.25 41.43
N PHE C 272 -5.04 -11.78 41.84
CA PHE C 272 -4.13 -12.58 42.65
C PHE C 272 -4.79 -12.87 44.00
N LEU C 273 -5.55 -11.89 44.49
CA LEU C 273 -6.25 -12.00 45.76
C LEU C 273 -7.32 -13.09 45.69
N ALA C 274 -8.11 -13.06 44.63
CA ALA C 274 -9.14 -14.07 44.40
C ALA C 274 -8.49 -15.45 44.23
N GLU C 275 -7.36 -15.48 43.54
CA GLU C 275 -6.60 -16.71 43.32
C GLU C 275 -6.10 -17.27 44.65
N ALA C 276 -5.79 -16.39 45.58
CA ALA C 276 -5.30 -16.80 46.89
C ALA C 276 -6.45 -17.28 47.77
N MET C 277 -7.63 -16.70 47.57
CA MET C 277 -8.81 -17.09 48.34
C MET C 277 -9.42 -18.38 47.83
N ASN C 278 -9.12 -18.71 46.58
CA ASN C 278 -9.75 -19.84 45.90
C ASN C 278 -11.27 -19.68 45.79
N ASP C 279 -11.73 -18.43 45.81
CA ASP C 279 -13.15 -18.11 45.63
C ASP C 279 -13.42 -18.04 44.13
N GLN C 280 -13.96 -19.13 43.58
CA GLN C 280 -14.18 -19.23 42.14
C GLN C 280 -15.08 -18.13 41.59
N GLU C 281 -16.06 -17.72 42.38
CA GLU C 281 -16.93 -16.61 42.01
C GLU C 281 -16.12 -15.35 41.77
N LEU C 282 -15.20 -15.06 42.70
CA LEU C 282 -14.38 -13.88 42.64
C LEU C 282 -13.27 -13.99 41.59
N VAL C 283 -12.85 -15.21 41.29
CA VAL C 283 -11.86 -15.43 40.25
C VAL C 283 -12.49 -15.12 38.90
N GLY C 284 -13.65 -15.72 38.65
CA GLY C 284 -14.40 -15.48 37.43
C GLY C 284 -14.79 -14.03 37.29
N LEU C 285 -15.09 -13.39 38.42
CA LEU C 285 -15.46 -11.98 38.43
C LEU C 285 -14.26 -11.08 38.07
N THR C 286 -13.12 -11.34 38.68
CA THR C 286 -11.92 -10.53 38.46
C THR C 286 -11.33 -10.74 37.07
N LYS C 287 -11.53 -11.92 36.50
CA LYS C 287 -11.00 -12.19 35.17
C LYS C 287 -11.77 -11.46 34.08
N GLN C 288 -12.71 -10.62 34.47
CA GLN C 288 -13.40 -9.74 33.53
C GLN C 288 -12.70 -8.39 33.47
N LEU C 289 -11.76 -8.19 34.38
CA LEU C 289 -10.96 -6.96 34.41
C LEU C 289 -9.82 -7.04 33.41
N PHE C 290 -9.45 -5.89 32.85
CA PHE C 290 -8.40 -5.84 31.84
C PHE C 290 -7.21 -4.99 32.27
N TYR C 291 -6.01 -5.46 31.98
CA TYR C 291 -4.80 -4.73 32.32
C TYR C 291 -3.76 -4.85 31.20
N SER C 292 -2.76 -3.98 31.24
CA SER C 292 -1.69 -4.04 30.26
C SER C 292 -0.33 -4.19 30.92
N SER C 293 0.52 -5.02 30.34
CA SER C 293 1.88 -5.17 30.82
C SER C 293 2.71 -3.97 30.37
N THR C 294 3.70 -3.59 31.17
CA THR C 294 4.53 -2.43 30.85
C THR C 294 6.01 -2.79 30.77
N HIS C 295 6.63 -2.42 29.66
CA HIS C 295 8.07 -2.58 29.48
C HIS C 295 8.79 -1.27 29.81
N VAL C 296 9.69 -1.31 30.78
CA VAL C 296 10.52 -0.16 31.10
C VAL C 296 11.92 -0.38 30.54
N ILE C 297 12.34 0.54 29.68
CA ILE C 297 13.63 0.50 29.01
C ILE C 297 14.51 1.65 29.50
N GLY C 298 15.77 1.36 29.81
CA GLY C 298 16.70 2.37 30.24
C GLY C 298 17.91 2.44 29.33
N VAL C 299 18.36 3.66 29.04
CA VAL C 299 19.55 3.84 28.22
C VAL C 299 20.46 4.90 28.82
N GLY C 300 21.63 4.47 29.27
CA GLY C 300 22.65 5.39 29.74
C GLY C 300 23.60 5.70 28.62
N VAL C 301 23.77 6.98 28.32
CA VAL C 301 24.55 7.41 27.17
C VAL C 301 25.61 8.43 27.56
N ARG C 302 26.79 8.28 26.95
CA ARG C 302 27.97 9.10 27.26
C ARG C 302 27.87 10.50 26.66
N GLY C 303 28.32 11.49 27.42
CA GLY C 303 28.39 12.86 26.94
C GLY C 303 27.54 13.81 27.76
N SER C 304 27.82 15.10 27.65
CA SER C 304 27.01 16.11 28.32
C SER C 304 25.61 16.11 27.73
N ARG C 305 24.64 16.60 28.49
CA ARG C 305 23.27 16.71 28.01
C ARG C 305 23.22 17.64 26.79
N PRO C 306 22.83 17.07 25.63
CA PRO C 306 22.82 17.80 24.36
C PRO C 306 21.91 19.02 24.38
N GLU C 307 22.24 20.02 23.60
CA GLU C 307 21.40 21.21 23.45
C GLU C 307 20.03 20.82 22.89
N ARG C 308 20.03 19.77 22.07
CA ARG C 308 18.82 19.30 21.42
C ARG C 308 17.79 18.78 22.43
N ILE C 309 18.29 18.16 23.50
CA ILE C 309 17.41 17.67 24.55
C ILE C 309 17.03 18.79 25.53
N GLY C 310 18.02 19.57 25.95
CA GLY C 310 17.77 20.67 26.88
C GLY C 310 17.14 20.22 28.18
N ASP C 311 16.40 21.12 28.81
CA ASP C 311 15.79 20.83 30.11
C ASP C 311 14.41 20.18 29.99
N LYS C 312 14.24 19.32 28.99
CA LYS C 312 13.01 18.57 28.80
C LYS C 312 12.86 17.49 29.87
N CYS C 313 11.65 17.32 30.38
CA CYS C 313 11.40 16.34 31.43
C CYS C 313 10.87 15.03 30.84
N TRP C 314 9.65 15.05 30.31
CA TRP C 314 9.10 13.86 29.65
C TRP C 314 8.42 14.21 28.32
N LEU C 315 8.43 13.25 27.40
CA LEU C 315 7.96 13.49 26.04
C LEU C 315 7.02 12.39 25.59
N TYR C 316 5.99 12.75 24.83
CA TYR C 316 5.03 11.79 24.30
C TYR C 316 5.28 11.54 22.81
N PHE C 317 5.03 10.31 22.38
CA PHE C 317 5.31 9.89 21.01
C PHE C 317 4.15 9.10 20.41
N PRO C 318 3.22 9.81 19.75
CA PRO C 318 2.03 9.21 19.16
C PRO C 318 2.28 8.45 17.85
N GLU C 319 3.36 8.80 17.15
CA GLU C 319 3.62 8.21 15.83
C GLU C 319 4.15 6.78 15.92
N ASP C 320 4.40 6.19 14.76
CA ASP C 320 4.76 4.78 14.69
C ASP C 320 6.23 4.56 14.37
N ASN C 321 7.02 5.62 14.42
CA ASN C 321 8.46 5.51 14.16
C ASN C 321 9.19 4.88 15.32
N CYS C 322 8.51 4.74 16.45
CA CYS C 322 9.07 4.16 17.65
C CYS C 322 8.01 3.31 18.35
N PRO C 323 8.43 2.34 19.18
CA PRO C 323 7.48 1.48 19.86
C PRO C 323 7.02 2.03 21.20
N PHE C 324 7.69 3.07 21.71
CA PHE C 324 7.37 3.62 23.03
C PHE C 324 6.42 4.82 22.99
N TYR C 325 5.61 4.96 24.02
CA TYR C 325 4.64 6.06 24.09
C TYR C 325 5.15 7.25 24.88
N LYS C 326 6.20 7.05 25.66
CA LYS C 326 6.76 8.15 26.46
C LYS C 326 8.24 7.96 26.80
N ALA C 327 8.98 9.06 26.80
CA ALA C 327 10.38 9.05 27.20
C ALA C 327 10.60 10.02 28.34
N THR C 328 11.64 9.77 29.14
CA THR C 328 11.94 10.63 30.27
C THR C 328 13.43 10.86 30.35
N ILE C 329 13.85 12.13 30.30
CA ILE C 329 15.24 12.49 30.49
C ILE C 329 15.55 12.40 31.97
N PHE C 330 15.82 11.19 32.43
CA PHE C 330 15.94 10.89 33.86
C PHE C 330 17.15 11.58 34.49
N SER C 331 18.17 11.85 33.68
CA SER C 331 19.37 12.50 34.18
C SER C 331 19.09 13.94 34.63
N ASN C 332 18.01 14.52 34.13
CA ASN C 332 17.64 15.89 34.49
C ASN C 332 17.08 16.02 35.90
N TYR C 333 16.46 14.95 36.38
CA TYR C 333 15.82 14.95 37.69
C TYR C 333 16.82 15.10 38.84
N SER C 334 17.89 14.33 38.80
CA SER C 334 18.92 14.39 39.83
C SER C 334 20.25 13.82 39.32
N PRO C 335 21.35 14.56 39.57
CA PRO C 335 22.70 14.20 39.11
C PRO C 335 23.20 12.86 39.66
N TYR C 336 22.39 12.23 40.50
CA TYR C 336 22.76 10.97 41.15
C TYR C 336 21.97 9.80 40.58
N ASN C 337 21.23 10.07 39.51
CA ASN C 337 20.52 9.01 38.80
C ASN C 337 21.45 8.28 37.83
N GLN C 338 22.58 8.92 37.54
CA GLN C 338 23.61 8.37 36.67
C GLN C 338 24.97 8.57 37.33
N PRO C 339 25.97 7.76 36.91
CA PRO C 339 27.33 7.87 37.46
C PRO C 339 27.91 9.28 37.35
N GLU C 340 28.90 9.58 38.20
CA GLU C 340 29.57 10.87 38.16
C GLU C 340 30.47 10.95 36.93
N ALA C 341 30.90 12.16 36.58
CA ALA C 341 31.69 12.37 35.38
C ALA C 341 32.99 11.56 35.40
N SER C 342 33.65 11.51 36.55
CA SER C 342 34.95 10.87 36.67
C SER C 342 34.90 9.36 36.50
N LYS C 343 33.70 8.79 36.58
CA LYS C 343 33.52 7.35 36.40
C LYS C 343 33.86 6.91 34.98
N LYS C 344 34.66 5.86 34.87
CA LYS C 344 35.07 5.37 33.56
C LYS C 344 34.29 4.12 33.15
N LEU C 345 33.57 4.21 32.03
CA LEU C 345 32.75 3.11 31.56
C LEU C 345 32.98 2.83 30.07
N PRO C 346 33.05 1.54 29.70
CA PRO C 346 33.22 1.16 28.30
C PRO C 346 31.93 1.38 27.51
N THR C 347 32.07 1.70 26.23
CA THR C 347 30.90 1.86 25.38
C THR C 347 30.39 0.50 24.94
N MET C 348 29.09 0.28 25.13
CA MET C 348 28.49 -0.99 24.73
C MET C 348 28.19 -1.03 23.24
N GLN C 349 27.58 0.05 22.74
CA GLN C 349 27.25 0.14 21.32
C GLN C 349 26.94 1.59 20.94
N LEU C 350 26.96 1.85 19.64
CA LEU C 350 26.51 3.14 19.14
C LEU C 350 25.00 3.13 19.01
N ALA C 351 24.39 4.31 18.90
CA ALA C 351 22.95 4.43 18.87
C ALA C 351 22.32 3.75 17.65
N ASP C 352 23.13 3.49 16.63
CA ASP C 352 22.63 2.79 15.44
C ASP C 352 22.81 1.28 15.57
N GLY C 353 23.14 0.83 16.78
CA GLY C 353 23.29 -0.58 17.06
C GLY C 353 24.52 -1.22 16.42
N SER C 354 25.63 -0.49 16.46
CA SER C 354 26.88 -1.01 15.92
C SER C 354 27.97 -0.98 16.98
N ARG C 355 29.07 -1.67 16.71
CA ARG C 355 30.20 -1.71 17.63
C ARG C 355 30.83 -0.34 17.80
N PRO C 356 31.33 -0.06 19.02
CA PRO C 356 32.04 1.20 19.25
C PRO C 356 33.42 1.15 18.57
N GLN C 357 34.01 2.32 18.35
CA GLN C 357 35.32 2.38 17.74
C GLN C 357 36.39 2.06 18.78
N SER C 358 35.98 2.04 20.04
CA SER C 358 36.90 1.76 21.13
C SER C 358 36.18 1.15 22.33
N THR C 359 36.63 -0.03 22.76
CA THR C 359 36.00 -0.73 23.87
C THR C 359 36.73 -0.50 25.18
N GLU C 360 37.42 0.63 25.28
CA GLU C 360 38.13 0.98 26.50
C GLU C 360 37.28 1.88 27.38
N ALA C 361 37.54 1.83 28.68
CA ALA C 361 36.79 2.63 29.64
C ALA C 361 37.15 4.10 29.51
N LYS C 362 36.15 4.91 29.16
CA LYS C 362 36.35 6.34 29.00
C LYS C 362 35.59 7.14 30.06
N GLU C 363 36.00 8.40 30.23
CA GLU C 363 35.37 9.28 31.20
C GLU C 363 33.99 9.71 30.72
N GLY C 364 33.25 10.40 31.57
CA GLY C 364 31.95 10.92 31.21
C GLY C 364 32.02 12.33 30.64
N PRO C 365 31.05 13.19 31.00
CA PRO C 365 29.90 12.86 31.86
C PRO C 365 28.82 12.09 31.12
N TYR C 366 27.69 11.84 31.78
CA TYR C 366 26.66 10.99 31.20
C TYR C 366 25.28 11.62 31.26
N TRP C 367 24.34 11.02 30.54
CA TRP C 367 22.93 11.36 30.68
C TRP C 367 22.07 10.11 30.46
N SER C 368 20.81 10.16 30.91
CA SER C 368 19.97 8.96 30.96
C SER C 368 18.60 9.15 30.32
N ILE C 369 18.11 8.10 29.67
CA ILE C 369 16.77 8.12 29.04
C ILE C 369 15.94 6.90 29.44
N MET C 370 14.68 7.13 29.78
CA MET C 370 13.81 6.03 30.19
C MET C 370 12.48 5.97 29.42
N LEU C 371 12.29 4.87 28.71
CA LEU C 371 11.13 4.68 27.85
C LEU C 371 10.13 3.67 28.44
N GLU C 372 8.86 3.84 28.09
CA GLU C 372 7.81 2.90 28.47
C GLU C 372 7.10 2.36 27.22
N VAL C 373 6.88 1.06 27.19
CA VAL C 373 6.24 0.39 26.05
C VAL C 373 5.12 -0.54 26.52
N SER C 374 3.89 -0.25 26.12
CA SER C 374 2.74 -1.04 26.55
C SER C 374 2.67 -2.38 25.84
N GLU C 375 1.99 -3.33 26.46
CA GLU C 375 1.75 -4.64 25.87
C GLU C 375 0.41 -5.20 26.35
N SER C 376 -0.29 -5.88 25.46
CA SER C 376 -1.52 -6.56 25.84
C SER C 376 -1.81 -7.69 24.86
N SER C 377 -3.02 -8.22 24.90
CA SER C 377 -3.43 -9.24 23.95
C SER C 377 -3.87 -8.58 22.66
N MET C 378 -3.96 -7.26 22.67
CA MET C 378 -4.31 -6.48 21.49
C MET C 378 -3.08 -5.75 20.95
N LYS C 379 -1.98 -5.83 21.70
CA LYS C 379 -0.75 -5.16 21.30
C LYS C 379 0.47 -5.93 21.80
N PRO C 380 0.75 -7.08 21.17
CA PRO C 380 1.87 -7.93 21.62
C PRO C 380 3.22 -7.33 21.24
N VAL C 381 4.24 -7.55 22.08
CA VAL C 381 5.59 -7.09 21.77
C VAL C 381 6.57 -8.27 21.72
N ASN C 382 7.72 -8.08 21.08
CA ASN C 382 8.77 -9.10 21.07
C ASN C 382 9.89 -8.66 21.99
N GLN C 383 10.05 -9.37 23.11
CA GLN C 383 10.97 -8.94 24.15
C GLN C 383 12.43 -8.97 23.71
N GLU C 384 12.76 -9.91 22.83
CA GLU C 384 14.14 -10.08 22.38
C GLU C 384 14.58 -8.97 21.43
N THR C 385 13.62 -8.22 20.91
CA THR C 385 13.92 -7.16 19.96
C THR C 385 13.51 -5.78 20.47
N ILE C 386 12.72 -5.75 21.54
CA ILE C 386 12.12 -4.50 22.03
C ILE C 386 13.14 -3.43 22.43
N LEU C 387 14.28 -3.87 22.96
CA LEU C 387 15.34 -2.94 23.34
C LEU C 387 15.94 -2.28 22.10
N ALA C 388 16.33 -3.13 21.14
CA ALA C 388 16.90 -2.65 19.89
C ALA C 388 15.93 -1.72 19.16
N ASP C 389 14.65 -2.07 19.16
CA ASP C 389 13.62 -1.25 18.53
C ASP C 389 13.41 0.07 19.25
N CYS C 390 13.62 0.06 20.57
CA CYS C 390 13.51 1.26 21.39
C CYS C 390 14.66 2.22 21.09
N ILE C 391 15.87 1.67 20.97
CA ILE C 391 17.03 2.49 20.64
C ILE C 391 16.92 3.04 19.22
N GLN C 392 16.55 2.16 18.29
CA GLN C 392 16.36 2.55 16.90
C GLN C 392 15.29 3.65 16.79
N GLY C 393 14.27 3.54 17.62
CA GLY C 393 13.25 4.57 17.70
C GLY C 393 13.79 5.86 18.27
N LEU C 394 14.73 5.72 19.20
CA LEU C 394 15.41 6.89 19.77
C LEU C 394 16.20 7.63 18.69
N VAL C 395 16.73 6.87 17.73
CA VAL C 395 17.37 7.48 16.58
C VAL C 395 16.34 8.13 15.65
N ASN C 396 15.28 7.40 15.34
CA ASN C 396 14.24 7.89 14.42
C ASN C 396 13.53 9.14 14.92
N THR C 397 13.55 9.35 16.23
CA THR C 397 12.90 10.52 16.82
C THR C 397 13.92 11.63 17.04
N GLU C 398 15.13 11.41 16.54
CA GLU C 398 16.23 12.36 16.70
C GLU C 398 16.52 12.68 18.17
N MET C 399 16.36 11.69 19.03
CA MET C 399 16.71 11.81 20.44
C MET C 399 18.19 11.48 20.59
N LEU C 400 18.64 10.52 19.79
CA LEU C 400 20.04 10.16 19.74
C LEU C 400 20.54 10.23 18.31
N LYS C 401 21.74 10.77 18.13
CA LYS C 401 22.46 10.65 16.88
C LYS C 401 22.99 9.24 16.81
N PRO C 402 23.06 8.64 15.61
CA PRO C 402 23.57 7.27 15.47
C PRO C 402 25.03 7.12 15.90
N THR C 403 25.67 8.26 16.16
CA THR C 403 27.06 8.27 16.60
C THR C 403 27.17 8.24 18.12
N ASP C 404 26.06 8.48 18.81
CA ASP C 404 26.05 8.53 20.27
C ASP C 404 26.47 7.19 20.90
N GLU C 405 27.20 7.28 22.01
CA GLU C 405 27.73 6.10 22.67
C GLU C 405 26.86 5.65 23.84
N ILE C 406 26.20 4.52 23.68
CA ILE C 406 25.39 3.93 24.73
C ILE C 406 26.28 3.26 25.78
N VAL C 407 26.13 3.67 27.03
CA VAL C 407 26.97 3.16 28.11
C VAL C 407 26.28 2.03 28.90
N SER C 408 24.97 2.16 29.10
CA SER C 408 24.23 1.14 29.84
C SER C 408 22.85 0.87 29.26
N THR C 409 22.36 -0.36 29.45
CA THR C 409 21.05 -0.75 28.96
C THR C 409 20.23 -1.50 30.02
N TYR C 410 19.05 -0.96 30.33
CA TYR C 410 18.16 -1.55 31.32
C TYR C 410 16.88 -2.03 30.62
N HIS C 411 16.29 -3.09 31.15
CA HIS C 411 15.05 -3.60 30.60
C HIS C 411 14.31 -4.47 31.61
N ARG C 412 13.07 -4.09 31.92
CA ARG C 412 12.27 -4.89 32.83
C ARG C 412 10.81 -4.90 32.41
N ARG C 413 10.17 -6.07 32.52
CA ARG C 413 8.77 -6.21 32.13
C ARG C 413 7.85 -6.46 33.32
N PHE C 414 7.05 -5.46 33.66
CA PHE C 414 6.07 -5.58 34.73
C PHE C 414 4.75 -6.10 34.16
N ASP C 415 4.35 -7.29 34.60
CA ASP C 415 3.13 -7.93 34.10
C ASP C 415 1.86 -7.11 34.34
N HIS C 416 1.73 -6.53 35.52
CA HIS C 416 0.60 -5.65 35.81
C HIS C 416 1.03 -4.20 35.78
N GLY C 417 0.89 -3.56 34.62
CA GLY C 417 1.35 -2.20 34.46
C GLY C 417 0.24 -1.18 34.66
N TYR C 418 -0.76 -1.24 33.79
CA TYR C 418 -1.87 -0.30 33.83
C TYR C 418 -3.20 -1.00 34.00
N PRO C 419 -4.01 -0.56 34.98
CA PRO C 419 -5.40 -1.01 35.10
C PRO C 419 -6.25 -0.31 34.04
N THR C 420 -6.63 -1.04 33.01
CA THR C 420 -7.31 -0.46 31.85
C THR C 420 -8.76 -0.05 32.16
N PRO C 421 -9.07 1.24 31.98
CA PRO C 421 -10.42 1.78 32.16
C PRO C 421 -11.37 1.36 31.03
N THR C 422 -11.62 0.06 30.90
CA THR C 422 -12.50 -0.44 29.86
C THR C 422 -13.96 -0.11 30.18
N LEU C 423 -14.86 -0.46 29.28
CA LEU C 423 -16.28 -0.18 29.48
C LEU C 423 -16.88 -1.12 30.52
N GLU C 424 -16.27 -2.30 30.65
CA GLU C 424 -16.78 -3.35 31.52
C GLU C 424 -16.20 -3.25 32.94
N ARG C 425 -15.25 -2.34 33.12
CA ARG C 425 -14.53 -2.21 34.38
C ARG C 425 -15.46 -2.03 35.57
N GLU C 426 -16.17 -0.90 35.63
CA GLU C 426 -17.12 -0.62 36.70
C GLU C 426 -18.15 -1.73 36.89
N GLY C 427 -18.50 -2.37 35.78
CA GLY C 427 -19.42 -3.50 35.81
C GLY C 427 -18.86 -4.63 36.64
N ALA C 428 -17.54 -4.82 36.56
CA ALA C 428 -16.88 -5.83 37.36
C ALA C 428 -16.59 -5.38 38.80
N LEU C 429 -16.07 -4.16 38.93
CA LEU C 429 -15.64 -3.62 40.22
C LEU C 429 -16.77 -3.44 41.21
N THR C 430 -17.92 -2.96 40.73
CA THR C 430 -19.07 -2.74 41.59
C THR C 430 -19.63 -4.06 42.14
N GLN C 431 -19.14 -5.18 41.60
CA GLN C 431 -19.46 -6.49 42.11
C GLN C 431 -18.36 -6.98 43.04
N ILE C 432 -17.13 -6.87 42.57
CA ILE C 432 -15.96 -7.40 43.28
C ILE C 432 -15.68 -6.71 44.62
N LEU C 433 -15.60 -5.39 44.59
CA LEU C 433 -15.25 -4.62 45.79
C LEU C 433 -16.22 -4.74 46.97
N PRO C 434 -17.54 -4.66 46.71
CA PRO C 434 -18.47 -4.83 47.85
C PRO C 434 -18.46 -6.25 48.43
N LYS C 435 -18.30 -7.26 47.59
CA LYS C 435 -18.28 -8.66 48.04
C LYS C 435 -17.07 -8.97 48.91
N LEU C 436 -15.97 -8.25 48.66
CA LEU C 436 -14.75 -8.41 49.44
C LEU C 436 -14.90 -7.75 50.79
N GLN C 437 -15.49 -6.56 50.79
CA GLN C 437 -15.70 -5.81 52.01
C GLN C 437 -16.71 -6.48 52.96
N ASP C 438 -17.59 -7.31 52.38
CA ASP C 438 -18.52 -8.09 53.19
C ASP C 438 -17.81 -9.25 53.88
N LYS C 439 -16.60 -9.56 53.44
CA LYS C 439 -15.76 -10.53 54.12
C LYS C 439 -14.71 -9.79 54.92
N ASP C 440 -15.02 -8.53 55.25
CA ASP C 440 -14.11 -7.64 55.96
C ASP C 440 -12.75 -7.51 55.29
N ILE C 441 -12.76 -7.33 53.97
CA ILE C 441 -11.53 -7.22 53.21
C ILE C 441 -11.50 -5.97 52.35
N TRP C 442 -10.68 -5.01 52.76
CA TRP C 442 -10.51 -3.75 52.04
C TRP C 442 -9.41 -3.91 50.99
N SER C 443 -9.80 -4.21 49.76
CA SER C 443 -8.84 -4.38 48.68
C SER C 443 -8.63 -3.03 48.00
N ARG C 444 -7.52 -2.38 48.31
CA ARG C 444 -7.23 -1.05 47.79
C ARG C 444 -5.89 -0.99 47.04
N GLY C 445 -5.78 -0.07 46.08
CA GLY C 445 -4.52 0.15 45.40
C GLY C 445 -4.65 0.23 43.89
N ARG C 446 -3.51 0.37 43.21
CA ARG C 446 -3.53 0.50 41.75
C ARG C 446 -4.06 -0.76 41.10
N PHE C 447 -3.83 -1.90 41.74
CA PHE C 447 -4.38 -3.17 41.27
C PHE C 447 -5.19 -3.88 42.35
N GLY C 448 -5.30 -3.23 43.52
CA GLY C 448 -6.16 -3.73 44.57
C GLY C 448 -7.57 -3.25 44.31
N SER C 449 -7.68 -2.00 43.85
CA SER C 449 -8.98 -1.42 43.52
C SER C 449 -9.14 -1.07 42.04
N TRP C 450 -8.04 -1.15 41.28
CA TRP C 450 -8.08 -1.17 39.81
C TRP C 450 -8.57 0.11 39.13
N ARG C 451 -8.45 1.27 39.77
CA ARG C 451 -8.93 2.50 39.16
C ARG C 451 -7.83 3.51 38.85
N TYR C 452 -7.40 3.54 37.59
CA TYR C 452 -6.38 4.47 37.13
C TYR C 452 -6.63 5.92 37.51
N GLU C 453 -7.89 6.34 37.47
CA GLU C 453 -8.28 7.71 37.83
C GLU C 453 -7.57 8.13 39.11
N VAL C 454 -7.41 7.17 40.00
CA VAL C 454 -6.85 7.40 41.31
C VAL C 454 -5.76 6.35 41.62
N GLY C 455 -4.90 6.11 40.62
CA GLY C 455 -3.90 5.06 40.72
C GLY C 455 -2.49 5.58 40.84
N ASN C 456 -2.36 6.87 41.14
CA ASN C 456 -1.05 7.47 41.37
C ASN C 456 -0.50 7.14 42.75
N GLN C 457 0.64 7.74 43.08
CA GLN C 457 1.30 7.44 44.34
C GLN C 457 0.58 8.01 45.55
N ASP C 458 0.27 9.30 45.48
CA ASP C 458 -0.49 9.97 46.52
C ASP C 458 -1.87 9.32 46.64
N HIS C 459 -2.48 9.05 45.49
CA HIS C 459 -3.78 8.42 45.41
C HIS C 459 -3.83 7.07 46.11
N SER C 460 -2.81 6.25 45.84
CA SER C 460 -2.70 4.91 46.43
C SER C 460 -2.46 4.99 47.94
N PHE C 461 -1.49 5.83 48.31
CA PHE C 461 -1.15 6.08 49.70
C PHE C 461 -2.41 6.42 50.48
N MET C 462 -3.21 7.32 49.93
CA MET C 462 -4.45 7.72 50.56
C MET C 462 -5.56 6.68 50.44
N LEU C 463 -5.42 5.74 49.51
CA LEU C 463 -6.34 4.61 49.45
C LEU C 463 -6.16 3.72 50.67
N GLY C 464 -4.91 3.44 50.99
CA GLY C 464 -4.61 2.70 52.21
C GLY C 464 -5.00 3.48 53.45
N VAL C 465 -4.56 4.73 53.51
CA VAL C 465 -4.84 5.60 54.65
C VAL C 465 -6.33 5.69 54.93
N GLU C 466 -7.12 5.98 53.89
CA GLU C 466 -8.56 6.10 54.06
C GLU C 466 -9.25 4.75 54.29
N ALA C 467 -8.66 3.67 53.82
CA ALA C 467 -9.20 2.35 54.12
C ALA C 467 -9.12 2.12 55.64
N VAL C 468 -7.93 2.39 56.19
CA VAL C 468 -7.74 2.29 57.63
C VAL C 468 -8.64 3.26 58.40
N ASP C 469 -8.72 4.50 57.92
CA ASP C 469 -9.53 5.51 58.57
C ASP C 469 -11.01 5.14 58.54
N ASN C 470 -11.40 4.37 57.53
CA ASN C 470 -12.76 3.88 57.45
C ASN C 470 -12.99 2.78 58.47
N ILE C 471 -12.09 1.80 58.47
CA ILE C 471 -12.11 0.69 59.42
C ILE C 471 -12.19 1.16 60.88
N VAL C 472 -11.40 2.17 61.22
CA VAL C 472 -11.28 2.63 62.60
C VAL C 472 -12.26 3.76 62.93
N ASN C 473 -12.23 4.83 62.16
CA ASN C 473 -13.00 6.03 62.48
C ASN C 473 -14.30 6.18 61.68
N GLY C 474 -14.59 5.20 60.83
CA GLY C 474 -15.82 5.21 60.07
C GLY C 474 -15.86 6.34 59.06
N ALA C 475 -14.69 6.79 58.61
CA ALA C 475 -14.62 7.85 57.60
C ALA C 475 -14.97 7.28 56.23
N VAL C 476 -15.40 8.15 55.32
CA VAL C 476 -15.83 7.72 54.00
C VAL C 476 -14.66 7.67 53.03
N GLU C 477 -14.56 6.61 52.25
CA GLU C 477 -13.46 6.42 51.31
C GLU C 477 -13.63 7.28 50.06
N LEU C 478 -13.40 8.58 50.24
CA LEU C 478 -13.58 9.56 49.18
C LEU C 478 -12.64 9.34 48.01
N THR C 479 -11.41 8.95 48.32
CA THR C 479 -10.41 8.71 47.29
C THR C 479 -10.79 7.51 46.42
N LEU C 480 -11.46 6.54 47.04
CA LEU C 480 -11.89 5.32 46.35
C LEU C 480 -13.14 5.52 45.50
N ASN C 481 -14.18 6.09 46.11
CA ASN C 481 -15.49 6.18 45.46
C ASN C 481 -15.74 7.49 44.70
N TYR C 482 -14.96 8.52 44.97
CA TYR C 482 -15.19 9.84 44.36
C TYR C 482 -13.90 10.53 43.87
N PRO C 483 -13.32 9.97 42.79
CA PRO C 483 -12.05 10.43 42.23
C PRO C 483 -12.13 11.88 41.80
N ASP C 484 -13.24 12.30 41.20
CA ASP C 484 -13.40 13.68 40.80
C ASP C 484 -13.45 14.61 42.01
N PHE C 485 -14.09 14.13 43.07
CA PHE C 485 -14.21 14.91 44.29
C PHE C 485 -12.84 15.16 44.89
N VAL C 486 -12.06 14.10 45.09
CA VAL C 486 -10.73 14.26 45.68
C VAL C 486 -9.74 14.99 44.77
N ASN C 487 -9.82 14.74 43.46
CA ASN C 487 -8.90 15.36 42.52
C ASN C 487 -9.19 16.84 42.29
N GLY C 488 -10.45 17.24 42.45
CA GLY C 488 -10.84 18.62 42.20
C GLY C 488 -10.70 19.56 43.38
N ARG C 489 -10.10 19.10 44.46
CA ARG C 489 -10.02 19.91 45.67
C ARG C 489 -8.64 19.81 46.34
N GLN C 490 -8.45 20.61 47.39
CA GLN C 490 -7.25 20.52 48.21
C GLN C 490 -7.57 19.83 49.52
N ASN C 491 -7.12 18.58 49.65
CA ASN C 491 -7.38 17.79 50.85
C ASN C 491 -6.42 18.18 51.97
N THR C 492 -6.89 19.07 52.86
CA THR C 492 -6.04 19.62 53.91
C THR C 492 -6.48 19.22 55.31
N GLU C 493 -7.60 18.51 55.42
CA GLU C 493 -8.17 18.16 56.71
C GLU C 493 -7.35 17.11 57.46
N ARG C 494 -7.01 16.02 56.78
CA ARG C 494 -6.29 14.91 57.39
C ARG C 494 -4.79 15.15 57.43
N ARG C 495 -4.22 15.19 58.63
CA ARG C 495 -2.79 15.43 58.78
C ARG C 495 -2.09 14.29 59.53
N LEU C 496 -0.76 14.26 59.44
CA LEU C 496 0.03 13.22 60.10
C LEU C 496 -0.07 13.34 61.62
N VAL C 497 -0.26 14.57 62.09
CA VAL C 497 -0.54 14.81 63.50
C VAL C 497 -1.94 15.40 63.62
N ASP C 498 -2.85 14.62 64.21
CA ASP C 498 -4.24 15.05 64.37
C ASP C 498 -4.54 15.52 65.79
N GLY C 499 -5.74 16.09 65.96
CA GLY C 499 -6.17 16.59 67.25
C GLY C 499 -6.21 15.49 68.29
N ALA C 500 -6.45 14.26 67.85
CA ALA C 500 -6.42 13.11 68.73
C ALA C 500 -5.01 12.95 69.34
N GLN C 501 -4.00 12.95 68.48
CA GLN C 501 -2.61 12.84 68.89
C GLN C 501 -2.23 13.99 69.82
N VAL C 502 -2.62 15.21 69.45
CA VAL C 502 -2.31 16.40 70.25
C VAL C 502 -2.92 16.34 71.64
N PHE C 503 -4.20 16.00 71.72
CA PHE C 503 -4.92 16.00 72.98
C PHE C 503 -4.44 14.89 73.88
N ALA C 504 -4.15 13.74 73.28
CA ALA C 504 -3.60 12.61 74.01
C ALA C 504 -2.22 12.96 74.57
N LYS C 505 -1.43 13.65 73.74
CA LYS C 505 -0.09 14.09 74.13
C LYS C 505 -0.16 15.07 75.31
N SER C 506 -1.12 15.99 75.26
CA SER C 506 -1.30 16.94 76.36
C SER C 506 -1.88 16.27 77.59
N LYS C 507 -2.54 15.14 77.38
CA LYS C 507 -3.13 14.39 78.49
C LYS C 507 -2.08 13.57 79.22
N ALA C 508 -1.08 13.11 78.48
CA ALA C 508 0.05 12.38 79.08
C ALA C 508 1.11 13.35 79.58
N GLN C 509 0.80 14.65 79.53
CA GLN C 509 1.72 15.67 80.00
C GLN C 509 1.35 16.05 81.45
N LEU C 510 0.22 15.52 81.91
CA LEU C 510 -0.27 15.84 83.25
C LEU C 510 -0.65 14.57 84.00
N THR D 1 14.36 -84.33 35.58
CA THR D 1 15.81 -84.17 35.69
C THR D 1 16.21 -82.69 35.71
N HIS D 2 17.30 -82.38 36.39
CA HIS D 2 17.78 -81.00 36.50
C HIS D 2 18.85 -80.66 35.47
N PRO D 3 18.77 -79.45 34.89
CA PRO D 3 19.79 -78.96 33.96
C PRO D 3 21.08 -78.63 34.71
N ASP D 4 22.22 -78.79 34.04
CA ASP D 4 23.51 -78.51 34.67
C ASP D 4 23.62 -77.05 35.09
N ILE D 5 23.01 -76.18 34.29
CA ILE D 5 22.98 -74.75 34.59
C ILE D 5 21.55 -74.24 34.45
N SER D 6 21.18 -73.27 35.29
CA SER D 6 19.85 -72.67 35.19
C SER D 6 19.94 -71.14 35.32
N VAL D 7 19.29 -70.47 34.37
CA VAL D 7 19.26 -69.01 34.35
C VAL D 7 17.86 -68.49 34.03
N ASP D 8 17.61 -67.23 34.39
CA ASP D 8 16.34 -66.60 34.08
C ASP D 8 16.29 -66.25 32.60
N VAL D 9 17.36 -65.61 32.12
CA VAL D 9 17.48 -65.25 30.72
C VAL D 9 18.74 -65.84 30.09
N LEU D 10 18.55 -66.71 29.09
CA LEU D 10 19.66 -67.28 28.33
C LEU D 10 19.82 -66.55 27.00
N VAL D 11 21.04 -66.13 26.68
CA VAL D 11 21.30 -65.41 25.44
C VAL D 11 22.21 -66.20 24.50
N ILE D 12 21.65 -66.65 23.38
CA ILE D 12 22.41 -67.40 22.38
C ILE D 12 22.98 -66.46 21.32
N GLY D 13 24.29 -66.54 21.09
CA GLY D 13 24.93 -65.70 20.10
C GLY D 13 25.61 -64.47 20.68
N ALA D 14 26.89 -64.32 20.39
CA ALA D 14 27.69 -63.20 20.90
C ALA D 14 27.96 -62.17 19.82
N GLY D 15 27.04 -62.03 18.88
CA GLY D 15 27.11 -60.96 17.90
C GLY D 15 26.59 -59.69 18.56
N PRO D 16 26.48 -58.60 17.79
CA PRO D 16 26.01 -57.30 18.32
C PRO D 16 24.67 -57.38 19.08
N THR D 17 23.73 -58.16 18.58
CA THR D 17 22.43 -58.32 19.21
C THR D 17 22.56 -58.97 20.59
N GLY D 18 23.14 -60.15 20.62
CA GLY D 18 23.34 -60.89 21.85
C GLY D 18 24.18 -60.13 22.86
N LEU D 19 25.15 -59.37 22.36
CA LEU D 19 25.98 -58.54 23.21
C LEU D 19 25.18 -57.35 23.75
N GLY D 20 24.17 -56.93 22.99
CA GLY D 20 23.28 -55.87 23.44
C GLY D 20 22.45 -56.39 24.60
N ALA D 21 21.88 -57.57 24.39
CA ALA D 21 21.12 -58.26 25.43
C ALA D 21 21.95 -58.40 26.69
N ALA D 22 23.17 -58.92 26.53
CA ALA D 22 24.10 -59.13 27.65
C ALA D 22 24.45 -57.82 28.36
N LYS D 23 24.69 -56.77 27.59
CA LYS D 23 25.01 -55.46 28.15
C LYS D 23 23.87 -54.89 28.99
N ARG D 24 22.65 -55.00 28.49
CA ARG D 24 21.51 -54.48 29.24
C ARG D 24 21.22 -55.32 30.47
N LEU D 25 21.28 -56.64 30.32
CA LEU D 25 21.11 -57.55 31.45
C LEU D 25 22.11 -57.25 32.56
N ASN D 26 23.38 -57.11 32.18
CA ASN D 26 24.46 -56.83 33.12
C ASN D 26 24.34 -55.43 33.72
N GLN D 27 23.70 -54.53 32.98
CA GLN D 27 23.45 -53.18 33.47
C GLN D 27 22.39 -53.18 34.57
N ILE D 28 21.26 -53.81 34.30
CA ILE D 28 20.18 -53.94 35.26
C ILE D 28 20.63 -54.68 36.50
N ASP D 29 21.37 -55.78 36.28
CA ASP D 29 21.82 -56.66 37.34
C ASP D 29 20.63 -57.18 38.15
N GLY D 30 19.60 -57.62 37.43
CA GLY D 30 18.42 -58.17 38.06
C GLY D 30 18.44 -59.69 38.02
N PRO D 31 17.71 -60.27 37.06
CA PRO D 31 17.64 -61.72 36.88
C PRO D 31 18.99 -62.30 36.49
N SER D 32 19.18 -63.58 36.80
CA SER D 32 20.40 -64.28 36.42
C SER D 32 20.42 -64.45 34.91
N TRP D 33 21.61 -64.40 34.32
CA TRP D 33 21.72 -64.49 32.87
C TRP D 33 23.03 -65.13 32.43
N MET D 34 23.02 -65.65 31.21
CA MET D 34 24.17 -66.32 30.64
C MET D 34 24.18 -66.12 29.13
N ILE D 35 25.38 -66.01 28.56
CA ILE D 35 25.53 -65.86 27.12
C ILE D 35 26.50 -66.87 26.53
N VAL D 36 26.07 -67.56 25.47
CA VAL D 36 26.89 -68.59 24.84
C VAL D 36 27.15 -68.28 23.37
N ASP D 37 28.23 -68.84 22.83
CA ASP D 37 28.54 -68.71 21.40
C ASP D 37 29.48 -69.84 20.94
N SER D 38 29.28 -70.31 19.71
CA SER D 38 30.10 -71.37 19.15
C SER D 38 31.46 -70.84 18.70
N ASN D 39 31.61 -69.52 18.75
CA ASN D 39 32.85 -68.88 18.34
C ASN D 39 33.59 -68.32 19.55
N GLU D 40 34.87 -68.66 19.67
CA GLU D 40 35.70 -68.20 20.79
C GLU D 40 35.87 -66.69 20.80
N THR D 41 35.75 -66.06 19.64
CA THR D 41 35.87 -64.61 19.53
C THR D 41 34.51 -63.97 19.22
N PRO D 42 34.09 -63.04 20.09
CA PRO D 42 32.79 -62.36 19.96
C PRO D 42 32.81 -61.32 18.84
N GLY D 43 31.68 -61.14 18.17
CA GLY D 43 31.57 -60.15 17.12
C GLY D 43 30.67 -60.57 15.97
N GLY D 44 30.58 -61.87 15.74
CA GLY D 44 29.72 -62.41 14.69
C GLY D 44 30.08 -61.91 13.30
N LEU D 45 29.09 -61.38 12.60
CA LEU D 45 29.31 -60.82 11.26
C LEU D 45 30.06 -59.50 11.33
N ALA D 46 30.18 -58.94 12.53
CA ALA D 46 30.88 -57.67 12.69
C ALA D 46 32.34 -57.86 13.11
N SER D 47 32.86 -59.06 12.87
CA SER D 47 34.23 -59.42 13.22
C SER D 47 35.22 -59.08 12.10
N THR D 48 36.51 -59.11 12.43
CA THR D 48 37.56 -58.78 11.48
C THR D 48 38.50 -59.97 11.26
N ASP D 49 38.80 -60.26 10.00
CA ASP D 49 39.77 -61.31 9.66
C ASP D 49 41.09 -60.69 9.26
N VAL D 50 42.16 -61.47 9.31
CA VAL D 50 43.47 -60.99 8.88
C VAL D 50 44.13 -62.00 7.94
N THR D 51 44.75 -61.50 6.88
CA THR D 51 45.48 -62.36 5.97
C THR D 51 46.88 -62.58 6.54
N PRO D 52 47.53 -63.70 6.16
CA PRO D 52 48.89 -63.99 6.61
C PRO D 52 49.90 -62.90 6.26
N GLU D 53 49.49 -61.94 5.43
CA GLU D 53 50.36 -60.84 5.05
C GLU D 53 50.06 -59.58 5.86
N GLY D 54 49.19 -59.72 6.85
CA GLY D 54 48.92 -58.63 7.78
C GLY D 54 47.89 -57.62 7.29
N PHE D 55 46.96 -58.08 6.47
CA PHE D 55 45.87 -57.22 5.99
C PHE D 55 44.56 -57.51 6.71
N LEU D 56 43.97 -56.47 7.29
CA LEU D 56 42.69 -56.62 7.98
C LEU D 56 41.51 -56.48 7.03
N TYR D 57 40.45 -57.23 7.29
CA TYR D 57 39.24 -57.11 6.49
C TYR D 57 37.99 -57.39 7.33
N ASP D 58 37.06 -56.45 7.35
CA ASP D 58 35.76 -56.69 7.97
C ASP D 58 34.93 -57.64 7.11
N VAL D 59 33.65 -57.74 7.39
CA VAL D 59 32.74 -58.49 6.54
C VAL D 59 31.95 -57.51 5.67
N GLY D 60 32.65 -56.88 4.73
CA GLY D 60 32.05 -55.95 3.80
C GLY D 60 32.20 -54.48 4.14
N GLY D 61 33.25 -54.15 4.90
CA GLY D 61 33.53 -52.76 5.26
C GLY D 61 32.38 -52.10 6.01
N HIS D 62 32.36 -52.30 7.32
CA HIS D 62 31.26 -51.83 8.15
C HIS D 62 31.46 -50.38 8.57
N VAL D 63 30.38 -49.61 8.54
CA VAL D 63 30.44 -48.18 8.86
C VAL D 63 29.40 -47.84 9.91
N ILE D 64 29.81 -47.10 10.94
CA ILE D 64 28.91 -46.79 12.04
C ILE D 64 28.24 -45.42 11.93
N PHE D 65 26.92 -45.43 11.77
CA PHE D 65 26.08 -44.27 12.06
C PHE D 65 25.03 -44.73 13.07
N SER D 66 25.06 -44.13 14.25
CA SER D 66 24.18 -44.57 15.34
C SER D 66 22.90 -43.75 15.45
N HIS D 67 21.80 -44.44 15.68
CA HIS D 67 20.55 -43.77 16.01
C HIS D 67 20.34 -43.81 17.51
N TYR D 68 21.26 -44.49 18.20
CA TYR D 68 21.07 -44.78 19.62
C TYR D 68 22.19 -44.25 20.54
N LYS D 69 21.80 -43.34 21.42
CA LYS D 69 22.69 -42.79 22.44
C LYS D 69 23.21 -43.92 23.35
N TYR D 70 22.42 -44.98 23.49
CA TYR D 70 22.81 -46.13 24.28
C TYR D 70 23.97 -46.87 23.64
N PHE D 71 23.81 -47.19 22.35
CA PHE D 71 24.86 -47.78 21.53
C PHE D 71 26.12 -46.93 21.60
N ASP D 72 25.93 -45.62 21.46
CA ASP D 72 27.00 -44.65 21.62
C ASP D 72 27.71 -44.80 22.96
N ASP D 73 26.94 -44.96 24.05
CA ASP D 73 27.48 -45.08 25.40
C ASP D 73 28.32 -46.34 25.59
N CYS D 74 27.82 -47.46 25.07
CA CYS D 74 28.54 -48.73 25.15
C CYS D 74 29.84 -48.67 24.37
N LEU D 75 29.80 -48.01 23.21
CA LEU D 75 31.01 -47.87 22.40
C LEU D 75 32.03 -46.96 23.10
N ASP D 76 31.55 -45.85 23.64
CA ASP D 76 32.40 -44.92 24.38
C ASP D 76 32.99 -45.58 25.62
N GLU D 77 32.32 -46.62 26.12
CA GLU D 77 32.82 -47.34 27.27
C GLU D 77 33.90 -48.33 26.87
N ALA D 78 33.64 -49.07 25.79
CA ALA D 78 34.56 -50.09 25.30
C ALA D 78 35.87 -49.51 24.78
N LEU D 79 35.76 -48.40 24.05
CA LEU D 79 36.94 -47.70 23.53
C LEU D 79 36.90 -46.22 23.92
N PRO D 80 37.32 -45.91 25.16
CA PRO D 80 37.18 -44.58 25.76
C PRO D 80 38.19 -43.55 25.28
N LYS D 81 39.38 -43.99 24.85
CA LYS D 81 40.43 -43.07 24.44
C LYS D 81 40.09 -42.37 23.12
N GLU D 82 40.56 -41.13 22.97
CA GLU D 82 40.26 -40.34 21.77
C GLU D 82 40.92 -40.93 20.53
N ASP D 83 42.11 -41.47 20.71
CA ASP D 83 42.89 -42.03 19.61
C ASP D 83 42.44 -43.44 19.22
N ASP D 84 41.47 -43.99 19.95
CA ASP D 84 40.91 -45.29 19.60
C ASP D 84 40.04 -45.21 18.36
N TRP D 85 39.64 -44.00 18.00
CA TRP D 85 38.77 -43.79 16.85
C TRP D 85 39.38 -42.84 15.83
N TYR D 86 39.09 -43.09 14.55
CA TYR D 86 39.42 -42.16 13.48
C TYR D 86 38.12 -41.61 12.92
N THR D 87 38.11 -40.32 12.58
CA THR D 87 36.90 -39.68 12.07
C THR D 87 37.02 -39.36 10.58
N HIS D 88 36.04 -39.77 9.81
CA HIS D 88 36.06 -39.61 8.36
C HIS D 88 34.77 -38.98 7.82
N GLN D 89 34.92 -38.20 6.76
CA GLN D 89 33.82 -37.62 6.02
C GLN D 89 33.44 -38.60 4.92
N ARG D 90 32.15 -38.82 4.71
CA ARG D 90 31.70 -39.78 3.70
C ARG D 90 32.00 -39.31 2.28
N ILE D 91 32.75 -40.13 1.56
CA ILE D 91 33.03 -39.88 0.15
C ILE D 91 32.57 -41.09 -0.64
N SER D 92 31.42 -40.97 -1.31
CA SER D 92 30.81 -42.11 -1.99
C SER D 92 30.49 -41.80 -3.46
N TYR D 93 30.75 -42.77 -4.33
CA TYR D 93 30.52 -42.59 -5.76
C TYR D 93 29.91 -43.82 -6.41
N VAL D 94 29.47 -43.66 -7.66
CA VAL D 94 28.84 -44.71 -8.42
C VAL D 94 29.49 -44.79 -9.81
N ARG D 95 29.92 -45.98 -10.20
CA ARG D 95 30.61 -46.18 -11.46
C ARG D 95 29.63 -46.38 -12.61
N CYS D 96 29.33 -45.30 -13.34
CA CYS D 96 28.40 -45.38 -14.46
C CYS D 96 29.02 -44.80 -15.74
N GLN D 97 29.32 -45.70 -16.68
CA GLN D 97 29.87 -45.32 -17.98
C GLN D 97 31.18 -44.53 -17.88
N GLY D 98 32.17 -45.14 -17.25
CA GLY D 98 33.50 -44.54 -17.10
C GLY D 98 33.48 -43.24 -16.31
N GLN D 99 32.55 -43.15 -15.36
CA GLN D 99 32.41 -41.93 -14.57
C GLN D 99 32.27 -42.24 -13.08
N TRP D 100 32.64 -41.27 -12.25
CA TRP D 100 32.36 -41.36 -10.83
C TRP D 100 31.24 -40.38 -10.47
N VAL D 101 30.05 -40.92 -10.25
CA VAL D 101 28.89 -40.08 -9.95
C VAL D 101 28.65 -40.00 -8.45
N PRO D 102 28.74 -38.77 -7.88
CA PRO D 102 28.57 -38.51 -6.45
C PRO D 102 27.25 -39.03 -5.89
N TYR D 103 27.35 -39.80 -4.81
CA TYR D 103 26.18 -40.30 -4.09
C TYR D 103 25.38 -39.13 -3.53
N PRO D 104 24.04 -39.20 -3.63
CA PRO D 104 23.27 -40.25 -4.31
C PRO D 104 23.15 -40.02 -5.81
N PHE D 105 23.27 -41.10 -6.59
CA PHE D 105 23.21 -41.09 -8.05
C PHE D 105 22.05 -40.26 -8.57
N GLN D 106 20.85 -40.57 -8.09
CA GLN D 106 19.63 -39.94 -8.56
C GLN D 106 19.62 -38.41 -8.40
N ASN D 107 20.51 -37.89 -7.56
CA ASN D 107 20.56 -36.45 -7.34
C ASN D 107 21.76 -35.77 -8.00
N ASN D 108 22.55 -36.55 -8.73
CA ASN D 108 23.75 -36.01 -9.39
C ASN D 108 23.80 -36.25 -10.89
N ILE D 109 22.61 -36.29 -11.50
CA ILE D 109 22.46 -36.55 -12.93
C ILE D 109 23.37 -35.66 -13.78
N SER D 110 23.66 -34.47 -13.27
CA SER D 110 24.52 -33.51 -13.94
C SER D 110 25.86 -34.09 -14.41
N MET D 111 26.37 -35.06 -13.66
CA MET D 111 27.67 -35.63 -14.00
C MET D 111 27.57 -36.83 -14.95
N LEU D 112 26.46 -36.88 -15.69
CA LEU D 112 26.24 -37.94 -16.66
C LEU D 112 26.39 -37.39 -18.08
N PRO D 113 26.52 -38.28 -19.07
CA PRO D 113 26.46 -37.86 -20.48
C PRO D 113 25.13 -37.17 -20.79
N LYS D 114 25.11 -36.33 -21.82
CA LYS D 114 23.91 -35.58 -22.18
C LYS D 114 22.75 -36.49 -22.60
N GLU D 115 23.06 -37.47 -23.44
CA GLU D 115 22.06 -38.41 -23.95
C GLU D 115 21.30 -39.10 -22.82
N GLU D 116 22.02 -39.44 -21.75
CA GLU D 116 21.41 -40.11 -20.61
C GLU D 116 20.75 -39.11 -19.66
N GLN D 117 21.32 -37.91 -19.58
CA GLN D 117 20.70 -36.81 -18.84
C GLN D 117 19.27 -36.59 -19.35
N VAL D 118 19.12 -36.57 -20.67
CA VAL D 118 17.81 -36.38 -21.29
C VAL D 118 16.82 -37.46 -20.85
N LYS D 119 17.23 -38.73 -20.99
CA LYS D 119 16.40 -39.86 -20.58
C LYS D 119 15.98 -39.76 -19.12
N CYS D 120 16.95 -39.53 -18.25
CA CYS D 120 16.70 -39.41 -16.82
C CYS D 120 15.70 -38.29 -16.50
N ILE D 121 15.97 -37.09 -17.00
CA ILE D 121 15.08 -35.96 -16.73
C ILE D 121 13.66 -36.19 -17.30
N ASP D 122 13.59 -36.86 -18.45
CA ASP D 122 12.29 -37.22 -19.03
C ASP D 122 11.49 -38.13 -18.12
N GLY D 123 12.11 -39.24 -17.74
CA GLY D 123 11.49 -40.19 -16.82
C GLY D 123 11.07 -39.53 -15.52
N MET D 124 11.90 -38.60 -15.05
CA MET D 124 11.60 -37.85 -13.83
C MET D 124 10.37 -36.96 -13.99
N ILE D 125 10.27 -36.28 -15.14
CA ILE D 125 9.11 -35.44 -15.45
C ILE D 125 7.83 -36.27 -15.48
N ASP D 126 7.88 -37.38 -16.22
CA ASP D 126 6.75 -38.30 -16.29
C ASP D 126 6.32 -38.74 -14.89
N ALA D 127 7.28 -39.28 -14.12
CA ALA D 127 7.02 -39.80 -12.79
C ALA D 127 6.45 -38.76 -11.84
N ALA D 128 6.94 -37.53 -11.97
CA ALA D 128 6.46 -36.42 -11.14
C ALA D 128 5.02 -36.07 -11.48
N LEU D 129 4.75 -35.97 -12.77
CA LEU D 129 3.41 -35.67 -13.26
C LEU D 129 2.40 -36.71 -12.82
N GLU D 130 2.77 -37.98 -12.90
CA GLU D 130 1.88 -39.05 -12.42
C GLU D 130 1.71 -39.01 -10.91
N ALA D 131 2.80 -38.68 -10.22
CA ALA D 131 2.81 -38.63 -8.75
C ALA D 131 1.91 -37.52 -8.22
N ARG D 132 1.74 -36.47 -9.01
CA ARG D 132 0.86 -35.36 -8.63
C ARG D 132 -0.59 -35.82 -8.52
N VAL D 133 -0.88 -36.95 -9.15
CA VAL D 133 -2.25 -37.43 -9.26
C VAL D 133 -2.46 -38.74 -8.49
N ALA D 134 -1.37 -39.48 -8.28
CA ALA D 134 -1.44 -40.80 -7.64
C ALA D 134 -2.15 -40.77 -6.29
N ASN D 135 -2.96 -41.79 -6.05
CA ASN D 135 -3.74 -41.88 -4.81
C ASN D 135 -3.52 -43.20 -4.10
N THR D 136 -2.79 -44.11 -4.75
CA THR D 136 -2.49 -45.41 -4.17
C THR D 136 -1.05 -45.47 -3.67
N LYS D 137 -0.64 -46.67 -3.26
CA LYS D 137 0.74 -46.92 -2.82
C LYS D 137 1.38 -47.96 -3.73
N PRO D 138 2.71 -47.89 -3.90
CA PRO D 138 3.43 -48.87 -4.71
C PRO D 138 3.30 -50.27 -4.13
N LYS D 139 3.20 -51.27 -4.99
CA LYS D 139 3.11 -52.66 -4.53
C LYS D 139 4.51 -53.22 -4.30
N THR D 140 5.39 -53.02 -5.28
CA THR D 140 6.74 -53.58 -5.22
C THR D 140 7.81 -52.50 -5.19
N PHE D 141 9.03 -52.93 -4.83
CA PHE D 141 10.21 -52.07 -4.86
C PHE D 141 10.36 -51.44 -6.24
N ASP D 142 10.14 -52.24 -7.28
CA ASP D 142 10.25 -51.74 -8.65
C ASP D 142 9.29 -50.59 -8.90
N GLU D 143 8.04 -50.78 -8.48
CA GLU D 143 7.03 -49.74 -8.58
C GLU D 143 7.45 -48.49 -7.84
N TRP D 144 7.97 -48.66 -6.62
CA TRP D 144 8.43 -47.51 -5.82
C TRP D 144 9.51 -46.74 -6.57
N ILE D 145 10.46 -47.47 -7.14
CA ILE D 145 11.54 -46.88 -7.91
C ILE D 145 11.02 -46.06 -9.09
N VAL D 146 10.12 -46.66 -9.86
CA VAL D 146 9.53 -45.97 -11.02
C VAL D 146 8.75 -44.72 -10.61
N ARG D 147 7.96 -44.83 -9.55
CA ARG D 147 7.17 -43.70 -9.06
C ARG D 147 8.05 -42.55 -8.59
N MET D 148 9.11 -42.88 -7.87
CA MET D 148 9.92 -41.87 -7.21
C MET D 148 11.02 -41.28 -8.09
N MET D 149 11.42 -42.02 -9.13
CA MET D 149 12.55 -41.61 -9.95
C MET D 149 12.24 -41.54 -11.44
N GLY D 150 11.77 -42.65 -12.00
CA GLY D 150 11.47 -42.71 -13.42
C GLY D 150 12.18 -43.85 -14.12
N THR D 151 11.66 -44.21 -15.28
CA THR D 151 12.15 -45.36 -16.04
C THR D 151 13.61 -45.18 -16.47
N GLY D 152 14.03 -43.93 -16.64
CA GLY D 152 15.38 -43.63 -17.06
C GLY D 152 16.39 -44.07 -16.02
N ILE D 153 16.31 -43.48 -14.83
CA ILE D 153 17.18 -43.84 -13.71
C ILE D 153 16.96 -45.29 -13.30
N ALA D 154 15.73 -45.77 -13.47
CA ALA D 154 15.41 -47.16 -13.13
C ALA D 154 16.22 -48.14 -13.98
N ASP D 155 16.23 -47.92 -15.28
CA ASP D 155 16.93 -48.81 -16.21
C ASP D 155 18.44 -48.56 -16.22
N LEU D 156 18.84 -47.34 -15.86
CA LEU D 156 20.25 -46.97 -15.91
C LEU D 156 21.01 -47.37 -14.64
N PHE D 157 20.32 -47.43 -13.50
CA PHE D 157 21.01 -47.64 -12.23
C PHE D 157 20.27 -48.58 -11.27
N MET D 158 19.06 -48.19 -10.91
CA MET D 158 18.30 -48.87 -9.84
C MET D 158 18.09 -50.37 -10.06
N ARG D 159 17.44 -50.74 -11.15
CA ARG D 159 17.22 -52.16 -11.44
C ARG D 159 18.50 -53.01 -11.50
N PRO D 160 19.46 -52.63 -12.36
CA PRO D 160 20.67 -53.48 -12.48
C PRO D 160 21.50 -53.54 -11.20
N TYR D 161 21.69 -52.41 -10.52
CA TYR D 161 22.45 -52.42 -9.28
C TYR D 161 21.76 -53.21 -8.19
N ASN D 162 20.47 -52.97 -8.01
CA ASN D 162 19.73 -53.63 -6.95
C ASN D 162 19.63 -55.14 -7.17
N PHE D 163 19.64 -55.58 -8.43
CA PHE D 163 19.78 -57.01 -8.66
C PHE D 163 21.19 -57.46 -8.31
N LYS D 164 22.16 -56.64 -8.67
CA LYS D 164 23.56 -56.97 -8.45
C LYS D 164 23.93 -57.08 -6.97
N VAL D 165 23.12 -56.48 -6.10
CA VAL D 165 23.34 -56.58 -4.66
C VAL D 165 22.35 -57.53 -3.95
N TRP D 166 21.07 -57.40 -4.27
CA TRP D 166 20.04 -58.20 -3.59
C TRP D 166 19.89 -59.61 -4.15
N ALA D 167 20.53 -59.86 -5.28
CA ALA D 167 20.50 -61.17 -5.96
C ALA D 167 19.10 -61.61 -6.37
N VAL D 168 18.16 -60.67 -6.32
CA VAL D 168 16.80 -60.89 -6.80
C VAL D 168 16.32 -59.63 -7.52
N PRO D 169 15.41 -59.79 -8.48
CA PRO D 169 14.86 -58.64 -9.20
C PRO D 169 14.15 -57.67 -8.25
N THR D 170 14.04 -56.41 -8.66
CA THR D 170 13.37 -55.40 -7.86
C THR D 170 11.86 -55.59 -7.88
N THR D 171 11.39 -56.50 -8.72
CA THR D 171 9.97 -56.81 -8.82
C THR D 171 9.54 -57.87 -7.82
N LYS D 172 10.53 -58.52 -7.20
CA LYS D 172 10.26 -59.54 -6.19
C LYS D 172 10.41 -59.00 -4.78
N MET D 173 10.89 -57.76 -4.65
CA MET D 173 11.08 -57.15 -3.34
C MET D 173 9.98 -56.16 -2.97
N GLN D 174 9.78 -56.00 -1.66
CA GLN D 174 8.79 -55.07 -1.12
C GLN D 174 9.39 -53.67 -1.02
N CYS D 175 8.56 -52.65 -0.86
CA CYS D 175 9.05 -51.27 -0.82
C CYS D 175 8.88 -50.62 0.56
N ALA D 176 8.45 -51.40 1.55
CA ALA D 176 8.18 -50.89 2.89
C ALA D 176 9.45 -50.69 3.73
N TRP D 177 10.60 -51.03 3.15
CA TRP D 177 11.84 -51.09 3.92
C TRP D 177 12.81 -49.93 3.71
N LEU D 178 12.53 -49.10 2.71
CA LEU D 178 13.52 -48.14 2.22
C LEU D 178 13.35 -46.70 2.73
N GLY D 179 12.82 -46.56 3.94
CA GLY D 179 12.58 -45.23 4.51
C GLY D 179 13.80 -44.32 4.50
N GLU D 180 14.90 -44.77 5.08
CA GLU D 180 16.11 -43.97 5.15
C GLU D 180 17.21 -44.53 4.25
N ARG D 181 16.85 -45.54 3.46
CA ARG D 181 17.80 -46.20 2.58
C ARG D 181 17.94 -45.46 1.25
N VAL D 182 16.86 -45.48 0.46
CA VAL D 182 16.88 -44.86 -0.87
C VAL D 182 16.35 -43.44 -0.82
N ALA D 183 17.11 -42.51 -1.39
CA ALA D 183 16.71 -41.11 -1.46
C ALA D 183 15.64 -40.91 -2.53
N ALA D 184 14.72 -39.97 -2.29
CA ALA D 184 13.70 -39.64 -3.28
C ALA D 184 14.05 -38.32 -3.97
N PRO D 185 14.42 -38.39 -5.25
CA PRO D 185 14.88 -37.19 -5.99
C PRO D 185 13.79 -36.13 -6.18
N ASN D 186 14.13 -34.88 -5.90
CA ASN D 186 13.23 -33.76 -6.16
C ASN D 186 13.51 -33.14 -7.52
N LEU D 187 12.53 -33.23 -8.42
CA LEU D 187 12.69 -32.83 -9.83
C LEU D 187 13.35 -31.46 -10.03
N LYS D 188 12.85 -30.46 -9.30
CA LYS D 188 13.36 -29.10 -9.40
C LYS D 188 14.84 -29.01 -9.08
N ALA D 189 15.22 -29.55 -7.93
CA ALA D 189 16.61 -29.54 -7.49
C ALA D 189 17.50 -30.33 -8.44
N VAL D 190 17.01 -31.47 -8.91
CA VAL D 190 17.73 -32.30 -9.86
C VAL D 190 18.04 -31.55 -11.16
N THR D 191 17.00 -30.96 -11.75
CA THR D 191 17.17 -30.20 -12.99
C THR D 191 18.03 -28.96 -12.77
N THR D 192 17.96 -28.39 -11.58
CA THR D 192 18.79 -27.25 -11.24
C THR D 192 20.26 -27.66 -11.25
N ASN D 193 20.53 -28.81 -10.63
CA ASN D 193 21.86 -29.39 -10.65
C ASN D 193 22.33 -29.70 -12.07
N VAL D 194 21.41 -30.17 -12.91
CA VAL D 194 21.74 -30.49 -14.30
C VAL D 194 22.11 -29.23 -15.08
N ILE D 195 21.41 -28.13 -14.81
CA ILE D 195 21.69 -26.86 -15.46
C ILE D 195 23.02 -26.27 -14.99
N LEU D 196 23.19 -26.14 -13.68
CA LEU D 196 24.37 -25.46 -13.14
C LEU D 196 25.62 -26.34 -13.12
N GLY D 197 25.44 -27.63 -13.33
CA GLY D 197 26.55 -28.58 -13.26
C GLY D 197 26.99 -28.82 -11.83
N LYS D 198 26.17 -28.41 -10.87
CA LYS D 198 26.50 -28.58 -9.45
C LYS D 198 26.32 -30.02 -8.97
N THR D 199 26.53 -30.21 -7.67
CA THR D 199 26.39 -31.52 -7.04
C THR D 199 25.62 -31.43 -5.72
N ALA D 200 25.28 -32.59 -5.16
CA ALA D 200 24.58 -32.66 -3.89
C ALA D 200 24.86 -33.99 -3.20
N GLY D 201 25.99 -34.06 -2.50
CA GLY D 201 26.40 -35.29 -1.83
C GLY D 201 26.26 -35.21 -0.32
N ASN D 202 25.16 -34.63 0.13
CA ASN D 202 24.90 -34.46 1.56
C ASN D 202 23.84 -35.42 2.10
N TRP D 203 23.01 -35.95 1.21
CA TRP D 203 21.95 -36.85 1.64
C TRP D 203 22.52 -38.19 2.09
N GLY D 204 21.92 -38.75 3.14
CA GLY D 204 22.34 -40.04 3.65
C GLY D 204 22.67 -40.00 5.13
N PRO D 205 22.34 -41.08 5.85
CA PRO D 205 22.62 -41.24 7.28
C PRO D 205 24.12 -41.19 7.58
N ASN D 206 24.94 -41.42 6.57
CA ASN D 206 26.39 -41.57 6.78
C ASN D 206 27.20 -40.29 6.59
N ALA D 207 26.58 -39.13 6.84
CA ALA D 207 27.22 -37.82 6.65
C ALA D 207 28.67 -37.76 7.13
N THR D 208 28.87 -38.01 8.42
CA THR D 208 30.21 -38.11 8.98
C THR D 208 30.26 -39.30 9.94
N PHE D 209 31.25 -40.16 9.77
CA PHE D 209 31.29 -41.37 10.59
C PHE D 209 32.65 -41.59 11.23
N ARG D 210 32.73 -42.56 12.13
CA ARG D 210 33.99 -42.90 12.79
C ARG D 210 34.32 -44.38 12.65
N PHE D 211 35.61 -44.70 12.82
CA PHE D 211 36.10 -46.06 12.65
C PHE D 211 37.14 -46.40 13.72
N PRO D 212 37.06 -47.61 14.29
CA PRO D 212 38.02 -48.11 15.28
C PRO D 212 39.45 -48.14 14.72
N ALA D 213 40.37 -47.51 15.44
CA ALA D 213 41.75 -47.34 14.98
C ALA D 213 42.45 -48.68 14.76
N ARG D 214 42.18 -49.64 15.63
CA ARG D 214 42.87 -50.91 15.59
C ARG D 214 41.91 -52.10 15.68
N GLY D 215 42.25 -53.16 14.95
CA GLY D 215 41.53 -54.42 15.04
C GLY D 215 40.19 -54.44 14.33
N GLY D 216 40.03 -53.54 13.37
CA GLY D 216 38.79 -53.45 12.60
C GLY D 216 37.57 -53.20 13.48
N THR D 217 36.40 -53.48 12.93
CA THR D 217 35.15 -53.32 13.68
C THR D 217 34.99 -54.42 14.73
N GLY D 218 35.64 -55.57 14.49
CA GLY D 218 35.59 -56.66 15.43
C GLY D 218 36.21 -56.30 16.77
N GLY D 219 37.22 -55.43 16.72
CA GLY D 219 37.91 -54.98 17.93
C GLY D 219 36.97 -54.28 18.89
N ILE D 220 36.00 -53.58 18.33
CA ILE D 220 34.94 -52.93 19.09
C ILE D 220 34.16 -53.93 19.91
N TRP D 221 33.75 -55.02 19.29
CA TRP D 221 32.88 -56.00 19.95
C TRP D 221 33.62 -56.92 20.92
N ILE D 222 34.90 -57.13 20.64
CA ILE D 222 35.76 -57.79 21.61
C ILE D 222 35.91 -56.90 22.84
N ALA D 223 36.16 -55.61 22.59
CA ALA D 223 36.30 -54.64 23.68
C ALA D 223 35.03 -54.51 24.51
N VAL D 224 33.88 -54.62 23.84
CA VAL D 224 32.60 -54.57 24.52
C VAL D 224 32.41 -55.82 25.37
N ALA D 225 32.62 -56.97 24.76
CA ALA D 225 32.51 -58.25 25.45
C ALA D 225 33.43 -58.35 26.67
N ASN D 226 34.56 -57.63 26.63
CA ASN D 226 35.49 -57.63 27.76
C ASN D 226 35.02 -56.79 28.97
N THR D 227 33.85 -56.18 28.84
CA THR D 227 33.25 -55.44 29.96
C THR D 227 32.22 -56.30 30.70
N LEU D 228 32.10 -57.55 30.28
CA LEU D 228 31.18 -58.49 30.92
C LEU D 228 31.92 -59.38 31.90
N PRO D 229 31.20 -59.86 32.95
CA PRO D 229 31.78 -60.86 33.84
C PRO D 229 32.06 -62.16 33.10
N LYS D 230 33.32 -62.58 33.08
CA LYS D 230 33.75 -63.76 32.32
C LYS D 230 32.97 -65.02 32.69
N GLU D 231 32.59 -65.13 33.95
CA GLU D 231 31.91 -66.33 34.45
C GLU D 231 30.51 -66.50 33.85
N LYS D 232 29.92 -65.41 33.38
CA LYS D 232 28.58 -65.47 32.80
C LYS D 232 28.61 -65.70 31.29
N THR D 233 29.80 -65.89 30.74
CA THR D 233 29.94 -66.13 29.31
C THR D 233 30.40 -67.55 29.02
N ARG D 234 30.26 -67.96 27.76
CA ARG D 234 30.64 -69.30 27.33
C ARG D 234 30.85 -69.32 25.82
N PHE D 235 32.06 -68.96 25.40
CA PHE D 235 32.38 -68.77 23.99
C PHE D 235 33.27 -69.90 23.46
N GLY D 236 32.97 -70.37 22.26
CA GLY D 236 33.75 -71.44 21.64
C GLY D 236 32.97 -72.74 21.51
N GLU D 237 33.71 -73.84 21.41
CA GLU D 237 33.10 -75.16 21.22
C GLU D 237 32.19 -75.55 22.38
N LYS D 238 32.45 -74.99 23.56
CA LYS D 238 31.63 -75.28 24.73
C LYS D 238 30.29 -74.58 24.66
N GLY D 239 30.28 -73.39 24.07
CA GLY D 239 29.07 -72.59 23.99
C GLY D 239 28.28 -72.80 22.71
N LYS D 240 28.56 -73.88 21.99
CA LYS D 240 27.83 -74.17 20.76
C LYS D 240 26.50 -74.86 21.03
N VAL D 241 25.41 -74.12 20.87
CA VAL D 241 24.07 -74.69 21.00
C VAL D 241 23.76 -75.63 19.82
N THR D 242 23.45 -76.88 20.14
CA THR D 242 23.11 -77.86 19.11
C THR D 242 21.65 -78.30 19.22
N LYS D 243 21.07 -78.19 20.42
CA LYS D 243 19.69 -78.61 20.63
C LYS D 243 18.91 -77.56 21.42
N VAL D 244 17.65 -77.38 21.05
CA VAL D 244 16.76 -76.48 21.79
C VAL D 244 15.40 -77.14 22.03
N ASN D 245 15.05 -77.33 23.30
CA ASN D 245 13.76 -77.88 23.68
C ASN D 245 12.90 -76.79 24.33
N ALA D 246 11.91 -76.30 23.58
CA ALA D 246 11.08 -75.19 24.04
C ALA D 246 9.99 -75.63 25.01
N ASN D 247 9.54 -76.87 24.86
CA ASN D 247 8.44 -77.38 25.67
C ASN D 247 8.79 -77.44 27.16
N ASN D 248 10.05 -77.72 27.46
CA ASN D 248 10.53 -77.74 28.83
C ASN D 248 11.63 -76.71 29.08
N LYS D 249 11.80 -75.79 28.14
CA LYS D 249 12.72 -74.66 28.28
C LYS D 249 14.15 -75.06 28.65
N THR D 250 14.77 -75.90 27.82
CA THR D 250 16.17 -76.27 28.05
C THR D 250 16.98 -76.23 26.76
N VAL D 251 18.28 -75.98 26.90
CA VAL D 251 19.17 -75.91 25.74
C VAL D 251 20.35 -76.87 25.90
N THR D 252 20.60 -77.71 24.89
CA THR D 252 21.71 -78.64 24.93
C THR D 252 22.87 -78.17 24.05
N LEU D 253 24.04 -78.05 24.67
CA LEU D 253 25.25 -77.54 24.00
C LEU D 253 26.02 -78.65 23.28
N GLN D 254 27.21 -78.33 22.80
CA GLN D 254 28.04 -79.29 22.06
C GLN D 254 28.58 -80.37 22.98
N ASP D 255 29.11 -79.96 24.13
CA ASP D 255 29.66 -80.90 25.09
C ASP D 255 28.58 -81.69 25.83
N GLY D 256 27.33 -81.30 25.62
CA GLY D 256 26.21 -82.00 26.23
C GLY D 256 25.58 -81.23 27.37
N THR D 257 26.25 -80.18 27.83
CA THR D 257 25.78 -79.39 28.95
C THR D 257 24.40 -78.79 28.69
N THR D 258 23.49 -78.94 29.65
CA THR D 258 22.13 -78.43 29.51
C THR D 258 21.90 -77.17 30.34
N ILE D 259 21.28 -76.17 29.72
CA ILE D 259 21.00 -74.90 30.40
C ILE D 259 19.50 -74.61 30.38
N GLY D 260 18.90 -74.52 31.56
CA GLY D 260 17.50 -74.20 31.66
C GLY D 260 17.26 -72.70 31.68
N TYR D 261 16.24 -72.25 30.97
CA TYR D 261 15.95 -70.82 30.91
C TYR D 261 14.48 -70.54 31.20
N LYS D 262 14.21 -69.34 31.71
CA LYS D 262 12.84 -68.88 31.90
C LYS D 262 12.45 -68.07 30.68
N LYS D 263 13.44 -67.36 30.14
CA LYS D 263 13.28 -66.59 28.91
C LYS D 263 14.48 -66.82 28.02
N LEU D 264 14.25 -66.94 26.72
CA LEU D 264 15.32 -67.15 25.76
C LEU D 264 15.47 -65.99 24.79
N VAL D 265 16.68 -65.47 24.67
CA VAL D 265 17.02 -64.48 23.64
C VAL D 265 17.96 -65.10 22.62
N SER D 266 17.41 -65.56 21.50
CA SER D 266 18.22 -66.16 20.43
C SER D 266 18.56 -65.17 19.32
N THR D 267 19.82 -65.14 18.91
CA THR D 267 20.26 -64.22 17.86
C THR D 267 20.80 -64.96 16.64
N MET D 268 20.81 -66.28 16.73
CA MET D 268 21.21 -67.12 15.60
C MET D 268 20.17 -67.01 14.49
N ALA D 269 20.51 -67.53 13.32
CA ALA D 269 19.58 -67.53 12.19
C ALA D 269 18.30 -68.29 12.55
N VAL D 270 17.16 -67.66 12.32
CA VAL D 270 15.87 -68.21 12.76
C VAL D 270 15.57 -69.58 12.17
N ASP D 271 16.05 -69.82 10.96
CA ASP D 271 15.89 -71.13 10.32
C ASP D 271 16.71 -72.19 11.06
N PHE D 272 17.92 -71.82 11.46
CA PHE D 272 18.77 -72.67 12.27
C PHE D 272 18.12 -72.93 13.63
N LEU D 273 17.38 -71.93 14.11
CA LEU D 273 16.67 -72.02 15.38
C LEU D 273 15.56 -73.05 15.29
N ALA D 274 14.77 -72.97 14.23
CA ALA D 274 13.69 -73.94 13.99
C ALA D 274 14.28 -75.34 13.83
N GLU D 275 15.41 -75.42 13.12
CA GLU D 275 16.12 -76.68 12.94
C GLU D 275 16.55 -77.25 14.29
N ALA D 276 16.93 -76.36 15.20
CA ALA D 276 17.37 -76.75 16.53
C ALA D 276 16.21 -77.22 17.39
N MET D 277 15.04 -76.64 17.16
CA MET D 277 13.84 -77.00 17.91
C MET D 277 13.19 -78.27 17.40
N ASN D 278 13.46 -78.62 16.14
CA ASN D 278 12.79 -79.71 15.44
C ASN D 278 11.27 -79.47 15.33
N ASP D 279 10.88 -78.19 15.37
CA ASP D 279 9.50 -77.80 15.16
C ASP D 279 9.23 -77.71 13.67
N GLN D 280 8.51 -78.70 13.14
CA GLN D 280 8.27 -78.79 11.71
C GLN D 280 7.46 -77.63 11.14
N GLU D 281 6.49 -77.15 11.92
CA GLU D 281 5.70 -75.99 11.53
C GLU D 281 6.60 -74.78 11.35
N LEU D 282 7.48 -74.57 12.32
CA LEU D 282 8.39 -73.43 12.30
C LEU D 282 9.46 -73.54 11.22
N VAL D 283 9.93 -74.75 10.95
CA VAL D 283 10.87 -74.98 9.86
C VAL D 283 10.22 -74.63 8.53
N GLY D 284 9.03 -75.19 8.31
CA GLY D 284 8.26 -74.92 7.10
C GLY D 284 7.96 -73.45 6.92
N LEU D 285 7.73 -72.75 8.02
CA LEU D 285 7.47 -71.31 7.98
C LEU D 285 8.73 -70.50 7.68
N THR D 286 9.85 -70.88 8.30
CA THR D 286 11.11 -70.16 8.13
C THR D 286 11.70 -70.35 6.74
N LYS D 287 11.45 -71.51 6.14
CA LYS D 287 11.98 -71.77 4.81
C LYS D 287 11.26 -70.96 3.72
N GLN D 288 10.21 -70.24 4.12
CA GLN D 288 9.52 -69.33 3.22
C GLN D 288 10.27 -68.00 3.14
N LEU D 289 11.18 -67.78 4.08
CA LEU D 289 12.03 -66.61 4.07
C LEU D 289 13.12 -66.77 3.02
N PHE D 290 13.69 -65.66 2.55
CA PHE D 290 14.73 -65.70 1.54
C PHE D 290 15.94 -64.88 1.95
N TYR D 291 17.13 -65.43 1.72
CA TYR D 291 18.37 -64.71 2.01
C TYR D 291 19.35 -64.80 0.86
N SER D 292 20.49 -64.14 1.00
CA SER D 292 21.51 -64.17 -0.03
C SER D 292 22.91 -64.27 0.59
N SER D 293 23.70 -65.21 0.08
CA SER D 293 25.05 -65.41 0.56
C SER D 293 25.94 -64.27 0.08
N THR D 294 26.91 -63.91 0.91
CA THR D 294 27.79 -62.79 0.59
C THR D 294 29.24 -63.24 0.47
N HIS D 295 29.87 -62.88 -0.64
CA HIS D 295 31.30 -63.10 -0.83
C HIS D 295 32.07 -61.84 -0.52
N VAL D 296 33.07 -61.95 0.35
CA VAL D 296 33.94 -60.83 0.67
C VAL D 296 35.34 -61.08 0.11
N ILE D 297 35.79 -60.15 -0.72
CA ILE D 297 37.08 -60.25 -1.38
C ILE D 297 38.02 -59.15 -0.88
N GLY D 298 39.26 -59.51 -0.59
CA GLY D 298 40.23 -58.52 -0.16
C GLY D 298 41.45 -58.49 -1.06
N VAL D 299 41.94 -57.28 -1.32
CA VAL D 299 43.13 -57.12 -2.16
C VAL D 299 44.13 -56.16 -1.52
N GLY D 300 45.26 -56.70 -1.10
CA GLY D 300 46.36 -55.90 -0.60
C GLY D 300 47.28 -55.57 -1.76
N VAL D 301 47.51 -54.29 -1.97
CA VAL D 301 48.28 -53.84 -3.13
C VAL D 301 49.41 -52.88 -2.73
N ARG D 302 50.59 -53.08 -3.32
CA ARG D 302 51.77 -52.27 -3.02
C ARG D 302 51.67 -50.88 -3.65
N GLY D 303 52.18 -49.88 -2.93
CA GLY D 303 52.25 -48.53 -3.46
C GLY D 303 51.49 -47.53 -2.61
N SER D 304 51.87 -46.25 -2.74
CA SER D 304 51.15 -45.18 -2.07
C SER D 304 49.74 -45.08 -2.65
N ARG D 305 48.81 -44.57 -1.86
CA ARG D 305 47.42 -44.40 -2.32
C ARG D 305 47.38 -43.47 -3.52
N PRO D 306 46.94 -44.00 -4.68
CA PRO D 306 46.91 -43.26 -5.95
C PRO D 306 46.07 -41.99 -5.89
N GLU D 307 46.35 -41.06 -6.79
CA GLU D 307 45.55 -39.84 -6.92
C GLU D 307 44.17 -40.19 -7.48
N ARG D 308 44.12 -41.28 -8.23
CA ARG D 308 42.90 -41.75 -8.86
C ARG D 308 41.88 -42.22 -7.82
N ILE D 309 42.39 -42.73 -6.72
CA ILE D 309 41.53 -43.20 -5.63
C ILE D 309 41.12 -42.04 -4.71
N GLY D 310 42.08 -41.20 -4.34
CA GLY D 310 41.83 -40.07 -3.46
C GLY D 310 41.34 -40.52 -2.09
N ASP D 311 40.49 -39.71 -1.47
CA ASP D 311 39.94 -40.07 -0.17
C ASP D 311 38.56 -40.71 -0.27
N LYS D 312 38.35 -41.47 -1.33
CA LYS D 312 37.10 -42.19 -1.51
C LYS D 312 36.94 -43.29 -0.46
N CYS D 313 35.72 -43.42 0.06
CA CYS D 313 35.44 -44.41 1.10
C CYS D 313 34.88 -45.70 0.50
N TRP D 314 33.68 -45.64 -0.04
CA TRP D 314 33.09 -46.79 -0.73
C TRP D 314 32.40 -46.40 -2.03
N LEU D 315 32.34 -47.35 -2.95
CA LEU D 315 31.87 -47.10 -4.31
C LEU D 315 30.90 -48.19 -4.78
N TYR D 316 29.86 -47.77 -5.51
CA TYR D 316 28.87 -48.71 -6.04
C TYR D 316 29.12 -48.97 -7.53
N PHE D 317 28.83 -50.18 -7.97
CA PHE D 317 29.10 -50.57 -9.36
C PHE D 317 27.88 -51.25 -9.96
N PRO D 318 27.05 -50.47 -10.67
CA PRO D 318 25.79 -50.97 -11.26
C PRO D 318 26.04 -51.78 -12.53
N GLU D 319 27.12 -51.44 -13.24
CA GLU D 319 27.42 -52.04 -14.54
C GLU D 319 27.87 -53.50 -14.45
N ASP D 320 28.06 -54.13 -15.61
CA ASP D 320 28.40 -55.56 -15.67
C ASP D 320 29.84 -55.81 -16.09
N ASN D 321 30.68 -54.79 -15.91
CA ASN D 321 32.11 -54.92 -16.20
C ASN D 321 32.85 -55.54 -15.02
N CYS D 322 32.09 -55.86 -13.98
CA CYS D 322 32.64 -56.47 -12.77
C CYS D 322 31.53 -57.26 -12.07
N PRO D 323 31.89 -58.24 -11.23
CA PRO D 323 30.88 -59.04 -10.53
C PRO D 323 30.46 -58.43 -9.19
N PHE D 324 31.25 -57.48 -8.67
CA PHE D 324 30.99 -56.90 -7.36
C PHE D 324 30.09 -55.66 -7.41
N TYR D 325 29.22 -55.53 -6.43
CA TYR D 325 28.31 -54.39 -6.35
C TYR D 325 28.89 -53.23 -5.55
N LYS D 326 29.87 -53.51 -4.72
CA LYS D 326 30.47 -52.46 -3.90
C LYS D 326 31.94 -52.72 -3.56
N ALA D 327 32.72 -51.66 -3.62
CA ALA D 327 34.13 -51.70 -3.23
C ALA D 327 34.36 -50.72 -2.08
N THR D 328 35.37 -51.01 -1.27
CA THR D 328 35.68 -50.17 -0.13
C THR D 328 37.18 -50.00 0.02
N ILE D 329 37.64 -48.76 -0.04
CA ILE D 329 39.03 -48.46 0.18
C ILE D 329 39.32 -48.55 1.67
N PHE D 330 39.51 -49.77 2.13
CA PHE D 330 39.67 -50.05 3.55
C PHE D 330 40.89 -49.38 4.16
N SER D 331 41.88 -49.09 3.33
CA SER D 331 43.11 -48.46 3.81
C SER D 331 42.87 -47.02 4.24
N ASN D 332 41.78 -46.43 3.75
CA ASN D 332 41.43 -45.06 4.09
C ASN D 332 40.87 -44.91 5.50
N TYR D 333 40.29 -45.99 6.02
CA TYR D 333 39.69 -45.99 7.35
C TYR D 333 40.74 -45.88 8.45
N SER D 334 41.75 -46.75 8.38
CA SER D 334 42.82 -46.75 9.38
C SER D 334 44.13 -47.25 8.79
N PRO D 335 45.24 -46.58 9.10
CA PRO D 335 46.57 -47.01 8.67
C PRO D 335 47.02 -48.32 9.33
N TYR D 336 46.15 -48.92 10.14
CA TYR D 336 46.49 -50.15 10.84
C TYR D 336 45.74 -51.36 10.30
N ASN D 337 45.01 -51.16 9.21
CA ASN D 337 44.33 -52.26 8.53
C ASN D 337 45.27 -52.98 7.58
N GLN D 338 46.36 -52.30 7.24
CA GLN D 338 47.37 -52.82 6.34
C GLN D 338 48.74 -52.68 7.01
N PRO D 339 49.71 -53.51 6.61
CA PRO D 339 51.06 -53.48 7.20
C PRO D 339 51.70 -52.10 7.11
N GLU D 340 52.69 -51.85 7.99
CA GLU D 340 53.42 -50.59 7.97
C GLU D 340 54.27 -50.50 6.70
N ALA D 341 54.69 -49.29 6.35
CA ALA D 341 55.48 -49.07 5.14
C ALA D 341 56.82 -49.83 5.16
N SER D 342 57.41 -49.94 6.35
CA SER D 342 58.70 -50.58 6.51
C SER D 342 58.64 -52.10 6.39
N LYS D 343 57.43 -52.65 6.28
CA LYS D 343 57.25 -54.09 6.16
C LYS D 343 57.60 -54.54 4.74
N LYS D 344 58.30 -55.68 4.65
CA LYS D 344 58.71 -56.20 3.35
C LYS D 344 57.89 -57.41 2.92
N LEU D 345 57.23 -57.29 1.77
CA LEU D 345 56.38 -58.35 1.25
C LEU D 345 56.65 -58.58 -0.23
N PRO D 346 56.57 -59.85 -0.66
CA PRO D 346 56.72 -60.18 -2.08
C PRO D 346 55.45 -59.84 -2.83
N THR D 347 55.52 -59.83 -4.17
CA THR D 347 54.33 -59.54 -4.97
C THR D 347 53.77 -60.85 -5.49
N MET D 348 52.53 -61.13 -5.13
CA MET D 348 51.90 -62.38 -5.54
C MET D 348 51.65 -62.42 -7.04
N GLN D 349 51.14 -61.32 -7.58
CA GLN D 349 50.82 -61.23 -9.00
C GLN D 349 50.65 -59.79 -9.43
N LEU D 350 50.65 -59.56 -10.74
CA LEU D 350 50.28 -58.26 -11.27
C LEU D 350 48.77 -58.20 -11.44
N ALA D 351 48.23 -56.99 -11.49
CA ALA D 351 46.78 -56.80 -11.52
C ALA D 351 46.13 -57.36 -12.78
N ASP D 352 46.93 -57.66 -13.80
CA ASP D 352 46.40 -58.26 -15.02
C ASP D 352 46.42 -59.79 -14.96
N GLY D 353 46.98 -60.31 -13.87
CA GLY D 353 47.00 -61.75 -13.67
C GLY D 353 48.25 -62.44 -14.18
N SER D 354 49.39 -61.77 -14.05
CA SER D 354 50.66 -62.34 -14.48
C SER D 354 51.66 -62.35 -13.34
N ARG D 355 52.81 -62.95 -13.56
CA ARG D 355 53.87 -62.97 -12.55
C ARG D 355 54.50 -61.60 -12.42
N PRO D 356 54.99 -61.27 -11.22
CA PRO D 356 55.68 -59.98 -11.03
C PRO D 356 57.04 -60.00 -11.70
N GLN D 357 57.63 -58.83 -11.91
CA GLN D 357 58.95 -58.75 -12.51
C GLN D 357 60.01 -59.11 -11.47
N SER D 358 59.59 -59.17 -10.22
CA SER D 358 60.51 -59.43 -9.12
C SER D 358 59.81 -60.11 -7.94
N THR D 359 60.26 -61.31 -7.61
CA THR D 359 59.66 -62.06 -6.50
C THR D 359 60.43 -61.87 -5.21
N GLU D 360 61.04 -60.70 -5.05
CA GLU D 360 61.76 -60.37 -3.83
C GLU D 360 60.92 -59.46 -2.96
N ALA D 361 61.09 -59.57 -1.64
CA ALA D 361 60.29 -58.80 -0.70
C ALA D 361 60.78 -57.36 -0.60
N LYS D 362 60.04 -56.45 -1.22
CA LYS D 362 60.34 -55.03 -1.17
C LYS D 362 59.45 -54.38 -0.12
N GLU D 363 59.66 -53.08 0.11
CA GLU D 363 58.89 -52.36 1.11
C GLU D 363 57.54 -51.89 0.59
N GLY D 364 56.90 -51.01 1.37
CA GLY D 364 55.65 -50.41 0.99
C GLY D 364 55.83 -48.97 0.54
N PRO D 365 54.87 -48.09 0.89
CA PRO D 365 53.65 -48.37 1.67
C PRO D 365 52.61 -49.16 0.88
N TYR D 366 51.51 -49.50 1.55
CA TYR D 366 50.47 -50.32 0.93
C TYR D 366 49.11 -49.64 1.01
N TRP D 367 48.14 -50.22 0.30
CA TRP D 367 46.74 -49.83 0.44
C TRP D 367 45.85 -51.05 0.19
N SER D 368 44.58 -50.96 0.60
CA SER D 368 43.71 -52.13 0.62
C SER D 368 42.33 -51.87 0.00
N ILE D 369 41.77 -52.90 -0.62
CA ILE D 369 40.47 -52.81 -1.28
C ILE D 369 39.61 -54.01 -0.88
N MET D 370 38.34 -53.74 -0.57
CA MET D 370 37.42 -54.81 -0.17
C MET D 370 36.13 -54.82 -0.98
N LEU D 371 35.93 -55.88 -1.75
CA LEU D 371 34.79 -56.01 -2.63
C LEU D 371 33.72 -56.93 -2.06
N GLU D 372 32.46 -56.66 -2.40
CA GLU D 372 31.35 -57.53 -2.01
C GLU D 372 30.65 -58.09 -3.25
N VAL D 373 30.42 -59.41 -3.25
CA VAL D 373 29.75 -60.07 -4.37
C VAL D 373 28.59 -60.94 -3.87
N SER D 374 27.37 -60.61 -4.28
CA SER D 374 26.18 -61.32 -3.82
C SER D 374 26.01 -62.68 -4.50
N GLU D 375 25.28 -63.58 -3.84
CA GLU D 375 24.97 -64.89 -4.40
C GLU D 375 23.60 -65.38 -3.94
N SER D 376 22.84 -65.99 -4.86
CA SER D 376 21.60 -66.66 -4.50
C SER D 376 21.36 -67.82 -5.44
N SER D 377 20.11 -68.24 -5.56
CA SER D 377 19.75 -69.26 -6.53
C SER D 377 19.37 -68.61 -7.85
N MET D 378 19.23 -67.29 -7.82
CA MET D 378 18.91 -66.53 -9.02
C MET D 378 20.16 -65.82 -9.54
N LYS D 379 21.23 -65.90 -8.76
CA LYS D 379 22.49 -65.25 -9.10
C LYS D 379 23.67 -66.09 -8.60
N PRO D 380 23.93 -67.23 -9.26
CA PRO D 380 25.00 -68.12 -8.80
C PRO D 380 26.39 -67.57 -9.11
N VAL D 381 27.36 -67.84 -8.25
CA VAL D 381 28.74 -67.42 -8.50
C VAL D 381 29.68 -68.62 -8.55
N ASN D 382 30.85 -68.42 -9.15
CA ASN D 382 31.85 -69.48 -9.22
C ASN D 382 33.02 -69.18 -8.29
N GLN D 383 33.13 -69.94 -7.20
CA GLN D 383 34.10 -69.65 -6.16
C GLN D 383 35.57 -69.67 -6.62
N GLU D 384 35.90 -70.61 -7.49
CA GLU D 384 37.28 -70.76 -7.95
C GLU D 384 37.73 -69.61 -8.84
N THR D 385 36.79 -68.95 -9.50
CA THR D 385 37.13 -67.85 -10.40
C THR D 385 36.87 -66.48 -9.80
N ILE D 386 35.99 -66.42 -8.79
CA ILE D 386 35.47 -65.15 -8.28
C ILE D 386 36.54 -64.13 -7.87
N LEU D 387 37.67 -64.60 -7.36
CA LEU D 387 38.76 -63.72 -6.97
C LEU D 387 39.40 -63.07 -8.20
N ALA D 388 39.78 -63.92 -9.16
CA ALA D 388 40.39 -63.45 -10.40
C ALA D 388 39.45 -62.53 -11.18
N ASP D 389 38.16 -62.85 -11.15
CA ASP D 389 37.13 -62.05 -11.79
C ASP D 389 36.96 -60.72 -11.08
N CYS D 390 37.15 -60.72 -9.76
CA CYS D 390 37.06 -59.50 -8.99
C CYS D 390 38.22 -58.57 -9.31
N ILE D 391 39.43 -59.14 -9.40
CA ILE D 391 40.61 -58.38 -9.76
C ILE D 391 40.51 -57.83 -11.18
N GLN D 392 39.99 -58.67 -12.07
CA GLN D 392 39.76 -58.29 -13.47
C GLN D 392 38.78 -57.13 -13.54
N GLY D 393 37.76 -57.18 -12.69
CA GLY D 393 36.79 -56.10 -12.60
C GLY D 393 37.41 -54.83 -12.07
N LEU D 394 38.37 -55.00 -11.15
CA LEU D 394 39.14 -53.88 -10.64
C LEU D 394 39.97 -53.24 -11.75
N VAL D 395 40.42 -54.05 -12.69
CA VAL D 395 41.12 -53.52 -13.86
C VAL D 395 40.16 -52.77 -14.77
N ASN D 396 39.03 -53.40 -15.09
CA ASN D 396 38.05 -52.83 -16.02
C ASN D 396 37.43 -51.54 -15.51
N THR D 397 37.32 -51.41 -14.19
CA THR D 397 36.73 -50.22 -13.59
C THR D 397 37.78 -49.14 -13.34
N GLU D 398 38.99 -49.38 -13.83
CA GLU D 398 40.13 -48.49 -13.64
C GLU D 398 40.40 -48.19 -12.16
N MET D 399 40.26 -49.22 -11.33
CA MET D 399 40.63 -49.12 -9.93
C MET D 399 42.09 -49.51 -9.80
N LEU D 400 42.47 -50.54 -10.54
CA LEU D 400 43.85 -51.01 -10.59
C LEU D 400 44.35 -50.98 -12.03
N LYS D 401 45.51 -50.36 -12.22
CA LYS D 401 46.22 -50.45 -13.49
C LYS D 401 46.75 -51.88 -13.59
N PRO D 402 46.86 -52.42 -14.81
CA PRO D 402 47.30 -53.80 -14.97
C PRO D 402 48.74 -54.01 -14.50
N THR D 403 49.44 -52.92 -14.21
CA THR D 403 50.82 -52.98 -13.75
C THR D 403 50.90 -53.04 -12.22
N ASP D 404 49.79 -52.75 -11.56
CA ASP D 404 49.74 -52.73 -10.11
C ASP D 404 50.13 -54.06 -9.46
N GLU D 405 50.94 -53.98 -8.42
CA GLU D 405 51.42 -55.18 -7.74
C GLU D 405 50.48 -55.60 -6.61
N ILE D 406 49.91 -56.80 -6.73
CA ILE D 406 49.07 -57.35 -5.68
C ILE D 406 49.92 -58.04 -4.60
N VAL D 407 49.77 -57.59 -3.37
CA VAL D 407 50.55 -58.09 -2.24
C VAL D 407 49.83 -59.23 -1.52
N SER D 408 48.53 -59.09 -1.34
CA SER D 408 47.76 -60.13 -0.66
C SER D 408 46.35 -60.33 -1.22
N THR D 409 45.79 -61.52 -0.97
CA THR D 409 44.44 -61.85 -1.42
C THR D 409 43.60 -62.52 -0.32
N TYR D 410 42.38 -62.02 -0.15
CA TYR D 410 41.44 -62.56 0.83
C TYR D 410 40.15 -62.96 0.14
N HIS D 411 39.50 -63.99 0.67
CA HIS D 411 38.22 -64.43 0.12
C HIS D 411 37.45 -65.28 1.11
N ARG D 412 36.27 -64.82 1.51
CA ARG D 412 35.45 -65.60 2.44
C ARG D 412 33.98 -65.54 2.06
N ARG D 413 33.31 -66.69 2.14
CA ARG D 413 31.90 -66.77 1.81
C ARG D 413 31.04 -66.88 3.06
N PHE D 414 30.02 -66.04 3.13
CA PHE D 414 29.09 -66.05 4.25
C PHE D 414 27.72 -66.49 3.77
N ASP D 415 27.31 -67.70 4.17
CA ASP D 415 26.06 -68.29 3.71
C ASP D 415 24.86 -67.38 3.96
N HIS D 416 24.78 -66.81 5.15
CA HIS D 416 23.72 -65.84 5.47
C HIS D 416 24.29 -64.43 5.45
N GLY D 417 24.16 -63.76 4.31
CA GLY D 417 24.68 -62.41 4.16
C GLY D 417 23.63 -61.33 4.33
N TYR D 418 22.59 -61.40 3.51
CA TYR D 418 21.53 -60.39 3.54
C TYR D 418 20.18 -61.05 3.78
N PRO D 419 19.38 -60.47 4.69
CA PRO D 419 17.98 -60.87 4.87
C PRO D 419 17.11 -60.20 3.82
N THR D 420 16.87 -60.90 2.71
CA THR D 420 16.16 -60.32 1.57
C THR D 420 14.73 -59.92 1.90
N PRO D 421 14.42 -58.62 1.77
CA PRO D 421 13.08 -58.07 2.02
C PRO D 421 12.11 -58.37 0.88
N THR D 422 11.79 -59.65 0.69
CA THR D 422 10.88 -60.03 -0.39
C THR D 422 9.44 -59.64 -0.08
N LEU D 423 8.52 -60.07 -0.95
CA LEU D 423 7.10 -59.74 -0.77
C LEU D 423 6.45 -60.71 0.22
N GLU D 424 7.06 -61.87 0.38
CA GLU D 424 6.51 -62.90 1.25
C GLU D 424 7.07 -62.80 2.68
N ARG D 425 8.04 -61.90 2.86
CA ARG D 425 8.78 -61.79 4.12
C ARG D 425 7.88 -61.53 5.32
N GLU D 426 7.13 -60.44 5.29
CA GLU D 426 6.22 -60.11 6.38
C GLU D 426 5.20 -61.21 6.62
N GLY D 427 4.76 -61.84 5.53
CA GLY D 427 3.82 -62.94 5.61
C GLY D 427 4.39 -64.08 6.44
N ALA D 428 5.68 -64.33 6.28
CA ALA D 428 6.36 -65.35 7.08
C ALA D 428 6.63 -64.90 8.51
N LEU D 429 7.15 -63.68 8.67
CA LEU D 429 7.58 -63.16 9.96
C LEU D 429 6.45 -62.93 10.95
N THR D 430 5.33 -62.39 10.47
CA THR D 430 4.19 -62.13 11.35
C THR D 430 3.58 -63.41 11.91
N GLN D 431 4.02 -64.55 11.39
CA GLN D 431 3.68 -65.85 11.95
C GLN D 431 4.82 -66.37 12.82
N ILE D 432 6.03 -66.37 12.26
CA ILE D 432 7.21 -66.93 12.92
C ILE D 432 7.53 -66.27 14.27
N LEU D 433 7.64 -64.94 14.26
CA LEU D 433 8.02 -64.20 15.47
C LEU D 433 7.04 -64.31 16.66
N PRO D 434 5.73 -64.13 16.42
CA PRO D 434 4.79 -64.25 17.55
C PRO D 434 4.71 -65.67 18.10
N LYS D 435 4.79 -66.67 17.24
CA LYS D 435 4.74 -68.06 17.68
C LYS D 435 5.97 -68.47 18.48
N LEU D 436 7.09 -67.78 18.26
CA LEU D 436 8.28 -68.01 19.07
C LEU D 436 8.12 -67.38 20.45
N GLN D 437 7.55 -66.18 20.47
CA GLN D 437 7.40 -65.42 21.70
C GLN D 437 6.34 -66.05 22.62
N ASP D 438 5.48 -66.88 22.04
CA ASP D 438 4.50 -67.63 22.84
C ASP D 438 5.17 -68.79 23.57
N LYS D 439 6.35 -69.19 23.09
CA LYS D 439 7.15 -70.20 23.78
C LYS D 439 8.23 -69.49 24.58
N ASP D 440 7.97 -68.21 24.89
CA ASP D 440 8.92 -67.35 25.59
C ASP D 440 10.29 -67.28 24.91
N ILE D 441 10.27 -67.03 23.61
CA ILE D 441 11.52 -66.94 22.85
C ILE D 441 11.58 -65.66 22.02
N TRP D 442 12.64 -64.89 22.28
CA TRP D 442 12.86 -63.63 21.58
C TRP D 442 13.94 -63.79 20.53
N SER D 443 13.53 -64.13 19.31
CA SER D 443 14.46 -64.24 18.20
C SER D 443 14.70 -62.87 17.57
N ARG D 444 15.89 -62.33 17.79
CA ARG D 444 16.23 -61.00 17.30
C ARG D 444 17.55 -61.02 16.52
N GLY D 445 17.73 -60.05 15.62
CA GLY D 445 18.98 -59.92 14.90
C GLY D 445 18.82 -59.85 13.40
N ARG D 446 19.95 -59.73 12.70
CA ARG D 446 19.94 -59.63 11.24
C ARG D 446 19.33 -60.88 10.60
N PHE D 447 19.43 -62.00 11.29
CA PHE D 447 18.82 -63.24 10.82
C PHE D 447 17.99 -63.90 11.91
N GLY D 448 18.05 -63.33 13.11
CA GLY D 448 17.18 -63.73 14.20
C GLY D 448 15.79 -63.18 13.94
N SER D 449 15.73 -61.90 13.58
CA SER D 449 14.47 -61.24 13.28
C SER D 449 14.32 -60.90 11.80
N TRP D 450 15.41 -61.05 11.05
CA TRP D 450 15.38 -61.07 9.58
C TRP D 450 14.94 -59.77 8.90
N ARG D 451 15.09 -58.63 9.57
CA ARG D 451 14.64 -57.38 8.96
C ARG D 451 15.76 -56.39 8.62
N TYR D 452 16.12 -56.36 7.34
CA TYR D 452 17.18 -55.50 6.83
C TYR D 452 17.02 -54.04 7.23
N GLU D 453 15.79 -53.54 7.20
CA GLU D 453 15.46 -52.17 7.60
C GLU D 453 16.23 -51.78 8.85
N VAL D 454 16.34 -52.75 9.75
CA VAL D 454 16.87 -52.53 11.07
C VAL D 454 17.90 -53.64 11.36
N GLY D 455 18.69 -53.97 10.34
CA GLY D 455 19.67 -55.03 10.46
C GLY D 455 21.12 -54.56 10.53
N ASN D 456 21.32 -53.29 10.86
CA ASN D 456 22.66 -52.74 11.05
C ASN D 456 23.21 -53.11 12.43
N GLN D 457 24.43 -52.66 12.74
CA GLN D 457 25.07 -53.06 13.99
C GLN D 457 24.35 -52.48 15.20
N ASP D 458 24.17 -51.16 15.18
CA ASP D 458 23.45 -50.47 16.25
C ASP D 458 22.01 -50.98 16.37
N HIS D 459 21.37 -51.17 15.22
CA HIS D 459 20.02 -51.70 15.15
C HIS D 459 19.90 -53.07 15.83
N SER D 460 20.89 -53.92 15.59
CA SER D 460 20.91 -55.26 16.15
C SER D 460 21.16 -55.23 17.65
N PHE D 461 22.17 -54.45 18.03
CA PHE D 461 22.53 -54.22 19.43
C PHE D 461 21.30 -53.82 20.22
N MET D 462 20.54 -52.88 19.66
CA MET D 462 19.32 -52.41 20.30
C MET D 462 18.16 -53.38 20.15
N LEU D 463 18.25 -54.31 19.21
CA LEU D 463 17.25 -55.38 19.12
C LEU D 463 17.38 -56.29 20.33
N GLY D 464 18.61 -56.68 20.64
CA GLY D 464 18.86 -57.44 21.85
C GLY D 464 18.51 -56.63 23.08
N VAL D 465 19.01 -55.40 23.14
CA VAL D 465 18.80 -54.51 24.29
C VAL D 465 17.33 -54.34 24.59
N GLU D 466 16.54 -54.02 23.58
CA GLU D 466 15.11 -53.83 23.75
C GLU D 466 14.37 -55.14 24.01
N ALA D 467 14.87 -56.26 23.48
CA ALA D 467 14.27 -57.55 23.80
C ALA D 467 14.36 -57.79 25.30
N VAL D 468 15.58 -57.64 25.84
CA VAL D 468 15.79 -57.79 27.27
C VAL D 468 14.98 -56.78 28.08
N ASP D 469 14.99 -55.52 27.65
CA ASP D 469 14.27 -54.47 28.35
C ASP D 469 12.76 -54.73 28.32
N ASN D 470 12.32 -55.53 27.36
CA ASN D 470 10.92 -55.93 27.28
C ASN D 470 10.65 -57.08 28.22
N ILE D 471 11.63 -57.99 28.31
CA ILE D 471 11.53 -59.13 29.19
C ILE D 471 11.48 -58.69 30.66
N VAL D 472 12.23 -57.63 30.97
CA VAL D 472 12.37 -57.16 32.35
C VAL D 472 11.45 -56.00 32.72
N ASN D 473 11.46 -54.95 31.92
CA ASN D 473 10.77 -53.72 32.27
C ASN D 473 9.47 -53.46 31.51
N GLY D 474 9.07 -54.44 30.70
CA GLY D 474 7.88 -54.32 29.89
C GLY D 474 7.96 -53.20 28.86
N ALA D 475 9.17 -52.89 28.42
CA ALA D 475 9.37 -51.85 27.41
C ALA D 475 8.90 -52.34 26.05
N VAL D 476 8.43 -51.42 25.22
CA VAL D 476 8.01 -51.78 23.86
C VAL D 476 9.20 -51.85 22.91
N GLU D 477 9.30 -52.95 22.18
CA GLU D 477 10.38 -53.15 21.22
C GLU D 477 10.15 -52.32 19.96
N LEU D 478 10.50 -51.04 20.02
CA LEU D 478 10.29 -50.10 18.92
C LEU D 478 11.18 -50.38 17.73
N THR D 479 12.38 -50.88 18.04
CA THR D 479 13.40 -51.16 17.04
C THR D 479 12.96 -52.30 16.12
N LEU D 480 12.20 -53.25 16.67
CA LEU D 480 11.75 -54.42 15.91
C LEU D 480 10.49 -54.16 15.09
N ASN D 481 9.52 -53.49 15.70
CA ASN D 481 8.21 -53.31 15.08
C ASN D 481 7.99 -51.98 14.38
N TYR D 482 8.88 -51.01 14.63
CA TYR D 482 8.72 -49.68 14.06
C TYR D 482 10.02 -49.07 13.54
N PRO D 483 10.55 -49.64 12.45
CA PRO D 483 11.81 -49.17 11.86
C PRO D 483 11.78 -47.69 11.48
N ASP D 484 10.68 -47.23 10.90
CA ASP D 484 10.54 -45.82 10.54
C ASP D 484 10.61 -44.93 11.78
N PHE D 485 9.99 -45.40 12.85
CA PHE D 485 9.95 -44.66 14.11
C PHE D 485 11.36 -44.51 14.67
N VAL D 486 12.06 -45.62 14.81
CA VAL D 486 13.40 -45.57 15.39
C VAL D 486 14.42 -44.87 14.49
N ASN D 487 14.38 -45.15 13.19
CA ASN D 487 15.32 -44.56 12.24
C ASN D 487 15.08 -43.08 11.99
N GLY D 488 13.85 -42.62 12.19
CA GLY D 488 13.51 -41.24 11.92
C GLY D 488 13.72 -40.28 13.09
N ARG D 489 14.26 -40.78 14.20
CA ARG D 489 14.38 -39.97 15.41
C ARG D 489 15.74 -40.13 16.08
N GLN D 490 15.98 -39.33 17.11
CA GLN D 490 17.17 -39.46 17.94
C GLN D 490 16.81 -40.12 19.26
N ASN D 491 17.17 -41.38 19.40
CA ASN D 491 16.87 -42.15 20.60
C ASN D 491 17.83 -41.81 21.74
N THR D 492 17.41 -40.88 22.60
CA THR D 492 18.27 -40.36 23.65
C THR D 492 17.89 -40.79 25.07
N GLU D 493 16.75 -41.46 25.20
CA GLU D 493 16.20 -41.82 26.50
C GLU D 493 17.02 -42.90 27.23
N ARG D 494 17.20 -44.04 26.58
CA ARG D 494 17.87 -45.18 27.19
C ARG D 494 19.40 -45.01 27.20
N ARG D 495 19.98 -45.06 28.40
CA ARG D 495 21.42 -44.86 28.59
C ARG D 495 22.06 -46.07 29.27
N LEU D 496 23.39 -46.16 29.19
CA LEU D 496 24.14 -47.24 29.83
C LEU D 496 24.05 -47.14 31.36
N VAL D 497 23.92 -45.91 31.86
CA VAL D 497 23.65 -45.66 33.26
C VAL D 497 22.30 -44.98 33.37
N ASP D 498 21.34 -45.68 33.98
CA ASP D 498 19.99 -45.16 34.11
C ASP D 498 19.68 -44.72 35.54
N GLY D 499 18.51 -44.13 35.72
CA GLY D 499 18.06 -43.67 37.02
C GLY D 499 18.06 -44.76 38.07
N ALA D 500 17.75 -45.99 37.66
CA ALA D 500 17.79 -47.13 38.57
C ALA D 500 19.20 -47.31 39.13
N GLN D 501 20.19 -47.29 38.23
CA GLN D 501 21.59 -47.43 38.61
C GLN D 501 22.03 -46.32 39.54
N VAL D 502 21.73 -45.08 39.16
CA VAL D 502 22.11 -43.92 39.97
C VAL D 502 21.53 -43.97 41.37
N PHE D 503 20.23 -44.24 41.45
CA PHE D 503 19.51 -44.23 42.73
C PHE D 503 19.94 -45.39 43.60
N ALA D 504 20.19 -46.54 42.98
CA ALA D 504 20.65 -47.71 43.71
C ALA D 504 22.05 -47.47 44.26
N LYS D 505 22.89 -46.81 43.47
CA LYS D 505 24.23 -46.45 43.89
C LYS D 505 24.19 -45.50 45.09
N SER D 506 23.37 -44.45 44.97
CA SER D 506 23.24 -43.47 46.03
C SER D 506 22.57 -44.07 47.28
N LYS D 507 21.82 -45.15 47.09
CA LYS D 507 21.16 -45.84 48.20
C LYS D 507 22.16 -46.73 48.92
N ALA D 508 23.07 -47.33 48.16
CA ALA D 508 24.15 -48.13 48.73
C ALA D 508 25.26 -47.22 49.26
N GLN D 509 25.10 -45.92 49.05
CA GLN D 509 26.04 -44.94 49.57
C GLN D 509 25.65 -44.53 51.00
N LEU D 510 24.44 -44.91 51.39
CA LEU D 510 23.92 -44.58 52.73
C LEU D 510 23.30 -45.82 53.37
#